data_2FJA
#
_entry.id   2FJA
#
_cell.length_a   72.600
_cell.length_b   113.500
_cell.length_c   193.900
_cell.angle_alpha   90.00
_cell.angle_beta   90.00
_cell.angle_gamma   90.00
#
_symmetry.space_group_name_H-M   'P 21 21 21'
#
loop_
_entity.id
_entity.type
_entity.pdbx_description
1 polymer 'adenylylsulfate reductase, subunit A'
2 polymer 'adenylylsulfate reductase, subunit B'
3 non-polymer 'FLAVIN-ADENINE DINUCLEOTIDE'
4 non-polymer "ADENOSINE-5'-PHOSPHOSULFATE"
5 non-polymer 'IRON/SULFUR CLUSTER'
6 water water
#
loop_
_entity_poly.entity_id
_entity_poly.type
_entity_poly.pdbx_seq_one_letter_code
_entity_poly.pdbx_strand_id
1 'polypeptide(L)'
;MVYYPKKYELYKADEVPTEVVETDILIIGGGFSGCGAAYEAAYWAKLGGLKVTLVEKAAVERSGAVAQGLSAINTYIDLT
GRSERQNTLEDYVRYVTLDMMGLAREDLVADYARHVDGTVHLFEKWGLPIWKTPDGKYVREGQWQIMIHGESYKPIIAEA
AKMAVGEENIYERVFIFELLKDKNDPNAVAGAVGFSVREPKFYVFKAKAVILATGGATLLFRPRSTGEAAGRTWYAIFDT
GSGYYMGLKAGAMLTQFEHRFIPFRFKDGYGPVGAWFLFFKCKAKNAYGEEYIKTRAAELEKYKPYGAAQPIPTPLRNHQ
VMLEIMDGNQPIYMHTEEALAELAGGDKKKLKHIYEEAFEDFLDMTVSQALLWACQNIDPQEQPSEAAPAEPYIMGSHSG
EAGFWVCGPEDLMPEEYAKLFPLKYNRMTTVKGLFAIGDCAGANPHKFSSGSFTEGRIAAKAAVRFILEQKPNPEIDDAV
VEELKKKAYAPMERFMQYKDLSTADDVNPEYILPWQGLVRLQKIMDEYAAGIATIYKTNEKMLQRALELLAFLKEDLEKL
AARDLHELMRAWELVHRVWTAEAHVRHMLFRKETRWPGYYYRTDYPELNDEEWKCFVCSKYDAEKDEWTFEKVPYVQVIE
WSF
;
A,C
2 'polypeptide(L)'
;MPSFVNPEKCDGCKALERTACEYICPNDLMTLDKEKMKAYNREPDMCWECYSCVKMCPQGAIDVRGYVDYSPLGGACVPM
RGTSDIMWTVKYRNGKVLRFKFAIRTTPWGSIQPFEGFPEPTEEALKSELLAGEPEIIGTSEFPQVKKKA
;
B,D
#
# COMPACT_ATOMS: atom_id res chain seq x y z
N VAL A 2 10.05 0.62 -5.69
CA VAL A 2 11.32 -0.11 -5.44
C VAL A 2 12.20 0.00 -6.69
N TYR A 3 13.50 0.16 -6.49
CA TYR A 3 14.42 0.27 -7.61
C TYR A 3 15.64 -0.64 -7.44
N TYR A 4 15.92 -1.44 -8.46
CA TYR A 4 17.07 -2.33 -8.42
C TYR A 4 17.94 -2.07 -9.65
N PRO A 5 18.93 -1.18 -9.52
CA PRO A 5 19.81 -0.86 -10.64
C PRO A 5 20.58 -2.07 -11.14
N LYS A 6 20.75 -2.14 -12.45
CA LYS A 6 21.45 -3.25 -13.08
C LYS A 6 22.93 -3.18 -12.70
N LYS A 7 23.49 -1.96 -12.71
CA LYS A 7 24.88 -1.75 -12.36
C LYS A 7 25.10 -0.38 -11.74
N TYR A 8 26.18 -0.25 -10.98
CA TYR A 8 26.53 0.99 -10.30
C TYR A 8 26.98 2.09 -11.25
N GLU A 9 26.78 3.33 -10.82
CA GLU A 9 27.17 4.52 -11.57
C GLU A 9 27.44 5.54 -10.48
N LEU A 10 28.57 5.36 -9.81
CA LEU A 10 28.95 6.22 -8.70
C LEU A 10 30.04 7.24 -9.00
N TYR A 11 29.87 8.44 -8.43
CA TYR A 11 30.83 9.52 -8.61
C TYR A 11 30.96 10.29 -7.30
N LYS A 12 32.16 10.77 -7.02
CA LYS A 12 32.40 11.56 -5.82
C LYS A 12 32.34 13.01 -6.28
N ALA A 13 31.77 13.89 -5.46
CA ALA A 13 31.64 15.30 -5.81
C ALA A 13 32.89 15.89 -6.47
N ASP A 14 34.05 15.71 -5.83
CA ASP A 14 35.29 16.27 -6.35
C ASP A 14 35.73 15.70 -7.69
N GLU A 15 35.16 14.57 -8.10
CA GLU A 15 35.52 13.96 -9.38
C GLU A 15 34.62 14.46 -10.49
N VAL A 16 33.53 15.14 -10.11
CA VAL A 16 32.57 15.66 -11.07
C VAL A 16 32.90 17.05 -11.59
N PRO A 17 32.93 17.21 -12.94
CA PRO A 17 33.23 18.50 -13.55
C PRO A 17 32.05 19.44 -13.44
N THR A 18 32.34 20.72 -13.27
CA THR A 18 31.29 21.74 -13.18
C THR A 18 31.16 22.50 -14.49
N GLU A 19 29.92 22.73 -14.91
CA GLU A 19 29.66 23.49 -16.12
C GLU A 19 28.88 24.73 -15.68
N VAL A 20 29.44 25.90 -15.92
CA VAL A 20 28.79 27.14 -15.54
C VAL A 20 28.03 27.72 -16.73
N VAL A 21 26.78 28.09 -16.49
CA VAL A 21 25.95 28.66 -17.54
C VAL A 21 25.44 30.03 -17.11
N GLU A 22 25.81 31.05 -17.86
CA GLU A 22 25.37 32.40 -17.56
C GLU A 22 24.25 32.78 -18.52
N THR A 23 23.17 33.30 -17.95
CA THR A 23 21.99 33.69 -18.73
C THR A 23 21.31 34.83 -17.99
N ASP A 24 20.23 35.35 -18.54
CA ASP A 24 19.51 36.44 -17.89
C ASP A 24 18.24 35.91 -17.25
N ILE A 25 17.47 35.16 -18.03
CA ILE A 25 16.23 34.55 -17.54
C ILE A 25 16.35 33.04 -17.59
N LEU A 26 16.23 32.40 -16.43
CA LEU A 26 16.31 30.95 -16.35
C LEU A 26 14.94 30.37 -16.02
N ILE A 27 14.46 29.50 -16.90
CA ILE A 27 13.17 28.84 -16.73
C ILE A 27 13.43 27.41 -16.26
N ILE A 28 12.98 27.08 -15.06
CA ILE A 28 13.17 25.74 -14.52
C ILE A 28 11.90 24.91 -14.71
N GLY A 29 11.94 24.01 -15.69
CA GLY A 29 10.77 23.18 -15.98
C GLY A 29 10.27 23.47 -17.38
N GLY A 30 10.38 22.48 -18.27
CA GLY A 30 9.94 22.66 -19.64
C GLY A 30 8.59 22.02 -19.95
N GLY A 31 7.64 22.16 -19.03
CA GLY A 31 6.32 21.61 -19.25
C GLY A 31 5.50 22.67 -19.95
N PHE A 32 4.19 22.73 -19.67
CA PHE A 32 3.36 23.73 -20.33
C PHE A 32 3.62 25.17 -19.89
N SER A 33 3.71 25.40 -18.59
CA SER A 33 3.95 26.76 -18.12
C SER A 33 5.35 27.19 -18.55
N GLY A 34 6.31 26.28 -18.44
CA GLY A 34 7.67 26.58 -18.82
C GLY A 34 7.83 26.94 -20.29
N CYS A 35 7.19 26.16 -21.17
CA CYS A 35 7.26 26.44 -22.60
C CYS A 35 6.56 27.76 -22.91
N GLY A 36 5.53 28.07 -22.13
CA GLY A 36 4.81 29.32 -22.32
C GLY A 36 5.75 30.47 -21.98
N ALA A 37 6.56 30.30 -20.95
CA ALA A 37 7.50 31.34 -20.55
C ALA A 37 8.62 31.46 -21.58
N ALA A 38 9.13 30.32 -22.07
CA ALA A 38 10.21 30.35 -23.05
C ALA A 38 9.77 31.07 -24.32
N TYR A 39 8.55 30.78 -24.76
CA TYR A 39 7.97 31.37 -25.96
C TYR A 39 7.87 32.89 -25.84
N GLU A 40 7.20 33.36 -24.80
CA GLU A 40 7.01 34.78 -24.58
C GLU A 40 8.31 35.51 -24.27
N ALA A 41 9.15 34.89 -23.43
CA ALA A 41 10.42 35.53 -23.09
C ALA A 41 11.25 35.84 -24.34
N ALA A 42 11.28 34.89 -25.27
CA ALA A 42 12.03 35.04 -26.51
C ALA A 42 11.60 36.27 -27.30
N TYR A 43 10.31 36.59 -27.24
CA TYR A 43 9.77 37.74 -27.94
C TYR A 43 10.28 39.08 -27.39
N TRP A 44 10.12 39.28 -26.08
CA TRP A 44 10.55 40.54 -25.45
C TRP A 44 12.04 40.66 -25.16
N ALA A 45 12.71 39.52 -24.97
CA ALA A 45 14.14 39.53 -24.68
C ALA A 45 14.95 40.34 -25.67
N LYS A 46 14.53 40.37 -26.93
CA LYS A 46 15.24 41.12 -27.96
C LYS A 46 15.45 42.59 -27.58
N LEU A 47 14.52 43.15 -26.82
CA LEU A 47 14.63 44.55 -26.39
C LEU A 47 15.94 44.85 -25.67
N GLY A 48 16.61 43.81 -25.18
CA GLY A 48 17.86 44.01 -24.49
C GLY A 48 18.90 42.96 -24.83
N GLY A 49 18.63 42.18 -25.87
CA GLY A 49 19.56 41.14 -26.28
C GLY A 49 19.73 40.12 -25.16
N LEU A 50 18.71 40.00 -24.32
CA LEU A 50 18.73 39.08 -23.19
C LEU A 50 18.75 37.62 -23.60
N LYS A 51 19.47 36.82 -22.81
CA LYS A 51 19.58 35.39 -23.05
C LYS A 51 18.54 34.67 -22.20
N VAL A 52 17.75 33.83 -22.84
CA VAL A 52 16.72 33.06 -22.16
C VAL A 52 17.20 31.62 -22.16
N THR A 53 17.10 30.97 -21.00
CA THR A 53 17.52 29.58 -20.88
C THR A 53 16.44 28.73 -20.24
N LEU A 54 16.20 27.56 -20.85
CA LEU A 54 15.20 26.63 -20.35
C LEU A 54 15.90 25.33 -19.96
N VAL A 55 15.72 24.91 -18.72
CA VAL A 55 16.31 23.67 -18.24
C VAL A 55 15.17 22.70 -17.90
N GLU A 56 15.32 21.45 -18.35
CA GLU A 56 14.33 20.41 -18.15
C GLU A 56 15.02 19.12 -17.73
N LYS A 57 14.47 18.43 -16.73
CA LYS A 57 15.08 17.19 -16.24
C LYS A 57 14.92 16.03 -17.21
N ALA A 58 13.89 16.07 -18.05
CA ALA A 58 13.65 15.03 -19.04
C ALA A 58 13.79 15.65 -20.43
N ALA A 59 12.87 15.33 -21.33
CA ALA A 59 12.89 15.87 -22.69
C ALA A 59 11.60 16.65 -22.95
N VAL A 60 11.75 17.91 -23.33
CA VAL A 60 10.63 18.82 -23.57
C VAL A 60 9.54 18.31 -24.52
N GLU A 61 9.93 17.51 -25.52
CA GLU A 61 8.95 17.00 -26.48
C GLU A 61 7.75 16.34 -25.81
N ARG A 62 7.98 15.62 -24.71
CA ARG A 62 6.91 14.91 -24.01
C ARG A 62 6.89 15.08 -22.49
N SER A 63 7.76 15.93 -21.96
CA SER A 63 7.85 16.09 -20.51
C SER A 63 6.63 16.69 -19.82
N GLY A 64 6.42 16.28 -18.57
CA GLY A 64 5.30 16.82 -17.80
C GLY A 64 3.97 16.11 -17.92
N ALA A 65 2.96 16.78 -17.35
CA ALA A 65 1.59 16.29 -17.31
C ALA A 65 0.95 16.00 -18.68
N VAL A 66 1.43 16.62 -19.73
CA VAL A 66 0.83 16.42 -21.06
C VAL A 66 1.56 15.39 -21.91
N ALA A 67 2.35 14.53 -21.26
CA ALA A 67 3.09 13.49 -21.96
C ALA A 67 2.22 12.62 -22.89
N GLN A 68 1.04 12.25 -22.44
CA GLN A 68 0.16 11.41 -23.26
C GLN A 68 -0.70 12.25 -24.17
N GLY A 69 -0.72 13.55 -23.92
CA GLY A 69 -1.55 14.46 -24.68
C GLY A 69 -2.74 14.75 -23.80
N LEU A 70 -3.71 15.51 -24.30
CA LEU A 70 -4.91 15.83 -23.53
C LEU A 70 -6.08 15.72 -24.49
N SER A 71 -7.28 15.51 -23.94
CA SER A 71 -8.47 15.36 -24.76
C SER A 71 -9.29 16.64 -24.88
N ALA A 72 -8.93 17.64 -24.10
CA ALA A 72 -9.63 18.92 -24.12
C ALA A 72 -8.75 20.04 -23.57
N ILE A 73 -9.17 21.27 -23.83
CA ILE A 73 -8.51 22.46 -23.30
C ILE A 73 -9.54 22.89 -22.27
N ASN A 74 -9.21 22.75 -21.00
CA ASN A 74 -10.16 23.07 -19.93
C ASN A 74 -10.46 24.54 -19.67
N THR A 75 -9.69 25.43 -20.28
CA THR A 75 -9.95 26.85 -20.10
C THR A 75 -9.93 27.63 -21.41
N TYR A 76 -11.11 27.99 -21.88
CA TYR A 76 -11.28 28.78 -23.08
C TYR A 76 -12.54 29.57 -22.83
N ILE A 77 -12.38 30.87 -22.59
CA ILE A 77 -13.51 31.75 -22.29
C ILE A 77 -14.42 31.91 -23.52
N ASP A 78 -13.82 32.26 -24.65
CA ASP A 78 -14.52 32.51 -25.90
C ASP A 78 -15.26 33.84 -25.79
N LEU A 79 -14.56 34.93 -26.10
CA LEU A 79 -15.13 36.26 -26.01
C LEU A 79 -15.74 36.74 -27.32
N THR A 80 -15.66 35.94 -28.38
CA THR A 80 -16.19 36.36 -29.68
C THR A 80 -17.21 35.40 -30.26
N GLY A 81 -17.18 34.14 -29.82
CA GLY A 81 -18.12 33.17 -30.35
C GLY A 81 -17.49 32.18 -31.31
N ARG A 82 -16.23 31.81 -31.07
CA ARG A 82 -15.57 30.83 -31.93
C ARG A 82 -16.02 29.43 -31.52
N SER A 83 -16.58 29.30 -30.33
CA SER A 83 -17.05 28.01 -29.84
C SER A 83 -18.57 28.01 -29.77
N GLU A 84 -19.11 26.87 -29.33
CA GLU A 84 -20.54 26.71 -29.21
C GLU A 84 -21.12 27.55 -28.09
N ARG A 85 -20.24 28.09 -27.24
CA ARG A 85 -20.73 28.91 -26.13
C ARG A 85 -19.80 30.04 -25.71
N GLN A 86 -20.32 31.26 -25.77
CA GLN A 86 -19.57 32.44 -25.37
C GLN A 86 -19.74 32.71 -23.88
N ASN A 87 -18.70 33.25 -23.26
CA ASN A 87 -18.76 33.55 -21.84
C ASN A 87 -18.14 34.92 -21.56
N THR A 88 -18.32 35.41 -20.33
CA THR A 88 -17.74 36.69 -19.95
C THR A 88 -16.64 36.42 -18.94
N LEU A 89 -15.72 37.37 -18.80
CA LEU A 89 -14.62 37.21 -17.86
C LEU A 89 -15.12 37.26 -16.42
N GLU A 90 -16.16 38.06 -16.18
CA GLU A 90 -16.72 38.18 -14.84
C GLU A 90 -17.32 36.84 -14.39
N ASP A 91 -17.99 36.15 -15.31
CA ASP A 91 -18.59 34.85 -15.00
C ASP A 91 -17.51 33.83 -14.69
N TYR A 92 -16.39 33.93 -15.41
CA TYR A 92 -15.30 32.99 -15.18
C TYR A 92 -14.68 33.21 -13.81
N VAL A 93 -14.41 34.48 -13.47
CA VAL A 93 -13.82 34.79 -12.18
C VAL A 93 -14.73 34.29 -11.06
N ARG A 94 -16.02 34.57 -11.18
CA ARG A 94 -17.01 34.13 -10.20
C ARG A 94 -16.96 32.61 -10.05
N TYR A 95 -16.94 31.93 -11.20
CA TYR A 95 -16.90 30.48 -11.24
C TYR A 95 -15.72 29.91 -10.46
N VAL A 96 -14.55 30.52 -10.64
CA VAL A 96 -13.35 30.03 -9.96
C VAL A 96 -13.38 30.31 -8.47
N THR A 97 -13.75 31.53 -8.09
CA THR A 97 -13.82 31.89 -6.68
C THR A 97 -14.79 30.97 -5.95
N LEU A 98 -15.94 30.72 -6.56
CA LEU A 98 -16.94 29.85 -5.94
C LEU A 98 -16.42 28.42 -5.83
N ASP A 99 -15.72 27.95 -6.86
CA ASP A 99 -15.19 26.59 -6.83
C ASP A 99 -14.17 26.47 -5.69
N MET A 100 -13.48 27.56 -5.40
CA MET A 100 -12.48 27.59 -4.32
C MET A 100 -13.16 27.83 -2.98
N MET A 101 -14.49 27.76 -2.97
CA MET A 101 -15.26 28.00 -1.75
C MET A 101 -15.00 29.39 -1.19
N GLY A 102 -14.84 30.36 -2.09
CA GLY A 102 -14.63 31.74 -1.67
C GLY A 102 -13.21 32.30 -1.66
N LEU A 103 -12.20 31.45 -1.78
CA LEU A 103 -10.83 31.94 -1.72
C LEU A 103 -10.00 31.79 -2.99
N ALA A 104 -9.88 32.88 -3.75
CA ALA A 104 -9.09 32.90 -4.97
C ALA A 104 -8.58 34.31 -5.19
N ARG A 105 -7.35 34.44 -5.68
CA ARG A 105 -6.77 35.75 -5.98
C ARG A 105 -7.36 36.15 -7.33
N GLU A 106 -8.48 36.85 -7.27
CA GLU A 106 -9.18 37.27 -8.48
C GLU A 106 -8.37 38.14 -9.43
N ASP A 107 -7.40 38.86 -8.89
CA ASP A 107 -6.56 39.69 -9.74
C ASP A 107 -5.73 38.77 -10.63
N LEU A 108 -5.31 37.64 -10.06
CA LEU A 108 -4.52 36.67 -10.82
C LEU A 108 -5.37 35.87 -11.79
N VAL A 109 -6.58 35.51 -11.37
CA VAL A 109 -7.50 34.74 -12.20
C VAL A 109 -8.01 35.56 -13.38
N ALA A 110 -8.41 36.79 -13.10
CA ALA A 110 -8.91 37.66 -14.17
C ALA A 110 -7.78 37.95 -15.15
N ASP A 111 -6.57 38.01 -14.63
CA ASP A 111 -5.40 38.30 -15.46
C ASP A 111 -5.10 37.20 -16.46
N TYR A 112 -5.06 35.95 -16.03
CA TYR A 112 -4.77 34.88 -16.99
C TYR A 112 -6.00 34.63 -17.89
N ALA A 113 -7.19 34.93 -17.36
CA ALA A 113 -8.42 34.72 -18.11
C ALA A 113 -8.56 35.67 -19.30
N ARG A 114 -8.05 36.88 -19.18
CA ARG A 114 -8.17 37.83 -20.29
C ARG A 114 -7.11 37.57 -21.37
N HIS A 115 -6.12 36.75 -21.05
CA HIS A 115 -5.04 36.40 -21.97
C HIS A 115 -5.15 34.99 -22.57
N VAL A 116 -5.79 34.09 -21.83
CA VAL A 116 -5.89 32.69 -22.22
C VAL A 116 -6.38 32.36 -23.64
N ASP A 117 -7.44 33.02 -24.09
CA ASP A 117 -7.97 32.75 -25.42
C ASP A 117 -6.93 32.96 -26.52
N GLY A 118 -6.12 34.01 -26.38
CA GLY A 118 -5.09 34.29 -27.36
C GLY A 118 -4.15 33.10 -27.50
N THR A 119 -3.81 32.50 -26.36
CA THR A 119 -2.94 31.34 -26.34
C THR A 119 -3.56 30.16 -27.09
N VAL A 120 -4.83 29.91 -26.81
CA VAL A 120 -5.54 28.81 -27.46
C VAL A 120 -5.59 28.99 -28.97
N HIS A 121 -5.86 30.22 -29.42
CA HIS A 121 -5.92 30.52 -30.85
C HIS A 121 -4.56 30.26 -31.51
N LEU A 122 -3.48 30.54 -30.77
CA LEU A 122 -2.15 30.30 -31.30
C LEU A 122 -1.93 28.79 -31.41
N PHE A 123 -2.36 28.05 -30.40
CA PHE A 123 -2.20 26.60 -30.41
C PHE A 123 -2.81 26.02 -31.68
N GLU A 124 -4.01 26.46 -32.02
CA GLU A 124 -4.69 25.98 -33.21
C GLU A 124 -3.90 26.40 -34.45
N LYS A 125 -3.43 27.65 -34.45
CA LYS A 125 -2.66 28.17 -35.57
C LYS A 125 -1.43 27.28 -35.74
N TRP A 126 -0.90 26.81 -34.62
CA TRP A 126 0.29 25.96 -34.63
C TRP A 126 0.06 24.51 -35.07
N GLY A 127 -1.19 24.11 -35.26
CA GLY A 127 -1.45 22.76 -35.71
C GLY A 127 -2.30 21.88 -34.82
N LEU A 128 -2.62 22.35 -33.61
CA LEU A 128 -3.45 21.56 -32.72
C LEU A 128 -4.83 21.43 -33.33
N PRO A 129 -5.32 20.19 -33.50
CA PRO A 129 -6.66 19.98 -34.09
C PRO A 129 -7.73 20.13 -33.01
N ILE A 130 -8.60 21.12 -33.19
CA ILE A 130 -9.67 21.34 -32.23
C ILE A 130 -10.98 20.79 -32.82
N TRP A 131 -11.73 20.04 -32.02
CA TRP A 131 -13.01 19.50 -32.48
C TRP A 131 -13.87 20.65 -32.95
N LYS A 132 -14.52 20.48 -34.09
CA LYS A 132 -15.38 21.54 -34.62
C LYS A 132 -16.73 21.00 -35.07
N THR A 133 -17.76 21.83 -34.97
CA THR A 133 -19.09 21.42 -35.40
C THR A 133 -19.14 21.62 -36.91
N PRO A 134 -20.19 21.10 -37.58
CA PRO A 134 -20.27 21.28 -39.03
C PRO A 134 -20.21 22.76 -39.39
N ASP A 135 -20.66 23.60 -38.47
CA ASP A 135 -20.68 25.04 -38.64
C ASP A 135 -19.31 25.67 -38.41
N GLY A 136 -18.33 24.86 -38.01
CA GLY A 136 -16.99 25.37 -37.78
C GLY A 136 -16.67 25.88 -36.38
N LYS A 137 -17.61 25.74 -35.46
CA LYS A 137 -17.40 26.20 -34.07
C LYS A 137 -16.66 25.18 -33.22
N TYR A 138 -15.83 25.67 -32.30
CA TYR A 138 -15.10 24.78 -31.40
C TYR A 138 -16.15 24.03 -30.59
N VAL A 139 -16.01 22.71 -30.49
CA VAL A 139 -16.97 21.91 -29.73
C VAL A 139 -16.74 22.07 -28.24
N ARG A 140 -17.79 22.49 -27.52
CA ARG A 140 -17.71 22.66 -26.08
C ARG A 140 -17.90 21.33 -25.35
N GLU A 141 -17.18 21.16 -24.24
CA GLU A 141 -17.33 19.95 -23.44
C GLU A 141 -18.35 20.39 -22.41
N GLY A 142 -17.93 21.31 -21.56
CA GLY A 142 -18.81 21.88 -20.55
C GLY A 142 -18.94 23.34 -20.91
N GLN A 143 -18.97 24.22 -19.92
CA GLN A 143 -19.09 25.65 -20.20
C GLN A 143 -17.75 26.31 -20.51
N TRP A 144 -16.70 25.83 -19.88
CA TRP A 144 -15.38 26.44 -20.03
C TRP A 144 -14.35 25.66 -20.82
N GLN A 145 -14.69 24.45 -21.23
CA GLN A 145 -13.76 23.60 -21.95
C GLN A 145 -14.17 23.35 -23.40
N ILE A 146 -13.19 22.98 -24.22
CA ILE A 146 -13.43 22.64 -25.63
C ILE A 146 -12.65 21.36 -25.93
N MET A 147 -13.25 20.48 -26.72
CA MET A 147 -12.63 19.21 -27.08
C MET A 147 -11.53 19.38 -28.13
N ILE A 148 -10.49 18.57 -28.02
CA ILE A 148 -9.37 18.63 -28.95
C ILE A 148 -8.84 17.23 -29.26
N HIS A 149 -8.15 17.10 -30.39
CA HIS A 149 -7.51 15.85 -30.77
C HIS A 149 -6.08 16.16 -30.35
N GLY A 150 -5.83 16.10 -29.04
CA GLY A 150 -4.52 16.47 -28.54
C GLY A 150 -3.46 15.46 -28.19
N GLU A 151 -3.34 14.36 -28.94
CA GLU A 151 -2.31 13.38 -28.62
C GLU A 151 -0.92 14.01 -28.70
N SER A 152 -0.74 14.92 -29.64
CA SER A 152 0.56 15.60 -29.82
C SER A 152 0.56 17.03 -29.27
N TYR A 153 -0.29 17.28 -28.28
CA TYR A 153 -0.42 18.59 -27.66
C TYR A 153 0.92 19.12 -27.13
N LYS A 154 1.65 18.29 -26.39
CA LYS A 154 2.95 18.74 -25.86
C LYS A 154 3.97 18.90 -26.98
N PRO A 155 4.13 17.88 -27.84
CA PRO A 155 5.11 18.01 -28.93
C PRO A 155 4.94 19.31 -29.72
N ILE A 156 3.69 19.71 -29.96
CA ILE A 156 3.41 20.94 -30.70
C ILE A 156 3.90 22.15 -29.92
N ILE A 157 3.51 22.23 -28.65
CA ILE A 157 3.90 23.33 -27.78
C ILE A 157 5.41 23.31 -27.58
N ALA A 158 6.00 22.12 -27.55
CA ALA A 158 7.45 22.00 -27.38
C ALA A 158 8.14 22.59 -28.61
N GLU A 159 7.54 22.36 -29.78
CA GLU A 159 8.10 22.88 -31.03
C GLU A 159 8.07 24.40 -31.02
N ALA A 160 6.94 24.97 -30.62
CA ALA A 160 6.81 26.44 -30.58
C ALA A 160 7.91 27.02 -29.70
N ALA A 161 8.08 26.44 -28.51
CA ALA A 161 9.11 26.92 -27.58
C ALA A 161 10.51 26.79 -28.16
N LYS A 162 10.78 25.67 -28.82
CA LYS A 162 12.09 25.43 -29.41
C LYS A 162 12.35 26.46 -30.51
N MET A 163 11.36 26.69 -31.36
CA MET A 163 11.48 27.66 -32.44
C MET A 163 11.65 29.08 -31.89
N ALA A 164 11.07 29.31 -30.72
CA ALA A 164 11.15 30.62 -30.09
C ALA A 164 12.49 30.93 -29.43
N VAL A 165 12.96 30.05 -28.55
CA VAL A 165 14.21 30.30 -27.85
C VAL A 165 15.47 29.65 -28.44
N GLY A 166 15.29 28.68 -29.33
CA GLY A 166 16.44 28.01 -29.94
C GLY A 166 16.91 26.83 -29.11
N GLU A 167 17.13 25.69 -29.77
CA GLU A 167 17.56 24.48 -29.09
C GLU A 167 18.87 24.64 -28.32
N GLU A 168 19.69 25.61 -28.69
CA GLU A 168 20.95 25.81 -28.00
C GLU A 168 20.72 26.41 -26.61
N ASN A 169 19.50 26.88 -26.37
CA ASN A 169 19.16 27.48 -25.07
C ASN A 169 18.25 26.57 -24.25
N ILE A 170 18.20 25.30 -24.63
CA ILE A 170 17.39 24.32 -23.92
C ILE A 170 18.29 23.21 -23.41
N TYR A 171 18.36 23.07 -22.09
CA TYR A 171 19.17 22.03 -21.49
C TYR A 171 18.23 20.93 -20.99
N GLU A 172 18.34 19.75 -21.57
CA GLU A 172 17.49 18.62 -21.18
C GLU A 172 18.28 17.63 -20.34
N ARG A 173 17.56 16.75 -19.66
CA ARG A 173 18.17 15.75 -18.80
C ARG A 173 19.07 16.39 -17.76
N VAL A 174 18.61 17.52 -17.23
CA VAL A 174 19.34 18.24 -16.18
C VAL A 174 18.36 18.50 -15.03
N PHE A 175 18.61 17.88 -13.89
CA PHE A 175 17.74 18.04 -12.73
C PHE A 175 18.18 19.19 -11.85
N ILE A 176 17.30 20.15 -11.63
CA ILE A 176 17.61 21.30 -10.78
C ILE A 176 17.15 20.91 -9.38
N PHE A 177 18.04 21.03 -8.39
CA PHE A 177 17.68 20.64 -7.02
C PHE A 177 17.69 21.77 -5.99
N GLU A 178 18.32 22.89 -6.32
CA GLU A 178 18.37 24.00 -5.37
C GLU A 178 18.56 25.34 -6.07
N LEU A 179 18.05 26.41 -5.47
CA LEU A 179 18.22 27.73 -6.04
C LEU A 179 19.45 28.38 -5.40
N LEU A 180 20.00 29.38 -6.08
CA LEU A 180 21.15 30.11 -5.57
C LEU A 180 20.66 31.51 -5.29
N LYS A 181 21.08 32.09 -4.17
CA LYS A 181 20.65 33.44 -3.86
C LYS A 181 21.79 34.45 -4.01
N ASP A 182 21.42 35.72 -4.13
CA ASP A 182 22.40 36.78 -4.32
C ASP A 182 23.26 36.97 -3.08
N LYS A 183 24.53 36.60 -3.18
CA LYS A 183 25.52 36.94 -2.17
C LYS A 183 25.29 38.36 -1.64
N ASN A 184 24.87 39.25 -2.52
CA ASN A 184 24.75 40.67 -2.20
C ASN A 184 23.43 40.99 -1.52
N ASP A 185 22.45 40.13 -1.71
CA ASP A 185 21.10 40.37 -1.17
C ASP A 185 20.46 39.05 -0.73
N PRO A 186 20.05 38.96 0.55
CA PRO A 186 19.42 37.76 1.14
C PRO A 186 18.03 37.42 0.63
N ASN A 187 17.36 38.37 -0.02
CA ASN A 187 16.03 38.10 -0.55
C ASN A 187 15.96 38.30 -2.07
N ALA A 188 17.02 37.89 -2.75
CA ALA A 188 17.08 37.99 -4.20
C ALA A 188 17.69 36.73 -4.78
N VAL A 189 17.09 36.22 -5.85
CA VAL A 189 17.59 35.00 -6.48
C VAL A 189 18.78 35.32 -7.39
N ALA A 190 19.64 34.35 -7.62
CA ALA A 190 20.82 34.58 -8.46
C ALA A 190 21.09 33.43 -9.42
N GLY A 191 20.24 32.42 -9.39
CA GLY A 191 20.41 31.28 -10.26
C GLY A 191 19.97 29.99 -9.61
N ALA A 192 20.58 28.88 -10.02
CA ALA A 192 20.24 27.58 -9.46
C ALA A 192 21.32 26.56 -9.81
N VAL A 193 21.29 25.43 -9.11
CA VAL A 193 22.24 24.37 -9.36
C VAL A 193 21.52 23.09 -9.66
N GLY A 194 22.15 22.24 -10.47
CA GLY A 194 21.55 20.97 -10.81
C GLY A 194 22.63 20.01 -11.25
N PHE A 195 22.22 18.88 -11.79
CA PHE A 195 23.17 17.88 -12.27
C PHE A 195 22.55 17.07 -13.38
N SER A 196 23.40 16.55 -14.26
CA SER A 196 22.94 15.74 -15.37
C SER A 196 22.55 14.35 -14.86
N VAL A 197 21.58 13.73 -15.54
CA VAL A 197 21.16 12.39 -15.15
C VAL A 197 21.66 11.41 -16.20
N ARG A 198 22.46 11.93 -17.13
CA ARG A 198 23.02 11.12 -18.21
C ARG A 198 24.53 11.00 -18.12
N GLU A 199 25.16 11.86 -17.34
CA GLU A 199 26.61 11.84 -17.19
C GLU A 199 27.05 12.59 -15.95
N PRO A 200 28.31 12.39 -15.52
CA PRO A 200 28.82 13.09 -14.33
C PRO A 200 29.11 14.55 -14.65
N LYS A 201 28.14 15.42 -14.40
CA LYS A 201 28.31 16.83 -14.67
C LYS A 201 27.42 17.71 -13.79
N PHE A 202 28.05 18.59 -13.03
CA PHE A 202 27.35 19.50 -12.13
C PHE A 202 27.11 20.82 -12.82
N TYR A 203 25.89 21.33 -12.76
CA TYR A 203 25.57 22.60 -13.40
C TYR A 203 25.33 23.75 -12.44
N VAL A 204 25.85 24.91 -12.81
CA VAL A 204 25.68 26.13 -12.03
C VAL A 204 25.11 27.15 -12.99
N PHE A 205 23.83 27.47 -12.82
CA PHE A 205 23.17 28.45 -13.68
C PHE A 205 23.14 29.80 -12.97
N LYS A 206 23.82 30.79 -13.55
CA LYS A 206 23.83 32.13 -12.99
C LYS A 206 22.79 32.89 -13.80
N ALA A 207 21.89 33.58 -13.11
CA ALA A 207 20.85 34.32 -13.82
C ALA A 207 20.36 35.55 -13.06
N LYS A 208 19.71 36.45 -13.79
CA LYS A 208 19.18 37.67 -13.20
C LYS A 208 17.74 37.48 -12.77
N ALA A 209 17.06 36.54 -13.41
CA ALA A 209 15.66 36.23 -13.09
C ALA A 209 15.46 34.73 -13.25
N VAL A 210 14.75 34.13 -12.30
CA VAL A 210 14.48 32.70 -12.33
C VAL A 210 12.98 32.46 -12.30
N ILE A 211 12.51 31.57 -13.15
CA ILE A 211 11.08 31.26 -13.23
C ILE A 211 10.85 29.79 -12.90
N LEU A 212 10.09 29.56 -11.83
CA LEU A 212 9.78 28.20 -11.37
C LEU A 212 8.58 27.66 -12.15
N ALA A 213 8.81 26.61 -12.94
CA ALA A 213 7.76 25.97 -13.73
C ALA A 213 7.95 24.46 -13.70
N THR A 214 8.18 23.94 -12.49
CA THR A 214 8.42 22.52 -12.29
C THR A 214 7.20 21.62 -12.14
N GLY A 215 6.00 22.19 -12.23
CA GLY A 215 4.82 21.37 -12.05
C GLY A 215 4.61 21.21 -10.54
N GLY A 216 3.52 20.55 -10.16
CA GLY A 216 3.23 20.38 -8.75
C GLY A 216 3.94 19.23 -8.09
N ALA A 217 3.25 18.56 -7.18
CA ALA A 217 3.83 17.44 -6.44
C ALA A 217 2.91 16.23 -6.30
N THR A 218 3.42 15.07 -6.68
CA THR A 218 2.67 13.83 -6.60
C THR A 218 3.51 12.82 -5.81
N LEU A 219 2.88 11.71 -5.43
CA LEU A 219 3.51 10.65 -4.66
C LEU A 219 3.94 11.05 -3.25
N LEU A 220 3.30 12.08 -2.72
CA LEU A 220 3.57 12.52 -1.34
C LEU A 220 2.72 11.60 -0.47
N PHE A 221 1.57 11.21 -1.00
CA PHE A 221 0.62 10.34 -0.30
C PHE A 221 0.60 8.93 -0.90
N ARG A 222 0.33 7.94 -0.06
CA ARG A 222 0.25 6.57 -0.52
C ARG A 222 -0.95 6.49 -1.46
N PRO A 223 -0.77 5.90 -2.65
CA PRO A 223 -1.85 5.76 -3.65
C PRO A 223 -2.73 4.54 -3.36
N ARG A 224 -3.86 4.43 -4.06
CA ARG A 224 -4.76 3.30 -3.85
C ARG A 224 -4.21 1.99 -4.39
N SER A 225 -3.11 2.08 -5.11
CA SER A 225 -2.42 0.90 -5.64
C SER A 225 -0.98 1.12 -5.20
N THR A 226 -0.40 0.13 -4.53
CA THR A 226 0.95 0.28 -4.01
C THR A 226 2.04 -0.61 -4.60
N GLY A 227 1.70 -1.38 -5.62
CA GLY A 227 2.67 -2.25 -6.26
C GLY A 227 3.20 -1.54 -7.48
N GLU A 228 3.09 -2.14 -8.65
CA GLU A 228 3.56 -1.49 -9.87
C GLU A 228 2.70 -0.24 -10.06
N ALA A 229 1.40 -0.37 -9.78
CA ALA A 229 0.46 0.73 -9.97
C ALA A 229 0.68 1.93 -9.07
N ALA A 230 1.76 1.91 -8.30
CA ALA A 230 2.10 3.06 -7.46
C ALA A 230 2.44 4.15 -8.47
N GLY A 231 2.79 3.71 -9.69
CA GLY A 231 3.15 4.64 -10.76
C GLY A 231 1.95 5.24 -11.46
N ARG A 232 0.76 4.70 -11.20
CA ARG A 232 -0.45 5.22 -11.84
C ARG A 232 -1.06 6.31 -10.95
N THR A 233 -0.38 7.44 -10.85
CA THR A 233 -0.91 8.56 -10.08
C THR A 233 -1.78 9.31 -11.07
N TRP A 234 -2.92 9.84 -10.63
CA TRP A 234 -3.75 10.56 -11.57
C TRP A 234 -2.96 11.72 -12.16
N TYR A 235 -2.43 12.58 -11.29
CA TYR A 235 -1.65 13.72 -11.76
C TYR A 235 -0.25 13.25 -12.16
N ALA A 236 0.50 14.12 -12.82
CA ALA A 236 1.85 13.80 -13.31
C ALA A 236 2.83 13.26 -12.28
N ILE A 237 3.17 11.98 -12.42
CA ILE A 237 4.10 11.33 -11.51
C ILE A 237 5.48 11.98 -11.68
N PHE A 238 5.65 12.67 -12.79
CA PHE A 238 6.90 13.34 -13.13
C PHE A 238 7.17 14.57 -12.28
N ASP A 239 6.11 15.17 -11.73
CA ASP A 239 6.25 16.36 -10.91
C ASP A 239 6.32 16.00 -9.44
N THR A 240 7.43 16.39 -8.80
CA THR A 240 7.66 16.03 -7.41
C THR A 240 7.85 17.21 -6.45
N GLY A 241 7.22 18.34 -6.75
CA GLY A 241 7.34 19.50 -5.87
C GLY A 241 8.70 20.17 -5.82
N SER A 242 9.46 20.07 -6.90
CA SER A 242 10.79 20.67 -6.95
C SER A 242 10.72 22.18 -6.77
N GLY A 243 9.78 22.82 -7.46
CA GLY A 243 9.64 24.26 -7.36
C GLY A 243 9.29 24.68 -5.94
N TYR A 244 8.36 23.96 -5.34
CA TYR A 244 7.93 24.25 -3.97
C TYR A 244 9.13 24.21 -3.02
N TYR A 245 9.91 23.14 -3.13
CA TYR A 245 11.09 22.99 -2.29
C TYR A 245 12.09 24.14 -2.42
N MET A 246 12.67 24.29 -3.60
CA MET A 246 13.69 25.33 -3.81
C MET A 246 13.22 26.75 -3.51
N GLY A 247 11.97 27.05 -3.85
CA GLY A 247 11.44 28.37 -3.58
C GLY A 247 11.24 28.61 -2.09
N LEU A 248 10.63 27.66 -1.40
CA LEU A 248 10.39 27.84 0.03
C LEU A 248 11.73 27.90 0.76
N LYS A 249 12.70 27.09 0.32
CA LYS A 249 14.02 27.11 0.95
C LYS A 249 14.65 28.49 0.76
N ALA A 250 14.39 29.09 -0.39
CA ALA A 250 14.94 30.41 -0.71
C ALA A 250 14.22 31.51 0.08
N GLY A 251 13.13 31.17 0.74
CA GLY A 251 12.39 32.14 1.52
C GLY A 251 11.18 32.73 0.82
N ALA A 252 10.83 32.20 -0.35
CA ALA A 252 9.66 32.68 -1.07
C ALA A 252 8.43 32.18 -0.33
N MET A 253 7.46 33.07 -0.10
CA MET A 253 6.25 32.68 0.62
C MET A 253 5.27 31.81 -0.16
N LEU A 254 4.70 30.84 0.54
CA LEU A 254 3.72 29.93 -0.04
C LEU A 254 2.33 30.40 0.36
N THR A 255 1.32 29.99 -0.40
CA THR A 255 -0.06 30.36 -0.07
C THR A 255 -1.00 29.20 -0.34
N GLN A 256 -2.02 29.06 0.50
CA GLN A 256 -3.01 28.02 0.35
C GLN A 256 -2.39 26.64 0.17
N PHE A 257 -1.25 26.38 0.82
CA PHE A 257 -0.62 25.10 0.64
C PHE A 257 -1.40 23.95 1.26
N GLU A 258 -2.44 24.29 2.01
CA GLU A 258 -3.30 23.29 2.63
C GLU A 258 -4.34 22.82 1.60
N HIS A 259 -4.50 23.59 0.53
CA HIS A 259 -5.48 23.28 -0.51
C HIS A 259 -5.02 22.23 -1.52
N ARG A 260 -5.16 20.96 -1.16
CA ARG A 260 -4.78 19.88 -2.04
C ARG A 260 -5.97 19.58 -2.95
N PHE A 261 -5.74 18.72 -3.94
CA PHE A 261 -6.83 18.34 -4.82
C PHE A 261 -7.00 16.84 -4.83
N ILE A 262 -8.25 16.40 -4.62
CA ILE A 262 -8.56 14.98 -4.64
C ILE A 262 -9.43 14.77 -5.88
N PRO A 263 -8.86 14.09 -6.90
CA PRO A 263 -9.64 13.86 -8.12
C PRO A 263 -10.57 12.66 -8.09
N PHE A 264 -11.81 12.87 -8.50
CA PHE A 264 -12.79 11.78 -8.57
C PHE A 264 -12.65 11.33 -10.02
N ARG A 265 -12.18 10.11 -10.24
CA ARG A 265 -11.97 9.61 -11.59
C ARG A 265 -12.32 8.14 -11.72
N PHE A 266 -12.25 7.60 -12.94
CA PHE A 266 -12.53 6.19 -13.12
C PHE A 266 -11.56 5.48 -12.19
N LYS A 267 -12.06 4.49 -11.45
CA LYS A 267 -11.25 3.78 -10.48
C LYS A 267 -10.03 3.06 -11.05
N ASP A 268 -8.94 3.13 -10.30
CA ASP A 268 -7.67 2.48 -10.65
C ASP A 268 -6.90 3.06 -11.83
N GLY A 269 -7.52 3.18 -12.99
CA GLY A 269 -6.84 3.75 -14.13
C GLY A 269 -6.84 5.28 -14.06
N TYR A 270 -7.85 5.81 -13.37
CA TYR A 270 -7.99 7.25 -13.19
C TYR A 270 -8.25 7.99 -14.50
N GLY A 271 -8.98 7.33 -15.40
CA GLY A 271 -9.31 7.96 -16.66
C GLY A 271 -10.18 9.16 -16.38
N PRO A 272 -10.25 10.13 -17.30
CA PRO A 272 -11.05 11.36 -17.17
C PRO A 272 -12.56 11.15 -17.10
N VAL A 273 -13.23 12.03 -16.33
CA VAL A 273 -14.68 11.95 -16.19
C VAL A 273 -15.34 13.24 -16.70
N GLY A 274 -14.52 14.26 -16.97
CA GLY A 274 -15.01 15.53 -17.45
C GLY A 274 -15.84 15.43 -18.71
N ALA A 275 -15.31 14.74 -19.72
CA ALA A 275 -16.03 14.57 -20.96
C ALA A 275 -17.29 13.73 -20.71
N TRP A 276 -17.14 12.66 -19.93
CA TRP A 276 -18.28 11.81 -19.63
C TRP A 276 -19.40 12.58 -18.93
N PHE A 277 -19.04 13.37 -17.92
CA PHE A 277 -20.02 14.16 -17.18
C PHE A 277 -20.63 15.31 -17.99
N LEU A 278 -19.77 16.14 -18.57
CA LEU A 278 -20.20 17.32 -19.31
C LEU A 278 -20.64 17.12 -20.77
N PHE A 279 -19.89 16.30 -21.52
CA PHE A 279 -20.19 16.07 -22.92
C PHE A 279 -21.17 14.93 -23.18
N PHE A 280 -20.89 13.77 -22.58
CA PHE A 280 -21.77 12.61 -22.77
C PHE A 280 -22.95 12.57 -21.79
N LYS A 281 -22.96 13.50 -20.84
CA LYS A 281 -24.05 13.58 -19.86
C LYS A 281 -24.18 12.28 -19.06
N CYS A 282 -23.06 11.69 -18.70
CA CYS A 282 -23.07 10.45 -17.95
C CYS A 282 -23.50 10.71 -16.50
N LYS A 283 -24.23 9.76 -15.92
CA LYS A 283 -24.66 9.88 -14.54
C LYS A 283 -23.79 8.99 -13.66
N ALA A 284 -23.56 9.44 -12.43
CA ALA A 284 -22.79 8.67 -11.46
C ALA A 284 -23.80 8.24 -10.39
N LYS A 285 -23.85 6.94 -10.11
CA LYS A 285 -24.79 6.43 -9.13
C LYS A 285 -24.07 5.47 -8.19
N ASN A 286 -24.59 5.33 -6.97
CA ASN A 286 -23.97 4.42 -6.03
C ASN A 286 -24.35 2.99 -6.37
N ALA A 287 -23.92 2.05 -5.54
CA ALA A 287 -24.18 0.63 -5.77
C ALA A 287 -25.66 0.29 -5.88
N TYR A 288 -26.52 1.15 -5.34
CA TYR A 288 -27.96 0.89 -5.38
C TYR A 288 -28.72 1.62 -6.47
N GLY A 289 -27.99 2.31 -7.34
CA GLY A 289 -28.64 3.02 -8.43
C GLY A 289 -29.13 4.42 -8.13
N GLU A 290 -28.64 5.00 -7.03
CA GLU A 290 -29.05 6.35 -6.67
C GLU A 290 -28.06 7.38 -7.20
N GLU A 291 -28.56 8.40 -7.89
CA GLU A 291 -27.70 9.46 -8.39
C GLU A 291 -27.50 10.37 -7.18
N TYR A 292 -26.39 10.18 -6.49
CA TYR A 292 -26.08 10.91 -5.27
C TYR A 292 -25.97 12.44 -5.36
N ILE A 293 -25.82 13.00 -6.56
CA ILE A 293 -25.77 14.44 -6.64
C ILE A 293 -27.18 14.97 -6.37
N LYS A 294 -28.15 14.06 -6.43
CA LYS A 294 -29.55 14.37 -6.17
C LYS A 294 -29.86 14.08 -4.71
N THR A 295 -29.64 12.82 -4.32
CA THR A 295 -29.91 12.37 -2.95
C THR A 295 -29.09 13.09 -1.90
N ARG A 296 -27.98 13.71 -2.30
CA ARG A 296 -27.13 14.42 -1.34
C ARG A 296 -27.14 15.92 -1.53
N ALA A 297 -28.07 16.42 -2.35
CA ALA A 297 -28.16 17.84 -2.61
C ALA A 297 -28.40 18.62 -1.32
N ALA A 298 -29.42 18.19 -0.57
CA ALA A 298 -29.78 18.85 0.68
C ALA A 298 -28.61 19.08 1.64
N GLU A 299 -27.69 18.12 1.72
CA GLU A 299 -26.55 18.26 2.62
C GLU A 299 -25.64 19.45 2.27
N LEU A 300 -25.79 19.98 1.07
CA LEU A 300 -24.98 21.13 0.66
C LEU A 300 -25.61 22.45 1.09
N GLU A 301 -26.84 22.38 1.58
CA GLU A 301 -27.57 23.56 2.02
C GLU A 301 -26.84 24.32 3.12
N LYS A 302 -26.09 23.61 3.96
CA LYS A 302 -25.37 24.26 5.05
C LYS A 302 -24.17 25.07 4.54
N TYR A 303 -23.82 24.91 3.27
CA TYR A 303 -22.69 25.63 2.71
C TYR A 303 -23.08 26.85 1.87
N LYS A 304 -24.13 27.54 2.30
CA LYS A 304 -24.59 28.74 1.60
C LYS A 304 -23.47 29.77 1.64
N PRO A 305 -23.27 30.51 0.54
CA PRO A 305 -24.02 30.40 -0.71
C PRO A 305 -23.34 29.44 -1.67
N TYR A 306 -22.11 29.06 -1.34
CA TYR A 306 -21.32 28.16 -2.18
C TYR A 306 -22.09 26.94 -2.63
N GLY A 307 -22.87 26.35 -1.73
CA GLY A 307 -23.64 25.16 -2.07
C GLY A 307 -24.72 25.36 -3.11
N ALA A 308 -24.93 26.59 -3.56
CA ALA A 308 -25.97 26.86 -4.56
C ALA A 308 -25.40 27.34 -5.89
N ALA A 309 -24.09 27.43 -5.99
CA ALA A 309 -23.44 27.89 -7.21
C ALA A 309 -23.65 26.91 -8.36
N GLN A 310 -23.31 27.35 -9.57
CA GLN A 310 -23.44 26.52 -10.75
C GLN A 310 -22.25 26.72 -11.68
N PRO A 311 -21.44 25.67 -11.87
CA PRO A 311 -21.60 24.35 -11.26
C PRO A 311 -21.37 24.35 -9.74
N ILE A 312 -21.76 23.26 -9.09
CA ILE A 312 -21.54 23.14 -7.66
C ILE A 312 -20.04 23.02 -7.45
N PRO A 313 -19.49 23.68 -6.42
CA PRO A 313 -18.04 23.58 -6.20
C PRO A 313 -17.57 22.13 -6.20
N THR A 314 -16.44 21.89 -6.86
CA THR A 314 -15.87 20.55 -6.95
C THR A 314 -15.68 19.88 -5.59
N PRO A 315 -15.12 20.60 -4.60
CA PRO A 315 -14.94 19.94 -3.30
C PRO A 315 -16.27 19.42 -2.75
N LEU A 316 -17.34 20.20 -2.94
CA LEU A 316 -18.66 19.79 -2.45
C LEU A 316 -19.18 18.57 -3.19
N ARG A 317 -18.88 18.45 -4.49
CA ARG A 317 -19.30 17.27 -5.24
C ARG A 317 -18.55 16.07 -4.69
N ASN A 318 -17.29 16.30 -4.32
CA ASN A 318 -16.46 15.24 -3.73
C ASN A 318 -17.06 14.85 -2.38
N HIS A 319 -17.50 15.86 -1.63
CA HIS A 319 -18.10 15.63 -0.32
C HIS A 319 -19.28 14.68 -0.42
N GLN A 320 -20.10 14.85 -1.45
CA GLN A 320 -21.26 14.00 -1.65
C GLN A 320 -20.79 12.56 -1.88
N VAL A 321 -19.71 12.41 -2.62
CA VAL A 321 -19.13 11.10 -2.89
C VAL A 321 -18.63 10.49 -1.60
N MET A 322 -17.96 11.30 -0.78
CA MET A 322 -17.41 10.85 0.49
C MET A 322 -18.51 10.35 1.43
N LEU A 323 -19.65 11.02 1.42
CA LEU A 323 -20.77 10.62 2.27
C LEU A 323 -21.25 9.24 1.84
N GLU A 324 -21.29 9.01 0.53
CA GLU A 324 -21.72 7.72 0.02
C GLU A 324 -20.72 6.65 0.45
N ILE A 325 -19.43 6.99 0.38
CA ILE A 325 -18.39 6.06 0.77
C ILE A 325 -18.46 5.69 2.24
N MET A 326 -18.66 6.68 3.10
CA MET A 326 -18.77 6.44 4.54
C MET A 326 -19.99 5.59 4.88
N ASP A 327 -21.07 5.77 4.12
CA ASP A 327 -22.29 5.01 4.36
C ASP A 327 -22.19 3.61 3.78
N GLY A 328 -21.11 3.33 3.06
CA GLY A 328 -20.94 2.02 2.48
C GLY A 328 -21.82 1.75 1.26
N ASN A 329 -21.94 2.73 0.38
CA ASN A 329 -22.76 2.56 -0.82
C ASN A 329 -21.95 2.36 -2.10
N GLN A 330 -20.72 1.87 -1.96
CA GLN A 330 -19.88 1.60 -3.11
C GLN A 330 -20.26 0.20 -3.61
N PRO A 331 -19.91 -0.13 -4.86
CA PRO A 331 -19.20 0.72 -5.81
C PRO A 331 -20.00 1.91 -6.33
N ILE A 332 -19.29 2.96 -6.71
CA ILE A 332 -19.92 4.13 -7.31
C ILE A 332 -19.66 3.92 -8.79
N TYR A 333 -20.71 4.00 -9.61
CA TYR A 333 -20.57 3.78 -11.04
C TYR A 333 -20.82 4.97 -11.96
N MET A 334 -20.07 4.99 -13.06
CA MET A 334 -20.21 5.98 -14.10
C MET A 334 -20.99 5.13 -15.12
N HIS A 335 -22.27 5.44 -15.29
CA HIS A 335 -23.09 4.66 -16.22
C HIS A 335 -22.93 5.06 -17.68
N THR A 336 -21.77 4.72 -18.22
CA THR A 336 -21.42 5.01 -19.61
C THR A 336 -22.37 4.31 -20.58
N GLU A 337 -22.85 3.13 -20.19
CA GLU A 337 -23.75 2.34 -21.04
C GLU A 337 -25.09 3.03 -21.25
N GLU A 338 -25.57 3.71 -20.21
CA GLU A 338 -26.84 4.42 -20.31
C GLU A 338 -26.65 5.76 -21.00
N ALA A 339 -25.46 6.35 -20.85
CA ALA A 339 -25.15 7.63 -21.47
C ALA A 339 -25.07 7.47 -22.99
N LEU A 340 -24.33 6.45 -23.43
CA LEU A 340 -24.17 6.20 -24.86
C LEU A 340 -25.49 5.85 -25.53
N ALA A 341 -26.28 5.00 -24.88
CA ALA A 341 -27.57 4.61 -25.44
C ALA A 341 -28.46 5.85 -25.58
N GLU A 342 -28.53 6.63 -24.51
CA GLU A 342 -29.35 7.84 -24.50
C GLU A 342 -28.95 8.82 -25.60
N LEU A 343 -27.65 9.01 -25.77
CA LEU A 343 -27.14 9.95 -26.78
C LEU A 343 -27.34 9.47 -28.22
N ALA A 344 -27.13 8.19 -28.48
CA ALA A 344 -27.28 7.64 -29.82
C ALA A 344 -28.73 7.54 -30.32
N GLY A 345 -29.67 7.47 -29.38
CA GLY A 345 -31.08 7.39 -29.73
C GLY A 345 -31.48 6.34 -30.76
N GLY A 346 -30.90 5.15 -30.67
CA GLY A 346 -31.24 4.09 -31.61
C GLY A 346 -30.46 4.11 -32.92
N ASP A 347 -29.86 5.24 -33.24
CA ASP A 347 -29.09 5.39 -34.48
C ASP A 347 -27.73 4.69 -34.35
N LYS A 348 -27.61 3.51 -34.95
CA LYS A 348 -26.36 2.75 -34.88
C LYS A 348 -25.12 3.48 -35.39
N LYS A 349 -25.28 4.29 -36.44
CA LYS A 349 -24.14 5.03 -36.97
C LYS A 349 -23.76 6.15 -36.00
N LYS A 350 -24.78 6.71 -35.34
CA LYS A 350 -24.54 7.78 -34.38
C LYS A 350 -23.81 7.18 -33.17
N LEU A 351 -24.21 5.97 -32.79
CA LEU A 351 -23.59 5.27 -31.66
C LEU A 351 -22.12 5.05 -31.94
N LYS A 352 -21.81 4.54 -33.13
CA LYS A 352 -20.44 4.28 -33.53
C LYS A 352 -19.58 5.53 -33.40
N HIS A 353 -20.14 6.68 -33.80
CA HIS A 353 -19.44 7.94 -33.76
C HIS A 353 -19.12 8.40 -32.32
N ILE A 354 -20.09 8.35 -31.43
CA ILE A 354 -19.86 8.77 -30.06
C ILE A 354 -19.01 7.76 -29.31
N TYR A 355 -19.03 6.52 -29.78
CA TYR A 355 -18.24 5.43 -29.19
C TYR A 355 -16.76 5.71 -29.48
N GLU A 356 -16.49 6.24 -30.67
CA GLU A 356 -15.11 6.57 -31.06
C GLU A 356 -14.64 7.79 -30.28
N GLU A 357 -15.55 8.73 -30.07
CA GLU A 357 -15.23 9.94 -29.31
C GLU A 357 -14.93 9.54 -27.87
N ALA A 358 -15.69 8.57 -27.35
CA ALA A 358 -15.51 8.10 -25.99
C ALA A 358 -14.13 7.50 -25.81
N PHE A 359 -13.73 6.63 -26.73
CA PHE A 359 -12.41 6.03 -26.61
C PHE A 359 -11.29 7.05 -26.83
N GLU A 360 -11.51 8.03 -27.71
CA GLU A 360 -10.48 9.03 -27.94
C GLU A 360 -10.24 9.83 -26.66
N ASP A 361 -11.31 10.09 -25.92
CA ASP A 361 -11.20 10.86 -24.69
C ASP A 361 -10.16 10.23 -23.77
N PHE A 362 -10.06 8.90 -23.83
CA PHE A 362 -9.09 8.15 -23.03
C PHE A 362 -7.75 7.98 -23.73
N LEU A 363 -7.79 7.58 -25.01
CA LEU A 363 -6.57 7.35 -25.77
C LEU A 363 -5.76 8.60 -26.01
N ASP A 364 -6.40 9.76 -25.88
CA ASP A 364 -5.73 11.05 -26.05
C ASP A 364 -5.06 11.58 -24.78
N MET A 365 -5.27 10.95 -23.63
CA MET A 365 -4.62 11.47 -22.42
C MET A 365 -4.40 10.53 -21.23
N THR A 366 -5.13 9.43 -21.17
CA THR A 366 -4.92 8.47 -20.08
C THR A 366 -5.20 7.08 -20.62
N VAL A 367 -4.26 6.61 -21.44
CA VAL A 367 -4.37 5.31 -22.09
C VAL A 367 -4.59 4.17 -21.10
N SER A 368 -4.02 4.29 -19.91
CA SER A 368 -4.16 3.26 -18.89
C SER A 368 -5.62 2.89 -18.67
N GLN A 369 -6.52 3.86 -18.79
CA GLN A 369 -7.93 3.58 -18.57
C GLN A 369 -8.52 2.71 -19.67
N ALA A 370 -8.10 2.93 -20.91
CA ALA A 370 -8.58 2.13 -22.03
C ALA A 370 -8.00 0.73 -21.89
N LEU A 371 -6.74 0.67 -21.46
CA LEU A 371 -6.06 -0.61 -21.28
C LEU A 371 -6.73 -1.36 -20.12
N LEU A 372 -7.19 -0.62 -19.12
CA LEU A 372 -7.87 -1.23 -17.98
C LEU A 372 -9.15 -1.89 -18.46
N TRP A 373 -9.92 -1.17 -19.27
CA TRP A 373 -11.16 -1.71 -19.82
C TRP A 373 -10.88 -2.97 -20.66
N ALA A 374 -9.80 -2.93 -21.42
CA ALA A 374 -9.43 -4.07 -22.27
C ALA A 374 -9.07 -5.28 -21.42
N CYS A 375 -8.26 -5.06 -20.38
CA CYS A 375 -7.84 -6.15 -19.51
C CYS A 375 -8.99 -6.74 -18.70
N GLN A 376 -9.94 -5.90 -18.33
CA GLN A 376 -11.08 -6.35 -17.54
C GLN A 376 -12.33 -6.64 -18.37
N ASN A 377 -12.18 -6.61 -19.69
CA ASN A 377 -13.29 -6.85 -20.61
C ASN A 377 -14.50 -5.94 -20.38
N ILE A 378 -14.23 -4.67 -20.14
CA ILE A 378 -15.31 -3.71 -19.93
C ILE A 378 -15.60 -2.94 -21.20
N ASP A 379 -16.78 -3.15 -21.76
CA ASP A 379 -17.21 -2.44 -22.96
C ASP A 379 -18.17 -1.37 -22.45
N PRO A 380 -17.76 -0.09 -22.54
CA PRO A 380 -18.58 1.05 -22.07
C PRO A 380 -20.02 1.12 -22.56
N GLN A 381 -20.31 0.50 -23.70
CA GLN A 381 -21.67 0.54 -24.22
C GLN A 381 -22.54 -0.54 -23.58
N GLU A 382 -21.90 -1.49 -22.90
CA GLU A 382 -22.62 -2.58 -22.26
C GLU A 382 -22.68 -2.49 -20.73
N GLN A 383 -21.56 -2.16 -20.10
CA GLN A 383 -21.54 -2.09 -18.65
C GLN A 383 -20.90 -0.82 -18.09
N PRO A 384 -21.34 -0.39 -16.90
CA PRO A 384 -20.80 0.82 -16.28
C PRO A 384 -19.39 0.56 -15.75
N SER A 385 -18.72 1.64 -15.36
CA SER A 385 -17.37 1.55 -14.81
C SER A 385 -17.37 2.12 -13.39
N GLU A 386 -16.54 1.54 -12.53
CA GLU A 386 -16.45 2.03 -11.16
C GLU A 386 -15.60 3.29 -11.13
N ALA A 387 -15.94 4.19 -10.22
CA ALA A 387 -15.20 5.45 -10.08
C ALA A 387 -14.83 5.62 -8.62
N ALA A 388 -13.79 6.41 -8.36
CA ALA A 388 -13.36 6.62 -6.99
C ALA A 388 -12.39 7.79 -6.89
N PRO A 389 -12.31 8.39 -5.70
CA PRO A 389 -11.40 9.52 -5.51
C PRO A 389 -10.00 8.97 -5.27
N ALA A 390 -8.99 9.60 -5.85
CA ALA A 390 -7.61 9.15 -5.67
C ALA A 390 -7.02 9.79 -4.42
N GLU A 391 -5.73 9.56 -4.18
CA GLU A 391 -5.06 10.16 -3.03
C GLU A 391 -4.83 11.62 -3.38
N PRO A 392 -4.47 12.46 -2.38
CA PRO A 392 -4.22 13.88 -2.59
C PRO A 392 -2.99 14.24 -3.41
N TYR A 393 -3.09 15.32 -4.17
CA TYR A 393 -2.00 15.84 -4.98
C TYR A 393 -1.93 17.34 -4.66
N ILE A 394 -0.73 17.91 -4.71
CA ILE A 394 -0.55 19.33 -4.42
C ILE A 394 -0.09 20.03 -5.69
N MET A 395 -0.92 20.93 -6.20
CA MET A 395 -0.61 21.69 -7.41
C MET A 395 -1.47 22.94 -7.48
N GLY A 396 -1.09 23.89 -8.32
CA GLY A 396 -1.87 25.11 -8.41
C GLY A 396 -2.48 25.45 -9.76
N SER A 397 -2.30 24.58 -10.76
CA SER A 397 -2.86 24.87 -12.09
C SER A 397 -4.21 24.25 -12.37
N HIS A 398 -4.51 23.16 -11.66
CA HIS A 398 -5.75 22.43 -11.86
C HIS A 398 -6.84 22.89 -10.90
N SER A 399 -7.47 21.95 -10.21
CA SER A 399 -8.53 22.30 -9.27
C SER A 399 -7.99 22.62 -7.88
N GLY A 400 -6.68 22.47 -7.73
CA GLY A 400 -6.03 22.81 -6.46
C GLY A 400 -5.35 24.15 -6.66
N GLU A 401 -5.21 24.95 -5.60
CA GLU A 401 -4.57 26.25 -5.75
C GLU A 401 -3.35 26.43 -4.84
N ALA A 402 -2.65 25.33 -4.55
CA ALA A 402 -1.47 25.41 -3.71
C ALA A 402 -0.26 25.87 -4.52
N GLY A 403 0.53 26.76 -3.93
CA GLY A 403 1.71 27.26 -4.63
C GLY A 403 2.26 28.51 -3.98
N PHE A 404 3.15 29.21 -4.68
CA PHE A 404 3.72 30.42 -4.12
C PHE A 404 2.79 31.62 -4.22
N TRP A 405 2.90 32.50 -3.23
CA TRP A 405 2.12 33.72 -3.17
C TRP A 405 2.80 34.64 -4.19
N VAL A 406 2.10 34.97 -5.27
CA VAL A 406 2.71 35.81 -6.30
C VAL A 406 1.99 37.12 -6.54
N CYS A 407 2.73 38.08 -7.07
CA CYS A 407 2.21 39.41 -7.36
C CYS A 407 1.35 39.38 -8.63
N GLY A 408 0.36 40.27 -8.68
CA GLY A 408 -0.51 40.32 -9.84
C GLY A 408 -0.24 41.54 -10.72
N PRO A 409 -1.07 41.79 -11.74
CA PRO A 409 -0.87 42.95 -12.63
C PRO A 409 -1.22 44.27 -11.92
N GLU A 410 -0.49 45.32 -12.25
CA GLU A 410 -0.70 46.62 -11.63
C GLU A 410 -2.11 47.17 -11.78
N ASP A 411 -2.78 46.79 -12.85
CA ASP A 411 -4.13 47.30 -13.08
C ASP A 411 -5.24 46.50 -12.40
N LEU A 412 -4.91 45.37 -11.81
CA LEU A 412 -5.93 44.56 -11.15
C LEU A 412 -5.64 44.26 -9.67
N MET A 413 -4.36 44.10 -9.33
CA MET A 413 -4.02 43.79 -7.95
C MET A 413 -4.34 44.91 -6.96
N PRO A 414 -5.11 44.58 -5.92
CA PRO A 414 -5.50 45.54 -4.88
C PRO A 414 -4.33 45.77 -3.91
N GLU A 415 -4.31 46.92 -3.25
CA GLU A 415 -3.26 47.21 -2.29
C GLU A 415 -3.15 46.09 -1.26
N GLU A 416 -4.29 45.54 -0.87
CA GLU A 416 -4.35 44.46 0.12
C GLU A 416 -3.44 43.28 -0.21
N TYR A 417 -3.22 43.03 -1.50
CA TYR A 417 -2.41 41.90 -1.96
C TYR A 417 -0.98 42.23 -2.35
N ALA A 418 -0.59 43.50 -2.27
CA ALA A 418 0.76 43.89 -2.67
C ALA A 418 1.75 44.07 -1.53
N LYS A 419 1.25 44.06 -0.30
CA LYS A 419 2.09 44.28 0.88
C LYS A 419 3.33 43.43 1.09
N LEU A 420 3.28 42.16 0.71
CA LEU A 420 4.42 41.27 0.92
C LEU A 420 5.45 41.23 -0.21
N PHE A 421 5.24 42.01 -1.26
CA PHE A 421 6.17 42.01 -2.39
C PHE A 421 7.11 43.21 -2.44
N PRO A 422 8.43 42.96 -2.30
CA PRO A 422 9.43 44.04 -2.34
C PRO A 422 9.40 44.75 -3.69
N LEU A 423 9.17 43.97 -4.75
CA LEU A 423 9.09 44.50 -6.10
C LEU A 423 7.79 44.03 -6.73
N LYS A 424 7.04 44.96 -7.31
CA LYS A 424 5.77 44.62 -7.92
C LYS A 424 5.86 44.22 -9.39
N TYR A 425 6.10 42.95 -9.65
CA TYR A 425 6.16 42.44 -11.01
C TYR A 425 5.24 41.23 -11.09
N ASN A 426 4.47 41.16 -12.17
CA ASN A 426 3.49 40.09 -12.39
C ASN A 426 4.07 38.68 -12.27
N ARG A 427 3.52 37.93 -11.33
CA ARG A 427 3.92 36.55 -11.04
C ARG A 427 5.24 36.40 -10.29
N MET A 428 5.76 37.51 -9.76
CA MET A 428 7.00 37.42 -9.01
C MET A 428 6.63 37.01 -7.59
N THR A 429 7.49 36.21 -6.96
CA THR A 429 7.28 35.76 -5.59
C THR A 429 7.76 36.86 -4.64
N THR A 430 7.79 36.55 -3.34
CA THR A 430 8.25 37.52 -2.36
C THR A 430 9.77 37.63 -2.42
N VAL A 431 10.39 36.76 -3.22
CA VAL A 431 11.85 36.80 -3.42
C VAL A 431 12.08 37.57 -4.72
N LYS A 432 12.89 38.61 -4.66
CA LYS A 432 13.17 39.43 -5.84
C LYS A 432 13.85 38.68 -6.97
N GLY A 433 13.26 38.76 -8.16
CA GLY A 433 13.82 38.10 -9.33
C GLY A 433 13.33 36.67 -9.51
N LEU A 434 12.64 36.13 -8.51
CA LEU A 434 12.14 34.77 -8.58
C LEU A 434 10.65 34.75 -8.89
N PHE A 435 10.29 34.14 -10.01
CA PHE A 435 8.89 34.06 -10.44
C PHE A 435 8.37 32.64 -10.31
N ALA A 436 7.04 32.48 -10.27
CA ALA A 436 6.44 31.16 -10.16
C ALA A 436 5.24 31.08 -11.10
N ILE A 437 5.16 30.00 -11.88
CA ILE A 437 4.06 29.84 -12.85
C ILE A 437 3.48 28.43 -12.88
N GLY A 438 2.31 28.31 -13.51
CA GLY A 438 1.64 27.04 -13.60
C GLY A 438 1.30 26.50 -12.23
N ASP A 439 1.67 25.24 -11.97
CA ASP A 439 1.42 24.61 -10.68
C ASP A 439 2.14 25.34 -9.56
N CYS A 440 3.26 25.97 -9.88
CA CYS A 440 4.05 26.67 -8.87
C CYS A 440 3.42 27.95 -8.34
N ALA A 441 2.46 28.51 -9.06
CA ALA A 441 1.81 29.75 -8.61
C ALA A 441 0.49 29.41 -7.93
N GLY A 442 0.33 29.86 -6.69
CA GLY A 442 -0.88 29.56 -5.94
C GLY A 442 -1.97 30.62 -5.99
N ALA A 443 -3.13 30.27 -5.42
CA ALA A 443 -4.27 31.19 -5.35
C ALA A 443 -4.94 31.56 -6.68
N ASN A 444 -4.53 30.94 -7.78
CA ASN A 444 -5.21 31.20 -9.05
C ASN A 444 -5.16 29.92 -9.90
N PRO A 445 -6.08 28.99 -9.57
CA PRO A 445 -6.25 27.68 -10.20
C PRO A 445 -7.13 27.73 -11.44
N HIS A 446 -7.47 26.54 -11.93
CA HIS A 446 -8.30 26.40 -13.12
C HIS A 446 -7.61 26.98 -14.35
N LYS A 447 -6.29 26.90 -14.35
CA LYS A 447 -5.50 27.39 -15.48
C LYS A 447 -5.39 26.27 -16.51
N PHE A 448 -5.11 25.07 -16.00
CA PHE A 448 -4.96 23.88 -16.82
C PHE A 448 -3.89 24.08 -17.91
N SER A 449 -4.03 23.39 -19.04
CA SER A 449 -3.03 23.51 -20.10
C SER A 449 -2.88 24.94 -20.64
N SER A 450 -3.96 25.47 -21.20
CA SER A 450 -3.94 26.81 -21.77
C SER A 450 -3.58 27.89 -20.75
N GLY A 451 -4.17 27.80 -19.56
CA GLY A 451 -3.89 28.78 -18.53
C GLY A 451 -2.48 28.76 -17.98
N SER A 452 -1.89 27.56 -17.89
CA SER A 452 -0.53 27.43 -17.38
C SER A 452 0.47 27.98 -18.39
N PHE A 453 0.25 27.69 -19.66
CA PHE A 453 1.12 28.18 -20.72
C PHE A 453 1.02 29.71 -20.67
N THR A 454 -0.21 30.19 -20.55
CA THR A 454 -0.48 31.63 -20.51
C THR A 454 0.19 32.31 -19.31
N GLU A 455 0.07 31.71 -18.13
CA GLU A 455 0.69 32.32 -16.95
C GLU A 455 2.20 32.40 -17.16
N GLY A 456 2.74 31.44 -17.92
CA GLY A 456 4.16 31.45 -18.19
C GLY A 456 4.52 32.65 -19.05
N ARG A 457 3.68 32.94 -20.03
CA ARG A 457 3.92 34.08 -20.92
C ARG A 457 3.93 35.34 -20.07
N ILE A 458 2.91 35.49 -19.23
CA ILE A 458 2.77 36.64 -18.35
C ILE A 458 4.02 36.88 -17.51
N ALA A 459 4.51 35.84 -16.83
CA ALA A 459 5.71 35.99 -16.00
C ALA A 459 6.96 36.27 -16.82
N ALA A 460 6.99 35.72 -18.03
CA ALA A 460 8.13 35.90 -18.93
C ALA A 460 8.29 37.36 -19.31
N LYS A 461 7.18 38.01 -19.67
CA LYS A 461 7.25 39.42 -20.04
C LYS A 461 7.63 40.24 -18.81
N ALA A 462 7.06 39.87 -17.66
CA ALA A 462 7.34 40.59 -16.43
C ALA A 462 8.81 40.45 -16.06
N ALA A 463 9.39 39.29 -16.36
CA ALA A 463 10.80 39.02 -16.05
C ALA A 463 11.70 39.90 -16.91
N VAL A 464 11.33 40.08 -18.17
CA VAL A 464 12.13 40.91 -19.07
C VAL A 464 12.02 42.35 -18.59
N ARG A 465 10.80 42.75 -18.23
CA ARG A 465 10.56 44.10 -17.74
C ARG A 465 11.35 44.35 -16.46
N PHE A 466 11.35 43.36 -15.58
CA PHE A 466 12.07 43.43 -14.32
C PHE A 466 13.56 43.63 -14.58
N ILE A 467 14.10 42.84 -15.50
CA ILE A 467 15.52 42.92 -15.80
C ILE A 467 15.91 44.27 -16.39
N LEU A 468 15.13 44.75 -17.35
CA LEU A 468 15.42 46.03 -17.97
C LEU A 468 15.18 47.23 -17.07
N GLU A 469 14.20 47.13 -16.17
CA GLU A 469 13.88 48.23 -15.27
C GLU A 469 14.77 48.28 -14.01
N GLN A 470 14.91 47.15 -13.33
CA GLN A 470 15.73 47.09 -12.12
C GLN A 470 17.21 46.86 -12.40
N LYS A 471 17.52 46.30 -13.57
CA LYS A 471 18.89 46.04 -13.96
C LYS A 471 19.70 45.36 -12.85
N PRO A 472 19.27 44.14 -12.44
CA PRO A 472 19.98 43.43 -11.38
C PRO A 472 21.26 42.78 -11.89
N ASN A 473 22.20 42.52 -10.99
CA ASN A 473 23.46 41.88 -11.32
C ASN A 473 23.86 40.97 -10.15
N PRO A 474 23.02 39.96 -9.86
CA PRO A 474 23.24 39.00 -8.77
C PRO A 474 24.59 38.30 -8.83
N GLU A 475 25.18 38.07 -7.67
CA GLU A 475 26.45 37.36 -7.61
C GLU A 475 26.23 36.08 -6.80
N ILE A 476 26.65 34.95 -7.34
CA ILE A 476 26.48 33.69 -6.63
C ILE A 476 27.61 33.49 -5.63
N ASP A 477 27.29 32.87 -4.50
CA ASP A 477 28.28 32.61 -3.46
C ASP A 477 28.99 31.31 -3.80
N ASP A 478 30.26 31.41 -4.19
CA ASP A 478 31.04 30.23 -4.56
C ASP A 478 31.16 29.22 -3.42
N ALA A 479 31.19 29.72 -2.19
CA ALA A 479 31.30 28.84 -1.02
C ALA A 479 30.03 28.00 -0.89
N VAL A 480 28.90 28.62 -1.15
CA VAL A 480 27.62 27.91 -1.09
C VAL A 480 27.55 26.91 -2.23
N VAL A 481 27.99 27.33 -3.41
CA VAL A 481 27.98 26.46 -4.57
C VAL A 481 28.73 25.15 -4.32
N GLU A 482 29.92 25.24 -3.72
CA GLU A 482 30.70 24.04 -3.45
C GLU A 482 30.02 23.16 -2.42
N GLU A 483 29.39 23.78 -1.44
CA GLU A 483 28.67 23.03 -0.40
C GLU A 483 27.55 22.23 -1.06
N LEU A 484 26.80 22.90 -1.94
CA LEU A 484 25.70 22.26 -2.66
C LEU A 484 26.18 21.16 -3.58
N LYS A 485 27.37 21.34 -4.17
CA LYS A 485 27.91 20.33 -5.07
C LYS A 485 28.23 19.08 -4.27
N LYS A 486 28.74 19.27 -3.06
CA LYS A 486 29.07 18.15 -2.19
C LYS A 486 27.78 17.45 -1.79
N LYS A 487 26.78 18.24 -1.43
CA LYS A 487 25.49 17.69 -1.04
C LYS A 487 24.86 16.96 -2.22
N ALA A 488 25.04 17.51 -3.41
CA ALA A 488 24.49 16.92 -4.62
C ALA A 488 24.83 15.44 -4.77
N TYR A 489 26.11 15.11 -4.63
CA TYR A 489 26.51 13.71 -4.79
C TYR A 489 26.75 12.97 -3.48
N ALA A 490 26.47 13.62 -2.35
CA ALA A 490 26.66 12.98 -1.05
C ALA A 490 25.99 11.61 -0.99
N PRO A 491 24.78 11.48 -1.55
CA PRO A 491 24.12 10.17 -1.50
C PRO A 491 24.97 9.05 -2.09
N MET A 492 25.66 9.35 -3.20
CA MET A 492 26.52 8.34 -3.83
C MET A 492 27.73 8.04 -2.96
N GLU A 493 28.29 9.08 -2.35
CA GLU A 493 29.46 8.88 -1.50
C GLU A 493 29.09 8.11 -0.24
N ARG A 494 27.87 8.31 0.26
CA ARG A 494 27.43 7.61 1.44
C ARG A 494 27.28 6.13 1.13
N PHE A 495 26.75 5.82 -0.05
CA PHE A 495 26.57 4.44 -0.46
C PHE A 495 27.91 3.72 -0.49
N MET A 496 28.90 4.34 -1.11
CA MET A 496 30.23 3.74 -1.19
C MET A 496 30.84 3.58 0.19
N GLN A 497 30.58 4.53 1.07
CA GLN A 497 31.12 4.52 2.41
C GLN A 497 30.49 3.53 3.40
N TYR A 498 29.25 3.12 3.15
CA TYR A 498 28.59 2.21 4.09
C TYR A 498 28.00 0.91 3.55
N LYS A 499 28.09 0.70 2.25
CA LYS A 499 27.54 -0.52 1.65
C LYS A 499 28.18 -1.79 2.18
N ASP A 500 29.39 -1.68 2.72
CA ASP A 500 30.09 -2.84 3.25
C ASP A 500 29.55 -3.34 4.58
N LEU A 501 28.65 -2.57 5.19
CA LEU A 501 28.06 -2.96 6.46
C LEU A 501 27.04 -4.09 6.29
N SER A 502 26.56 -4.27 5.07
CA SER A 502 25.57 -5.29 4.78
C SER A 502 25.80 -5.98 3.44
N THR A 503 25.44 -7.26 3.36
CA THR A 503 25.61 -8.02 2.12
C THR A 503 24.49 -7.68 1.12
N ALA A 504 23.52 -6.89 1.56
CA ALA A 504 22.42 -6.47 0.70
C ALA A 504 22.46 -4.95 0.60
N ASP A 505 22.54 -4.44 -0.63
CA ASP A 505 22.59 -3.00 -0.86
C ASP A 505 21.39 -2.23 -0.29
N ASP A 506 20.20 -2.82 -0.35
CA ASP A 506 19.02 -2.12 0.15
C ASP A 506 18.60 -2.38 1.60
N VAL A 507 19.44 -3.07 2.36
CA VAL A 507 19.13 -3.29 3.77
C VAL A 507 20.39 -2.89 4.53
N ASN A 508 20.48 -1.60 4.82
CA ASN A 508 21.64 -1.03 5.50
C ASN A 508 21.20 -0.17 6.67
N PRO A 509 21.93 -0.25 7.81
CA PRO A 509 21.60 0.53 9.00
C PRO A 509 22.04 1.99 8.97
N GLU A 510 22.95 2.33 8.05
CA GLU A 510 23.46 3.69 7.96
C GLU A 510 22.90 4.54 6.83
N TYR A 511 21.93 4.01 6.08
CA TYR A 511 21.34 4.80 5.02
C TYR A 511 20.01 4.25 4.52
N ILE A 512 19.29 5.10 3.80
CA ILE A 512 18.02 4.73 3.21
C ILE A 512 18.13 5.10 1.73
N LEU A 513 17.51 4.31 0.88
CA LEU A 513 17.52 4.58 -0.56
C LEU A 513 16.28 5.43 -0.84
N PRO A 514 16.27 6.16 -1.95
CA PRO A 514 15.12 7.00 -2.29
C PRO A 514 13.75 6.30 -2.20
N TRP A 515 13.62 5.10 -2.72
CA TRP A 515 12.32 4.43 -2.66
C TRP A 515 11.90 4.10 -1.23
N GLN A 516 12.87 3.85 -0.37
CA GLN A 516 12.58 3.53 1.02
C GLN A 516 12.09 4.77 1.76
N GLY A 517 12.75 5.90 1.53
CA GLY A 517 12.33 7.14 2.16
C GLY A 517 10.97 7.57 1.62
N LEU A 518 10.72 7.28 0.35
CA LEU A 518 9.45 7.65 -0.28
C LEU A 518 8.29 6.84 0.31
N VAL A 519 8.50 5.53 0.48
CA VAL A 519 7.48 4.66 1.06
C VAL A 519 7.09 5.21 2.43
N ARG A 520 8.11 5.61 3.19
CA ARG A 520 7.94 6.15 4.53
C ARG A 520 7.16 7.47 4.49
N LEU A 521 7.54 8.38 3.60
CA LEU A 521 6.84 9.66 3.48
C LEU A 521 5.36 9.41 3.18
N GLN A 522 5.10 8.55 2.20
CA GLN A 522 3.74 8.23 1.79
C GLN A 522 2.87 7.68 2.91
N LYS A 523 3.46 6.82 3.75
CA LYS A 523 2.75 6.24 4.88
C LYS A 523 2.42 7.31 5.93
N ILE A 524 3.37 8.20 6.20
CA ILE A 524 3.15 9.27 7.18
C ILE A 524 2.00 10.17 6.74
N MET A 525 2.07 10.65 5.51
CA MET A 525 1.07 11.53 4.95
C MET A 525 -0.29 10.85 4.84
N ASP A 526 -0.27 9.60 4.41
CA ASP A 526 -1.51 8.84 4.27
C ASP A 526 -2.23 8.67 5.61
N GLU A 527 -1.47 8.31 6.64
CA GLU A 527 -2.06 8.05 7.95
C GLU A 527 -2.32 9.27 8.85
N TYR A 528 -1.59 10.36 8.64
CA TYR A 528 -1.78 11.54 9.49
C TYR A 528 -2.18 12.84 8.80
N ALA A 529 -1.97 12.95 7.50
CA ALA A 529 -2.28 14.18 6.80
C ALA A 529 -3.52 14.13 5.91
N ALA A 530 -4.55 13.42 6.36
CA ALA A 530 -5.79 13.30 5.61
C ALA A 530 -5.62 12.60 4.26
N GLY A 531 -5.03 11.42 4.28
CA GLY A 531 -4.86 10.66 3.06
C GLY A 531 -6.06 9.73 2.93
N ILE A 532 -5.99 8.78 2.01
CA ILE A 532 -7.08 7.84 1.80
C ILE A 532 -7.32 6.95 3.02
N ALA A 533 -6.25 6.69 3.78
CA ALA A 533 -6.33 5.83 4.96
C ALA A 533 -7.43 6.26 5.93
N THR A 534 -7.61 7.56 6.12
CA THR A 534 -8.62 8.05 7.03
C THR A 534 -9.77 8.72 6.28
N ILE A 535 -9.90 8.37 5.00
CA ILE A 535 -10.94 8.95 4.17
C ILE A 535 -10.83 10.47 4.23
N TYR A 536 -9.61 10.95 4.08
CA TYR A 536 -9.28 12.37 4.06
C TYR A 536 -9.62 13.18 5.32
N LYS A 537 -9.59 12.53 6.48
CA LYS A 537 -9.88 13.22 7.75
C LYS A 537 -8.58 13.36 8.54
N THR A 538 -8.46 14.44 9.29
CA THR A 538 -7.30 14.65 10.12
C THR A 538 -7.69 15.64 11.23
N ASN A 539 -6.77 15.88 12.16
CA ASN A 539 -7.00 16.80 13.26
C ASN A 539 -5.68 17.32 13.79
N GLU A 540 -5.73 18.21 14.76
CA GLU A 540 -4.51 18.79 15.32
C GLU A 540 -3.49 17.75 15.76
N LYS A 541 -3.93 16.77 16.54
CA LYS A 541 -3.04 15.73 17.05
C LYS A 541 -2.38 14.90 15.95
N MET A 542 -3.15 14.54 14.94
CA MET A 542 -2.60 13.76 13.83
C MET A 542 -1.54 14.56 13.08
N LEU A 543 -1.87 15.81 12.76
CA LEU A 543 -0.96 16.68 12.04
C LEU A 543 0.32 16.92 12.86
N GLN A 544 0.18 17.07 14.18
CA GLN A 544 1.34 17.28 15.03
C GLN A 544 2.24 16.05 15.00
N ARG A 545 1.62 14.88 15.00
CA ARG A 545 2.39 13.64 14.95
C ARG A 545 3.07 13.56 13.60
N ALA A 546 2.38 14.00 12.55
CA ALA A 546 2.96 13.99 11.21
C ALA A 546 4.26 14.79 11.24
N LEU A 547 4.22 15.97 11.84
CA LEU A 547 5.42 16.81 11.92
C LEU A 547 6.56 16.10 12.65
N GLU A 548 6.24 15.38 13.72
CA GLU A 548 7.28 14.67 14.45
C GLU A 548 7.86 13.57 13.57
N LEU A 549 7.02 12.87 12.82
CA LEU A 549 7.52 11.80 11.96
C LEU A 549 8.30 12.36 10.76
N LEU A 550 7.84 13.49 10.23
CA LEU A 550 8.52 14.11 9.10
C LEU A 550 9.89 14.63 9.55
N ALA A 551 9.98 15.01 10.83
CA ALA A 551 11.22 15.51 11.38
C ALA A 551 12.24 14.38 11.40
N PHE A 552 11.80 13.18 11.78
CA PHE A 552 12.67 12.02 11.79
C PHE A 552 13.13 11.74 10.36
N LEU A 553 12.19 11.77 9.43
CA LEU A 553 12.49 11.52 8.04
C LEU A 553 13.44 12.56 7.47
N LYS A 554 13.21 13.82 7.80
CA LYS A 554 14.06 14.90 7.30
C LYS A 554 15.50 14.67 7.76
N GLU A 555 15.66 14.28 9.03
CA GLU A 555 16.99 14.03 9.56
C GLU A 555 17.62 12.86 8.82
N ASP A 556 16.81 11.85 8.50
CA ASP A 556 17.33 10.68 7.78
C ASP A 556 17.67 10.97 6.32
N LEU A 557 17.23 12.11 5.81
CA LEU A 557 17.55 12.47 4.42
C LEU A 557 19.05 12.73 4.34
N GLU A 558 19.64 13.12 5.46
CA GLU A 558 21.07 13.39 5.52
C GLU A 558 21.83 12.07 5.39
N LYS A 559 21.10 10.95 5.45
CA LYS A 559 21.71 9.64 5.31
C LYS A 559 21.15 8.90 4.11
N LEU A 560 20.76 9.66 3.09
CA LEU A 560 20.23 9.10 1.85
C LEU A 560 21.41 8.55 1.05
N ALA A 561 21.14 7.51 0.28
CA ALA A 561 22.16 6.89 -0.56
C ALA A 561 21.62 6.76 -1.97
N ALA A 562 22.50 6.66 -2.95
CA ALA A 562 22.12 6.53 -4.36
C ALA A 562 23.16 5.66 -5.06
N ARG A 563 22.69 4.74 -5.89
CA ARG A 563 23.60 3.83 -6.59
C ARG A 563 23.93 4.21 -8.03
N ASP A 564 23.17 5.15 -8.60
CA ASP A 564 23.43 5.62 -9.94
C ASP A 564 22.80 6.99 -10.14
N LEU A 565 23.02 7.60 -11.30
CA LEU A 565 22.48 8.93 -11.55
C LEU A 565 20.96 8.97 -11.48
N HIS A 566 20.31 7.93 -11.98
CA HIS A 566 18.85 7.86 -11.96
C HIS A 566 18.35 7.95 -10.53
N GLU A 567 18.94 7.14 -9.65
CA GLU A 567 18.54 7.11 -8.25
C GLU A 567 18.99 8.37 -7.52
N LEU A 568 20.00 9.05 -8.04
CA LEU A 568 20.46 10.28 -7.40
C LEU A 568 19.38 11.33 -7.62
N MET A 569 18.76 11.29 -8.80
CA MET A 569 17.68 12.23 -9.10
C MET A 569 16.50 11.86 -8.19
N ARG A 570 16.23 10.57 -8.08
CA ARG A 570 15.14 10.09 -7.23
C ARG A 570 15.37 10.54 -5.79
N ALA A 571 16.62 10.56 -5.36
CA ALA A 571 16.96 10.99 -4.01
C ALA A 571 16.56 12.45 -3.81
N TRP A 572 16.87 13.31 -4.77
CA TRP A 572 16.51 14.71 -4.62
C TRP A 572 15.01 14.95 -4.83
N GLU A 573 14.37 14.13 -5.63
CA GLU A 573 12.93 14.28 -5.83
C GLU A 573 12.28 13.97 -4.49
N LEU A 574 12.85 13.02 -3.75
CA LEU A 574 12.33 12.67 -2.43
C LEU A 574 12.49 13.87 -1.49
N VAL A 575 13.69 14.43 -1.46
CA VAL A 575 13.97 15.60 -0.63
C VAL A 575 12.95 16.69 -0.91
N HIS A 576 12.69 16.94 -2.19
CA HIS A 576 11.73 17.96 -2.57
C HIS A 576 10.34 17.63 -2.01
N ARG A 577 9.94 16.36 -2.14
CA ARG A 577 8.63 15.93 -1.66
C ARG A 577 8.45 16.06 -0.15
N VAL A 578 9.50 15.71 0.60
CA VAL A 578 9.42 15.76 2.06
C VAL A 578 9.14 17.18 2.55
N TRP A 579 9.90 18.15 2.03
CA TRP A 579 9.69 19.54 2.43
C TRP A 579 8.33 20.03 1.98
N THR A 580 7.91 19.59 0.80
CA THR A 580 6.60 19.99 0.28
C THR A 580 5.55 19.43 1.23
N ALA A 581 5.75 18.20 1.67
CA ALA A 581 4.83 17.54 2.58
C ALA A 581 4.74 18.29 3.92
N GLU A 582 5.88 18.69 4.46
CA GLU A 582 5.88 19.41 5.72
C GLU A 582 5.09 20.72 5.63
N ALA A 583 5.29 21.45 4.54
CA ALA A 583 4.59 22.71 4.34
C ALA A 583 3.08 22.47 4.28
N HIS A 584 2.69 21.40 3.59
CA HIS A 584 1.28 21.06 3.46
C HIS A 584 0.69 20.79 4.84
N VAL A 585 1.40 20.00 5.64
CA VAL A 585 0.95 19.68 7.00
C VAL A 585 0.86 20.94 7.87
N ARG A 586 1.89 21.77 7.84
CA ARG A 586 1.86 22.98 8.66
C ARG A 586 0.71 23.89 8.26
N HIS A 587 0.42 23.97 6.96
CA HIS A 587 -0.69 24.78 6.48
C HIS A 587 -2.03 24.22 6.94
N MET A 588 -2.20 22.90 6.82
CA MET A 588 -3.46 22.29 7.25
C MET A 588 -3.65 22.47 8.76
N LEU A 589 -2.54 22.43 9.50
CA LEU A 589 -2.61 22.60 10.95
C LEU A 589 -2.98 24.03 11.31
N PHE A 590 -2.46 24.97 10.52
CA PHE A 590 -2.71 26.39 10.78
C PHE A 590 -4.15 26.84 10.60
N ARG A 591 -4.78 26.45 9.49
CA ARG A 591 -6.16 26.84 9.22
C ARG A 591 -7.15 26.04 10.06
N LYS A 592 -7.72 26.70 11.06
CA LYS A 592 -8.67 26.03 11.95
C LYS A 592 -10.10 26.05 11.43
N GLU A 593 -10.34 25.31 10.35
CA GLU A 593 -11.66 25.19 9.74
C GLU A 593 -11.64 24.12 8.66
N THR A 594 -12.82 23.79 8.17
CA THR A 594 -12.99 22.82 7.09
C THR A 594 -13.74 23.57 6.00
N ARG A 595 -12.99 24.20 5.10
CA ARG A 595 -13.58 24.98 4.02
C ARG A 595 -13.83 24.17 2.76
N TRP A 596 -13.05 23.10 2.59
CA TRP A 596 -13.19 22.27 1.41
C TRP A 596 -13.51 20.82 1.77
N PRO A 597 -14.66 20.57 2.40
CA PRO A 597 -14.95 19.17 2.73
C PRO A 597 -15.00 18.49 1.36
N GLY A 598 -14.48 17.27 1.28
CA GLY A 598 -14.45 16.60 0.00
C GLY A 598 -12.99 16.49 -0.39
N TYR A 599 -12.20 17.46 0.06
CA TYR A 599 -10.76 17.49 -0.19
C TYR A 599 -10.07 17.05 1.11
N TYR A 600 -10.56 17.57 2.24
CA TYR A 600 -10.07 17.16 3.55
C TYR A 600 -11.00 17.68 4.64
N TYR A 601 -10.99 16.99 5.79
CA TYR A 601 -11.83 17.37 6.90
C TYR A 601 -10.99 17.53 8.15
N ARG A 602 -11.19 18.63 8.87
CA ARG A 602 -10.52 18.85 10.15
C ARG A 602 -11.65 18.47 11.09
N THR A 603 -11.61 17.25 11.62
CA THR A 603 -12.67 16.80 12.51
C THR A 603 -12.79 17.64 13.77
N ASP A 604 -11.70 18.29 14.17
CA ASP A 604 -11.73 19.14 15.35
C ASP A 604 -12.27 20.56 15.05
N TYR A 605 -12.35 20.89 13.76
CA TYR A 605 -12.91 22.18 13.30
C TYR A 605 -13.65 21.83 12.01
N PRO A 606 -14.72 21.04 12.13
CA PRO A 606 -15.59 20.54 11.05
C PRO A 606 -16.36 21.54 10.20
N GLU A 607 -16.44 22.80 10.61
CA GLU A 607 -17.20 23.77 9.86
C GLU A 607 -16.40 24.79 9.08
N LEU A 608 -17.05 25.36 8.06
CA LEU A 608 -16.45 26.40 7.25
C LEU A 608 -16.65 27.68 8.05
N ASN A 609 -15.58 28.46 8.22
CA ASN A 609 -15.64 29.68 9.02
C ASN A 609 -15.33 30.96 8.24
N ASP A 610 -16.37 31.59 7.68
CA ASP A 610 -16.17 32.83 6.94
C ASP A 610 -16.03 34.05 7.84
N GLU A 611 -16.20 33.86 9.14
CA GLU A 611 -16.07 34.97 10.08
C GLU A 611 -14.61 35.21 10.43
N GLU A 612 -13.85 34.13 10.54
CA GLU A 612 -12.44 34.23 10.92
C GLU A 612 -11.44 33.66 9.93
N TRP A 613 -11.90 32.87 8.96
CA TRP A 613 -10.95 32.28 8.03
C TRP A 613 -11.14 32.53 6.54
N LYS A 614 -11.84 33.60 6.19
CA LYS A 614 -12.01 33.90 4.76
C LYS A 614 -10.78 34.71 4.38
N CYS A 615 -9.64 34.02 4.42
CA CYS A 615 -8.36 34.63 4.13
C CYS A 615 -7.44 33.60 3.52
N PHE A 616 -6.41 34.09 2.84
CA PHE A 616 -5.43 33.22 2.25
C PHE A 616 -4.43 32.98 3.37
N VAL A 617 -3.92 31.77 3.48
CA VAL A 617 -2.94 31.49 4.51
C VAL A 617 -1.60 31.48 3.80
N CYS A 618 -0.72 32.38 4.21
CA CYS A 618 0.60 32.49 3.60
C CYS A 618 1.66 32.18 4.63
N SER A 619 2.75 31.56 4.19
CA SER A 619 3.81 31.21 5.10
C SER A 619 5.17 31.45 4.49
N LYS A 620 6.17 31.51 5.37
CA LYS A 620 7.55 31.70 4.93
C LYS A 620 8.45 30.83 5.79
N TYR A 621 9.40 30.17 5.14
CA TYR A 621 10.35 29.35 5.86
C TYR A 621 11.68 30.07 5.83
N ASP A 622 12.25 30.28 7.01
CA ASP A 622 13.55 30.95 7.12
C ASP A 622 14.57 29.84 7.36
N ALA A 623 15.33 29.51 6.32
CA ALA A 623 16.33 28.46 6.39
C ALA A 623 17.38 28.67 7.49
N GLU A 624 17.84 29.90 7.65
CA GLU A 624 18.86 30.21 8.65
C GLU A 624 18.36 29.97 10.07
N LYS A 625 17.14 30.42 10.36
CA LYS A 625 16.56 30.25 11.69
C LYS A 625 15.78 28.95 11.81
N ASP A 626 15.50 28.32 10.67
CA ASP A 626 14.74 27.08 10.63
C ASP A 626 13.39 27.32 11.32
N GLU A 627 12.74 28.43 10.96
CA GLU A 627 11.45 28.77 11.54
C GLU A 627 10.40 29.03 10.48
N TRP A 628 9.17 28.61 10.75
CA TRP A 628 8.05 28.82 9.83
C TRP A 628 7.17 29.91 10.42
N THR A 629 6.85 30.90 9.60
CA THR A 629 5.99 32.00 10.04
C THR A 629 4.74 31.99 9.17
N PHE A 630 3.58 32.18 9.79
CA PHE A 630 2.32 32.19 9.06
C PHE A 630 1.63 33.53 9.16
N GLU A 631 0.90 33.88 8.10
CA GLU A 631 0.18 35.13 8.04
C GLU A 631 -1.16 34.95 7.34
N LYS A 632 -2.16 35.71 7.78
CA LYS A 632 -3.48 35.63 7.20
C LYS A 632 -3.76 36.88 6.36
N VAL A 633 -4.06 36.69 5.08
CA VAL A 633 -4.36 37.79 4.19
C VAL A 633 -5.84 37.71 3.83
N PRO A 634 -6.65 38.61 4.37
CA PRO A 634 -8.09 38.58 4.06
C PRO A 634 -8.37 38.65 2.56
N TYR A 635 -9.37 37.89 2.14
CA TYR A 635 -9.79 37.88 0.74
C TYR A 635 -10.63 39.12 0.50
N VAL A 636 -10.44 39.73 -0.66
CA VAL A 636 -11.22 40.89 -1.06
C VAL A 636 -11.72 40.58 -2.45
N GLN A 637 -12.97 40.91 -2.74
CA GLN A 637 -13.50 40.67 -4.07
C GLN A 637 -12.95 41.74 -5.00
N VAL A 638 -12.15 41.33 -5.98
CA VAL A 638 -11.55 42.26 -6.92
C VAL A 638 -12.42 42.52 -8.14
N ILE A 639 -13.09 41.47 -8.62
CA ILE A 639 -13.95 41.58 -9.80
C ILE A 639 -15.44 41.64 -9.45
N GLU A 640 -16.17 42.39 -10.26
CA GLU A 640 -17.61 42.53 -10.05
C GLU A 640 -18.38 41.28 -10.44
N TRP A 641 -19.12 40.73 -9.48
CA TRP A 641 -19.95 39.55 -9.72
C TRP A 641 -20.78 39.25 -8.48
N SER A 642 -21.86 38.50 -8.66
CA SER A 642 -22.74 38.14 -7.56
C SER A 642 -23.13 36.67 -7.61
N PHE A 643 -23.55 36.12 -6.49
CA PHE A 643 -23.95 34.72 -6.44
C PHE A 643 -25.26 34.55 -7.21
N VAL B 2 7.92 -7.69 -3.17
CA VAL B 2 8.69 -7.81 -4.41
C VAL B 2 9.85 -8.78 -4.21
N TYR B 3 10.13 -9.58 -5.24
CA TYR B 3 11.23 -10.54 -5.18
C TYR B 3 12.11 -10.48 -6.42
N TYR B 4 13.42 -10.38 -6.20
CA TYR B 4 14.40 -10.34 -7.29
C TYR B 4 15.42 -11.45 -7.04
N PRO B 5 15.19 -12.64 -7.63
CA PRO B 5 16.16 -13.73 -7.41
C PRO B 5 17.56 -13.40 -7.89
N LYS B 6 18.56 -13.88 -7.15
CA LYS B 6 19.96 -13.66 -7.47
C LYS B 6 20.26 -14.38 -8.77
N LYS B 7 19.82 -15.62 -8.87
CA LYS B 7 20.02 -16.42 -10.07
C LYS B 7 18.88 -17.41 -10.25
N TYR B 8 18.73 -17.92 -11.47
CA TYR B 8 17.68 -18.87 -11.78
C TYR B 8 17.92 -20.25 -11.17
N GLU B 9 16.82 -20.97 -10.97
CA GLU B 9 16.83 -22.31 -10.40
C GLU B 9 15.58 -22.94 -11.02
N LEU B 10 15.68 -23.26 -12.31
CA LEU B 10 14.56 -23.81 -13.07
C LEU B 10 14.62 -25.29 -13.35
N TYR B 11 13.45 -25.94 -13.25
CA TYR B 11 13.35 -27.37 -13.50
C TYR B 11 12.04 -27.67 -14.20
N LYS B 12 12.04 -28.73 -15.01
CA LYS B 12 10.84 -29.17 -15.71
C LYS B 12 10.34 -30.39 -14.94
N ALA B 13 9.03 -30.54 -14.85
CA ALA B 13 8.44 -31.67 -14.13
C ALA B 13 9.10 -33.00 -14.47
N ASP B 14 9.17 -33.32 -15.76
CA ASP B 14 9.76 -34.59 -16.21
C ASP B 14 11.21 -34.82 -15.82
N GLU B 15 11.91 -33.77 -15.41
CA GLU B 15 13.31 -33.90 -15.02
C GLU B 15 13.49 -33.91 -13.52
N VAL B 16 12.37 -33.86 -12.79
CA VAL B 16 12.43 -33.87 -11.33
C VAL B 16 12.11 -35.26 -10.80
N PRO B 17 12.99 -35.81 -9.96
CA PRO B 17 12.75 -37.15 -9.41
C PRO B 17 11.65 -37.12 -8.34
N THR B 18 10.83 -38.16 -8.34
CA THR B 18 9.75 -38.28 -7.37
C THR B 18 10.17 -39.22 -6.25
N GLU B 19 10.01 -38.77 -5.00
CA GLU B 19 10.33 -39.62 -3.87
C GLU B 19 9.02 -39.99 -3.20
N VAL B 20 8.73 -41.29 -3.16
CA VAL B 20 7.49 -41.76 -2.56
C VAL B 20 7.72 -42.10 -1.09
N VAL B 21 6.82 -41.64 -0.24
CA VAL B 21 6.89 -41.89 1.18
C VAL B 21 5.60 -42.54 1.65
N GLU B 22 5.71 -43.75 2.20
CA GLU B 22 4.55 -44.48 2.69
C GLU B 22 4.49 -44.34 4.19
N THR B 23 3.32 -44.00 4.71
CA THR B 23 3.15 -43.82 6.13
C THR B 23 1.71 -44.10 6.50
N ASP B 24 1.40 -44.09 7.79
CA ASP B 24 0.04 -44.34 8.22
C ASP B 24 -0.63 -43.01 8.55
N ILE B 25 0.04 -42.18 9.33
CA ILE B 25 -0.49 -40.87 9.70
C ILE B 25 0.44 -39.78 9.20
N LEU B 26 -0.10 -38.88 8.38
CA LEU B 26 0.68 -37.78 7.82
C LEU B 26 0.19 -36.48 8.45
N ILE B 27 1.11 -35.73 9.05
CA ILE B 27 0.79 -34.45 9.67
C ILE B 27 1.42 -33.36 8.80
N ILE B 28 0.58 -32.50 8.24
CA ILE B 28 1.05 -31.42 7.37
C ILE B 28 1.24 -30.15 8.17
N GLY B 29 2.50 -29.81 8.43
CA GLY B 29 2.80 -28.60 9.20
C GLY B 29 3.35 -28.94 10.58
N GLY B 30 4.55 -28.47 10.87
CA GLY B 30 5.17 -28.76 12.15
C GLY B 30 5.15 -27.58 13.12
N GLY B 31 3.99 -26.96 13.28
CA GLY B 31 3.87 -25.84 14.19
C GLY B 31 3.42 -26.34 15.54
N PHE B 32 2.68 -25.52 16.29
CA PHE B 32 2.22 -25.98 17.58
C PHE B 32 1.18 -27.09 17.55
N SER B 33 0.20 -26.99 16.65
CA SER B 33 -0.79 -28.05 16.58
C SER B 33 -0.12 -29.30 15.99
N GLY B 34 0.69 -29.10 14.95
CA GLY B 34 1.38 -30.21 14.31
C GLY B 34 2.28 -30.98 15.26
N CYS B 35 3.08 -30.27 16.04
CA CYS B 35 3.96 -30.93 16.99
C CYS B 35 3.13 -31.65 18.04
N GLY B 36 1.98 -31.08 18.38
CA GLY B 36 1.11 -31.72 19.36
C GLY B 36 0.63 -33.06 18.84
N ALA B 37 0.30 -33.10 17.55
CA ALA B 37 -0.18 -34.32 16.92
C ALA B 37 0.93 -35.36 16.79
N ALA B 38 2.13 -34.90 16.43
CA ALA B 38 3.28 -35.80 16.28
C ALA B 38 3.59 -36.44 17.63
N TYR B 39 3.57 -35.61 18.67
CA TYR B 39 3.83 -36.06 20.03
C TYR B 39 2.87 -37.17 20.47
N GLU B 40 1.57 -36.88 20.37
CA GLU B 40 0.55 -37.84 20.79
C GLU B 40 0.42 -39.04 19.87
N ALA B 41 0.61 -38.82 18.56
CA ALA B 41 0.50 -39.92 17.61
C ALA B 41 1.56 -40.98 17.94
N ALA B 42 2.77 -40.52 18.25
CA ALA B 42 3.88 -41.41 18.57
C ALA B 42 3.57 -42.31 19.74
N TYR B 43 2.80 -41.79 20.70
CA TYR B 43 2.43 -42.56 21.87
C TYR B 43 1.47 -43.69 21.53
N TRP B 44 0.34 -43.37 20.90
CA TRP B 44 -0.65 -44.38 20.56
C TRP B 44 -0.30 -45.27 19.38
N ALA B 45 0.52 -44.77 18.46
CA ALA B 45 0.91 -45.53 17.28
C ALA B 45 1.44 -46.92 17.61
N LYS B 46 2.13 -47.04 18.73
CA LYS B 46 2.70 -48.31 19.15
C LYS B 46 1.68 -49.46 19.14
N LEU B 47 0.43 -49.15 19.48
CA LEU B 47 -0.61 -50.17 19.51
C LEU B 47 -0.73 -50.98 18.22
N GLY B 48 -0.37 -50.36 17.09
CA GLY B 48 -0.46 -51.07 15.82
C GLY B 48 0.80 -50.94 14.99
N GLY B 49 1.89 -50.53 15.62
CA GLY B 49 3.15 -50.36 14.93
C GLY B 49 2.98 -49.36 13.79
N LEU B 50 2.10 -48.38 14.01
CA LEU B 50 1.83 -47.38 13.00
C LEU B 50 2.98 -46.40 12.78
N LYS B 51 3.15 -45.99 11.53
CA LYS B 51 4.19 -45.04 11.17
C LYS B 51 3.59 -43.63 11.16
N VAL B 52 4.29 -42.69 11.79
CA VAL B 52 3.84 -41.31 11.84
C VAL B 52 4.88 -40.45 11.14
N THR B 53 4.40 -39.59 10.23
CA THR B 53 5.28 -38.73 9.46
C THR B 53 4.89 -37.26 9.61
N LEU B 54 5.87 -36.41 9.87
CA LEU B 54 5.63 -34.98 10.01
C LEU B 54 6.34 -34.25 8.88
N VAL B 55 5.61 -33.43 8.14
CA VAL B 55 6.21 -32.68 7.03
C VAL B 55 6.05 -31.19 7.28
N GLU B 56 7.17 -30.48 7.19
CA GLU B 56 7.23 -29.04 7.45
C GLU B 56 7.93 -28.31 6.30
N LYS B 57 7.36 -27.19 5.86
CA LYS B 57 7.96 -26.43 4.76
C LYS B 57 9.23 -25.69 5.18
N ALA B 58 9.38 -25.44 6.47
CA ALA B 58 10.58 -24.76 6.98
C ALA B 58 11.29 -25.69 7.97
N ALA B 59 11.72 -25.14 9.11
CA ALA B 59 12.40 -25.93 10.14
C ALA B 59 11.60 -25.90 11.44
N VAL B 60 11.17 -27.08 11.88
CA VAL B 60 10.38 -27.22 13.08
C VAL B 60 10.90 -26.48 14.31
N GLU B 61 12.21 -26.32 14.41
CA GLU B 61 12.80 -25.63 15.56
C GLU B 61 12.22 -24.22 15.78
N ARG B 62 11.90 -23.52 14.70
CA ARG B 62 11.37 -22.16 14.83
C ARG B 62 10.19 -21.85 13.90
N SER B 63 9.69 -22.86 13.18
CA SER B 63 8.61 -22.64 12.23
C SER B 63 7.27 -22.21 12.81
N GLY B 64 6.54 -21.40 12.05
CA GLY B 64 5.22 -20.96 12.48
C GLY B 64 5.12 -19.72 13.34
N ALA B 65 3.93 -19.52 13.88
CA ALA B 65 3.59 -18.38 14.72
C ALA B 65 4.46 -18.14 15.96
N VAL B 66 5.05 -19.19 16.50
CA VAL B 66 5.87 -19.05 17.71
C VAL B 66 7.36 -18.91 17.44
N ALA B 67 7.69 -18.45 16.23
CA ALA B 67 9.09 -18.27 15.83
C ALA B 67 9.91 -17.40 16.78
N GLN B 68 9.33 -16.30 17.25
CA GLN B 68 10.05 -15.40 18.14
C GLN B 68 9.93 -15.81 19.60
N GLY B 69 8.98 -16.70 19.87
CA GLY B 69 8.71 -17.12 21.22
C GLY B 69 7.38 -16.48 21.56
N LEU B 70 6.89 -16.66 22.78
CA LEU B 70 5.63 -16.04 23.21
C LEU B 70 5.83 -15.55 24.64
N SER B 71 5.06 -14.56 25.03
CA SER B 71 5.18 -13.99 26.37
C SER B 71 4.19 -14.55 27.37
N ALA B 72 3.27 -15.37 26.89
CA ALA B 72 2.29 -15.97 27.76
C ALA B 72 1.64 -17.20 27.10
N ILE B 73 0.96 -17.99 27.93
CA ILE B 73 0.22 -19.14 27.45
C ILE B 73 -1.19 -18.57 27.65
N ASN B 74 -1.89 -18.35 26.54
CA ASN B 74 -3.21 -17.74 26.61
C ASN B 74 -4.37 -18.59 27.06
N THR B 75 -4.13 -19.89 27.21
CA THR B 75 -5.18 -20.78 27.69
C THR B 75 -4.67 -21.76 28.73
N TYR B 76 -5.06 -21.51 29.98
CA TYR B 76 -4.73 -22.36 31.10
C TYR B 76 -5.90 -22.20 32.06
N ILE B 77 -6.71 -23.24 32.18
CA ILE B 77 -7.89 -23.18 33.02
C ILE B 77 -7.54 -23.14 34.51
N ASP B 78 -6.71 -24.09 34.92
CA ASP B 78 -6.26 -24.26 36.30
C ASP B 78 -7.40 -24.81 37.15
N LEU B 79 -7.48 -26.13 37.20
CA LEU B 79 -8.53 -26.81 37.94
C LEU B 79 -8.09 -27.21 39.35
N THR B 80 -6.83 -26.95 39.71
CA THR B 80 -6.34 -27.34 41.02
C THR B 80 -5.67 -26.23 41.82
N GLY B 81 -5.50 -25.07 41.22
CA GLY B 81 -4.88 -23.97 41.93
C GLY B 81 -3.38 -23.79 41.79
N ARG B 82 -2.82 -24.14 40.64
CA ARG B 82 -1.38 -23.97 40.44
C ARG B 82 -1.06 -22.53 40.06
N SER B 83 -2.08 -21.78 39.67
CA SER B 83 -1.88 -20.39 39.29
C SER B 83 -2.54 -19.49 40.32
N GLU B 84 -2.44 -18.18 40.08
CA GLU B 84 -3.03 -17.21 40.98
C GLU B 84 -4.56 -17.21 40.89
N ARG B 85 -5.10 -17.88 39.89
CA ARG B 85 -6.55 -17.92 39.74
C ARG B 85 -7.08 -19.21 39.15
N GLN B 86 -7.93 -19.89 39.91
CA GLN B 86 -8.55 -21.14 39.46
C GLN B 86 -9.81 -20.81 38.68
N ASN B 87 -10.16 -21.68 37.74
CA ASN B 87 -11.35 -21.50 36.91
C ASN B 87 -12.05 -22.84 36.69
N THR B 88 -13.29 -22.77 36.21
CA THR B 88 -14.05 -23.98 35.92
C THR B 88 -14.17 -24.09 34.40
N LEU B 89 -14.39 -25.31 33.90
CA LEU B 89 -14.53 -25.53 32.46
C LEU B 89 -15.81 -24.90 31.92
N GLU B 90 -16.88 -24.92 32.73
CA GLU B 90 -18.14 -24.32 32.28
C GLU B 90 -18.01 -22.82 32.08
N ASP B 91 -17.26 -22.17 32.97
CA ASP B 91 -17.07 -20.72 32.87
C ASP B 91 -16.25 -20.42 31.61
N TYR B 92 -15.31 -21.30 31.29
CA TYR B 92 -14.48 -21.10 30.10
C TYR B 92 -15.32 -21.24 28.81
N VAL B 93 -16.14 -22.28 28.74
CA VAL B 93 -16.97 -22.48 27.56
C VAL B 93 -17.89 -21.27 27.37
N ARG B 94 -18.47 -20.76 28.45
CA ARG B 94 -19.33 -19.59 28.38
C ARG B 94 -18.55 -18.40 27.82
N TYR B 95 -17.35 -18.21 28.35
CA TYR B 95 -16.48 -17.12 27.94
C TYR B 95 -16.23 -17.14 26.43
N VAL B 96 -15.91 -18.32 25.91
CA VAL B 96 -15.62 -18.43 24.49
C VAL B 96 -16.86 -18.20 23.63
N THR B 97 -17.98 -18.79 24.01
CA THR B 97 -19.20 -18.62 23.24
C THR B 97 -19.65 -17.16 23.20
N LEU B 98 -19.54 -16.47 24.34
CA LEU B 98 -19.95 -15.08 24.38
C LEU B 98 -18.99 -14.20 23.56
N ASP B 99 -17.71 -14.53 23.59
CA ASP B 99 -16.71 -13.78 22.84
C ASP B 99 -16.95 -13.92 21.34
N MET B 100 -17.50 -15.06 20.94
CA MET B 100 -17.81 -15.34 19.54
C MET B 100 -19.19 -14.77 19.21
N MET B 101 -19.72 -13.96 20.12
CA MET B 101 -21.04 -13.36 19.93
C MET B 101 -22.11 -14.45 19.80
N GLY B 102 -21.99 -15.47 20.64
CA GLY B 102 -22.96 -16.55 20.67
C GLY B 102 -22.73 -17.78 19.84
N LEU B 103 -21.77 -17.75 18.92
CA LEU B 103 -21.53 -18.90 18.04
C LEU B 103 -20.19 -19.63 18.22
N ALA B 104 -20.24 -20.80 18.84
CA ALA B 104 -19.04 -21.61 19.03
C ALA B 104 -19.44 -23.07 19.24
N ARG B 105 -18.66 -24.00 18.68
CA ARG B 105 -18.94 -25.43 18.83
C ARG B 105 -18.48 -25.79 20.25
N GLU B 106 -19.38 -25.65 21.21
CA GLU B 106 -19.05 -25.90 22.60
C GLU B 106 -18.55 -27.30 22.92
N ASP B 107 -18.92 -28.28 22.11
CA ASP B 107 -18.46 -29.64 22.32
C ASP B 107 -16.97 -29.66 22.02
N LEU B 108 -16.56 -28.91 21.01
CA LEU B 108 -15.16 -28.84 20.63
C LEU B 108 -14.36 -28.02 21.64
N VAL B 109 -14.93 -26.89 22.07
CA VAL B 109 -14.27 -26.01 23.03
C VAL B 109 -14.11 -26.68 24.39
N ALA B 110 -15.18 -27.27 24.90
CA ALA B 110 -15.12 -27.94 26.18
C ALA B 110 -14.11 -29.09 26.10
N ASP B 111 -14.02 -29.70 24.91
CA ASP B 111 -13.11 -30.82 24.71
C ASP B 111 -11.64 -30.45 24.82
N TYR B 112 -11.20 -29.38 24.16
CA TYR B 112 -9.79 -29.04 24.28
C TYR B 112 -9.51 -28.44 25.64
N ALA B 113 -10.51 -27.79 26.23
CA ALA B 113 -10.36 -27.16 27.54
C ALA B 113 -10.14 -28.19 28.66
N ARG B 114 -10.78 -29.35 28.57
CA ARG B 114 -10.60 -30.34 29.62
C ARG B 114 -9.24 -31.02 29.51
N HIS B 115 -8.57 -30.85 28.37
CA HIS B 115 -7.27 -31.45 28.10
C HIS B 115 -6.07 -30.49 28.19
N VAL B 116 -6.31 -29.22 27.89
CA VAL B 116 -5.27 -28.20 27.83
C VAL B 116 -4.30 -28.04 29.00
N ASP B 117 -4.80 -28.08 30.24
CA ASP B 117 -3.92 -27.91 31.39
C ASP B 117 -2.84 -28.99 31.45
N GLY B 118 -3.18 -30.19 31.01
CA GLY B 118 -2.22 -31.28 31.01
C GLY B 118 -1.08 -30.96 30.05
N THR B 119 -1.42 -30.32 28.94
CA THR B 119 -0.41 -29.94 27.96
C THR B 119 0.52 -28.88 28.54
N VAL B 120 -0.05 -27.90 29.23
CA VAL B 120 0.75 -26.84 29.84
C VAL B 120 1.71 -27.42 30.88
N HIS B 121 1.21 -28.33 31.70
CA HIS B 121 2.04 -28.94 32.73
C HIS B 121 3.23 -29.67 32.11
N LEU B 122 2.98 -30.32 30.99
CA LEU B 122 4.05 -31.03 30.28
C LEU B 122 5.05 -30.01 29.79
N PHE B 123 4.54 -28.87 29.29
CA PHE B 123 5.42 -27.81 28.78
C PHE B 123 6.40 -27.37 29.87
N GLU B 124 5.91 -27.15 31.08
CA GLU B 124 6.77 -26.73 32.17
C GLU B 124 7.75 -27.84 32.53
N LYS B 125 7.26 -29.07 32.53
CA LYS B 125 8.11 -30.20 32.85
C LYS B 125 9.23 -30.33 31.83
N TRP B 126 8.96 -29.95 30.59
CA TRP B 126 9.96 -30.03 29.53
C TRP B 126 10.97 -28.89 29.54
N GLY B 127 10.80 -27.92 30.43
CA GLY B 127 11.76 -26.82 30.48
C GLY B 127 11.25 -25.41 30.29
N LEU B 128 9.99 -25.25 29.90
CA LEU B 128 9.47 -23.90 29.72
C LEU B 128 9.40 -23.19 31.06
N PRO B 129 10.03 -22.02 31.17
CA PRO B 129 10.01 -21.28 32.45
C PRO B 129 8.73 -20.47 32.56
N ILE B 130 7.90 -20.78 33.54
CA ILE B 130 6.67 -20.03 33.72
C ILE B 130 6.87 -19.04 34.86
N TRP B 131 6.40 -17.81 34.68
CA TRP B 131 6.52 -16.80 35.74
C TRP B 131 5.83 -17.35 36.98
N LYS B 132 6.43 -17.15 38.14
CA LYS B 132 5.83 -17.61 39.38
C LYS B 132 5.90 -16.54 40.45
N THR B 133 4.96 -16.61 41.39
CA THR B 133 4.90 -15.67 42.49
C THR B 133 5.82 -16.20 43.58
N PRO B 134 6.13 -15.37 44.59
CA PRO B 134 7.01 -15.85 45.65
C PRO B 134 6.45 -17.13 46.26
N ASP B 135 5.13 -17.27 46.22
CA ASP B 135 4.47 -18.45 46.77
C ASP B 135 4.52 -19.65 45.82
N GLY B 136 5.08 -19.44 44.63
CA GLY B 136 5.20 -20.52 43.67
C GLY B 136 4.05 -20.74 42.70
N LYS B 137 3.08 -19.82 42.67
CA LYS B 137 1.94 -19.96 41.77
C LYS B 137 2.27 -19.36 40.39
N TYR B 138 1.68 -19.92 39.34
CA TYR B 138 1.90 -19.39 38.00
C TYR B 138 1.30 -17.99 38.01
N VAL B 139 2.01 -17.02 37.44
CA VAL B 139 1.53 -15.65 37.41
C VAL B 139 0.46 -15.47 36.32
N ARG B 140 -0.72 -15.02 36.76
CA ARG B 140 -1.85 -14.78 35.85
C ARG B 140 -1.71 -13.44 35.13
N GLU B 141 -2.02 -13.44 33.85
CA GLU B 141 -1.98 -12.20 33.08
C GLU B 141 -3.39 -11.66 33.25
N GLY B 142 -4.34 -12.41 32.69
CA GLY B 142 -5.74 -12.06 32.81
C GLY B 142 -6.37 -13.23 33.55
N GLN B 143 -7.61 -13.57 33.20
CA GLN B 143 -8.26 -14.69 33.88
C GLN B 143 -7.83 -16.04 33.32
N TRP B 144 -7.56 -16.09 32.01
CA TRP B 144 -7.21 -17.33 31.35
C TRP B 144 -5.77 -17.53 30.93
N GLN B 145 -4.95 -16.49 31.06
CA GLN B 145 -3.57 -16.59 30.63
C GLN B 145 -2.57 -16.54 31.78
N ILE B 146 -1.40 -17.13 31.54
CA ILE B 146 -0.30 -17.11 32.53
C ILE B 146 0.93 -16.62 31.79
N MET B 147 1.75 -15.84 32.48
CA MET B 147 2.96 -15.28 31.89
C MET B 147 4.08 -16.31 31.83
N ILE B 148 4.86 -16.29 30.76
CA ILE B 148 5.95 -17.23 30.60
C ILE B 148 7.20 -16.56 30.04
N HIS B 149 8.35 -17.17 30.29
CA HIS B 149 9.61 -16.68 29.74
C HIS B 149 9.72 -17.60 28.54
N GLY B 150 8.93 -17.30 27.51
CA GLY B 150 8.88 -18.17 26.34
C GLY B 150 9.67 -17.90 25.07
N GLU B 151 10.84 -17.29 25.18
CA GLU B 151 11.64 -17.04 23.98
C GLU B 151 11.91 -18.34 23.24
N SER B 152 12.14 -19.43 23.97
CA SER B 152 12.41 -20.72 23.37
C SER B 152 11.21 -21.66 23.38
N TYR B 153 10.01 -21.09 23.45
CA TYR B 153 8.77 -21.86 23.48
C TYR B 153 8.71 -22.90 22.35
N LYS B 154 8.96 -22.47 21.11
CA LYS B 154 8.90 -23.40 19.99
C LYS B 154 10.03 -24.44 19.99
N PRO B 155 11.28 -24.00 20.22
CA PRO B 155 12.38 -24.98 20.23
C PRO B 155 12.14 -26.09 21.24
N ILE B 156 11.53 -25.74 22.37
CA ILE B 156 11.25 -26.73 23.41
C ILE B 156 10.18 -27.71 22.91
N ILE B 157 9.10 -27.18 22.34
CA ILE B 157 8.03 -28.03 21.83
C ILE B 157 8.53 -28.86 20.64
N ALA B 158 9.45 -28.28 19.86
CA ALA B 158 10.00 -28.98 18.71
C ALA B 158 10.83 -30.18 19.18
N GLU B 159 11.58 -29.99 20.25
CA GLU B 159 12.40 -31.06 20.83
C GLU B 159 11.52 -32.20 21.32
N ALA B 160 10.43 -31.85 21.99
CA ALA B 160 9.51 -32.84 22.50
C ALA B 160 8.93 -33.68 21.36
N ALA B 161 8.50 -33.01 20.30
CA ALA B 161 7.92 -33.71 19.15
C ALA B 161 8.97 -34.60 18.47
N LYS B 162 10.18 -34.07 18.35
CA LYS B 162 11.28 -34.80 17.73
C LYS B 162 11.63 -36.05 18.53
N MET B 163 11.70 -35.90 19.85
CA MET B 163 12.03 -37.03 20.73
C MET B 163 10.95 -38.11 20.65
N ALA B 164 9.72 -37.68 20.43
CA ALA B 164 8.58 -38.60 20.35
C ALA B 164 8.48 -39.35 19.03
N VAL B 165 8.45 -38.61 17.93
CA VAL B 165 8.29 -39.23 16.61
C VAL B 165 9.58 -39.67 15.93
N GLY B 166 10.71 -39.10 16.34
CA GLY B 166 11.96 -39.49 15.72
C GLY B 166 12.30 -38.60 14.54
N GLU B 167 13.54 -38.13 14.50
CA GLU B 167 13.99 -37.24 13.43
C GLU B 167 13.83 -37.81 12.02
N GLU B 168 14.02 -39.11 11.88
CA GLU B 168 13.91 -39.73 10.56
C GLU B 168 12.48 -39.70 10.02
N ASN B 169 11.54 -39.32 10.88
CA ASN B 169 10.13 -39.26 10.48
C ASN B 169 9.68 -37.81 10.27
N ILE B 170 10.63 -36.89 10.29
CA ILE B 170 10.35 -35.48 10.11
C ILE B 170 10.99 -34.99 8.81
N TYR B 171 10.16 -34.47 7.91
CA TYR B 171 10.64 -33.94 6.64
C TYR B 171 10.53 -32.42 6.64
N GLU B 172 11.66 -31.73 6.65
CA GLU B 172 11.66 -30.27 6.65
C GLU B 172 11.98 -29.72 5.27
N ARG B 173 11.61 -28.46 5.05
CA ARG B 173 11.83 -27.80 3.77
C ARG B 173 11.14 -28.52 2.62
N VAL B 174 9.93 -29.00 2.89
CA VAL B 174 9.11 -29.66 1.89
C VAL B 174 7.74 -28.99 1.95
N PHE B 175 7.35 -28.35 0.85
CA PHE B 175 6.07 -27.64 0.79
C PHE B 175 4.94 -28.48 0.22
N ILE B 176 3.92 -28.76 1.03
CA ILE B 176 2.78 -29.53 0.58
C ILE B 176 1.82 -28.54 -0.10
N PHE B 177 1.42 -28.85 -1.34
CA PHE B 177 0.55 -27.94 -2.08
C PHE B 177 -0.82 -28.51 -2.46
N GLU B 178 -1.00 -29.83 -2.29
CA GLU B 178 -2.27 -30.44 -2.65
C GLU B 178 -2.43 -31.81 -1.98
N LEU B 179 -3.67 -32.18 -1.69
CA LEU B 179 -3.93 -33.48 -1.08
C LEU B 179 -4.22 -34.47 -2.19
N LEU B 180 -4.15 -35.75 -1.83
CA LEU B 180 -4.46 -36.83 -2.76
C LEU B 180 -5.67 -37.54 -2.17
N LYS B 181 -6.61 -37.93 -3.03
CA LYS B 181 -7.79 -38.62 -2.54
C LYS B 181 -7.80 -40.07 -2.99
N ASP B 182 -8.62 -40.89 -2.33
CA ASP B 182 -8.69 -42.31 -2.64
C ASP B 182 -9.23 -42.54 -4.04
N LYS B 183 -8.45 -43.25 -4.86
CA LYS B 183 -8.85 -43.56 -6.22
C LYS B 183 -10.31 -44.04 -6.27
N ASN B 184 -10.71 -44.78 -5.25
CA ASN B 184 -11.95 -45.54 -5.31
C ASN B 184 -12.99 -45.03 -4.32
N ASP B 185 -12.79 -43.81 -3.84
CA ASP B 185 -13.72 -43.17 -2.93
C ASP B 185 -13.53 -41.67 -3.01
N PRO B 186 -14.46 -40.96 -3.66
CA PRO B 186 -14.41 -39.50 -3.83
C PRO B 186 -14.44 -38.67 -2.55
N ASN B 187 -14.68 -39.31 -1.41
CA ASN B 187 -14.70 -38.56 -0.16
C ASN B 187 -13.77 -39.14 0.90
N ALA B 188 -12.62 -39.64 0.47
CA ALA B 188 -11.63 -40.20 1.39
C ALA B 188 -10.25 -39.73 0.96
N VAL B 189 -9.41 -39.35 1.92
CA VAL B 189 -8.06 -38.87 1.62
C VAL B 189 -7.09 -40.05 1.47
N ALA B 190 -6.04 -39.85 0.70
CA ALA B 190 -5.07 -40.93 0.47
C ALA B 190 -3.63 -40.46 0.62
N GLY B 191 -3.45 -39.18 0.88
CA GLY B 191 -2.10 -38.66 1.05
C GLY B 191 -1.98 -37.21 0.62
N ALA B 192 -0.81 -36.84 0.11
CA ALA B 192 -0.58 -35.48 -0.32
C ALA B 192 0.66 -35.39 -1.17
N VAL B 193 0.80 -34.29 -1.90
CA VAL B 193 1.96 -34.07 -2.75
C VAL B 193 2.62 -32.75 -2.39
N GLY B 194 3.94 -32.69 -2.57
CA GLY B 194 4.66 -31.49 -2.27
C GLY B 194 6.00 -31.50 -2.99
N PHE B 195 6.83 -30.51 -2.70
CA PHE B 195 8.14 -30.43 -3.31
C PHE B 195 9.13 -29.78 -2.36
N SER B 196 10.40 -30.13 -2.53
CA SER B 196 11.47 -29.59 -1.72
C SER B 196 11.74 -28.16 -2.17
N VAL B 197 12.18 -27.31 -1.26
CA VAL B 197 12.50 -25.92 -1.60
C VAL B 197 14.00 -25.72 -1.48
N ARG B 198 14.73 -26.84 -1.42
CA ARG B 198 16.18 -26.82 -1.29
C ARG B 198 16.82 -27.60 -2.43
N GLU B 199 16.03 -28.43 -3.10
CA GLU B 199 16.53 -29.23 -4.21
C GLU B 199 15.38 -29.66 -5.11
N PRO B 200 15.70 -30.18 -6.31
CA PRO B 200 14.65 -30.62 -7.22
C PRO B 200 14.15 -32.01 -6.84
N LYS B 201 13.07 -32.07 -6.07
CA LYS B 201 12.52 -33.34 -5.64
C LYS B 201 11.02 -33.22 -5.36
N PHE B 202 10.24 -34.03 -6.06
CA PHE B 202 8.80 -34.06 -5.93
C PHE B 202 8.41 -35.14 -4.91
N TYR B 203 7.55 -34.78 -3.95
CA TYR B 203 7.13 -35.74 -2.93
C TYR B 203 5.72 -36.26 -3.09
N VAL B 204 5.57 -37.56 -2.87
CA VAL B 204 4.28 -38.21 -2.91
C VAL B 204 4.13 -38.95 -1.59
N PHE B 205 3.26 -38.44 -0.72
CA PHE B 205 3.04 -39.09 0.57
C PHE B 205 1.75 -39.90 0.52
N LYS B 206 1.87 -41.21 0.68
CA LYS B 206 0.70 -42.08 0.70
C LYS B 206 0.38 -42.29 2.17
N ALA B 207 -0.87 -42.03 2.57
CA ALA B 207 -1.23 -42.18 3.97
C ALA B 207 -2.64 -42.67 4.15
N LYS B 208 -2.93 -43.14 5.36
CA LYS B 208 -4.24 -43.64 5.71
C LYS B 208 -5.04 -42.52 6.37
N ALA B 209 -4.33 -41.65 7.08
CA ALA B 209 -4.94 -40.52 7.75
C ALA B 209 -4.05 -39.29 7.56
N VAL B 210 -4.67 -38.15 7.26
CA VAL B 210 -3.92 -36.91 7.06
C VAL B 210 -4.42 -35.85 8.03
N ILE B 211 -3.49 -35.14 8.66
CA ILE B 211 -3.84 -34.12 9.62
C ILE B 211 -3.33 -32.76 9.16
N LEU B 212 -4.27 -31.86 8.86
CA LEU B 212 -3.93 -30.51 8.39
C LEU B 212 -3.57 -29.61 9.58
N ALA B 213 -2.31 -29.18 9.64
CA ALA B 213 -1.84 -28.33 10.74
C ALA B 213 -0.92 -27.24 10.18
N THR B 214 -1.36 -26.63 9.08
CA THR B 214 -0.61 -25.60 8.38
C THR B 214 -0.72 -24.18 8.92
N GLY B 215 -1.48 -23.98 9.98
CA GLY B 215 -1.65 -22.63 10.49
C GLY B 215 -2.70 -21.94 9.64
N GLY B 216 -3.02 -20.70 9.98
CA GLY B 216 -4.02 -19.95 9.24
C GLY B 216 -3.51 -19.28 7.97
N ALA B 217 -4.13 -18.14 7.63
CA ALA B 217 -3.76 -17.41 6.43
C ALA B 217 -3.56 -15.92 6.65
N THR B 218 -2.39 -15.43 6.22
CA THR B 218 -2.07 -14.01 6.33
C THR B 218 -1.74 -13.49 4.94
N LEU B 219 -1.63 -12.17 4.83
CA LEU B 219 -1.33 -11.49 3.58
C LEU B 219 -2.39 -11.63 2.49
N LEU B 220 -3.63 -11.97 2.89
CA LEU B 220 -4.73 -12.06 1.93
C LEU B 220 -5.18 -10.62 1.70
N PHE B 221 -5.03 -9.82 2.75
CA PHE B 221 -5.40 -8.40 2.72
C PHE B 221 -4.17 -7.51 2.74
N ARG B 222 -4.29 -6.36 2.07
CA ARG B 222 -3.21 -5.38 2.03
C ARG B 222 -3.01 -4.87 3.45
N PRO B 223 -1.76 -4.84 3.92
CA PRO B 223 -1.42 -4.39 5.28
C PRO B 223 -1.38 -2.86 5.38
N ARG B 224 -1.22 -2.35 6.59
CA ARG B 224 -1.15 -0.90 6.79
C ARG B 224 0.21 -0.36 6.36
N SER B 225 1.13 -1.27 6.05
CA SER B 225 2.45 -0.89 5.58
C SER B 225 2.64 -1.72 4.32
N THR B 226 3.04 -1.09 3.22
CA THR B 226 3.15 -1.80 1.95
C THR B 226 4.54 -1.93 1.31
N GLY B 227 5.56 -1.42 1.99
CA GLY B 227 6.91 -1.52 1.46
C GLY B 227 7.57 -2.71 2.10
N GLU B 228 8.65 -2.49 2.84
CA GLU B 228 9.31 -3.60 3.51
C GLU B 228 8.38 -4.14 4.59
N ALA B 229 7.70 -3.22 5.28
CA ALA B 229 6.80 -3.57 6.38
C ALA B 229 5.56 -4.36 5.97
N ALA B 230 5.49 -4.75 4.71
CA ALA B 230 4.39 -5.58 4.24
C ALA B 230 4.66 -6.93 4.90
N GLY B 231 5.90 -7.08 5.39
CA GLY B 231 6.30 -8.31 6.05
C GLY B 231 5.93 -8.31 7.53
N ARG B 232 5.56 -7.14 8.04
CA ARG B 232 5.19 -7.04 9.44
C ARG B 232 3.69 -7.30 9.64
N THR B 233 3.27 -8.54 9.44
CA THR B 233 1.88 -8.89 9.65
C THR B 233 1.80 -9.24 11.13
N TRP B 234 0.70 -8.92 11.79
CA TRP B 234 0.63 -9.28 13.20
C TRP B 234 0.69 -10.80 13.31
N TYR B 235 -0.18 -11.50 12.59
CA TYR B 235 -0.17 -12.96 12.65
C TYR B 235 0.98 -13.50 11.80
N ALA B 236 1.28 -14.78 11.97
CA ALA B 236 2.37 -15.43 11.27
C ALA B 236 2.36 -15.26 9.75
N ILE B 237 3.33 -14.50 9.26
CA ILE B 237 3.44 -14.27 7.82
C ILE B 237 3.72 -15.61 7.13
N PHE B 238 4.24 -16.57 7.90
CA PHE B 238 4.58 -17.88 7.37
C PHE B 238 3.37 -18.74 6.99
N ASP B 239 2.21 -18.46 7.61
CA ASP B 239 1.01 -19.23 7.34
C ASP B 239 0.18 -18.57 6.23
N THR B 240 -0.03 -19.30 5.13
CA THR B 240 -0.75 -18.75 3.98
C THR B 240 -2.02 -19.50 3.54
N GLY B 241 -2.71 -20.12 4.48
CA GLY B 241 -3.92 -20.84 4.15
C GLY B 241 -3.74 -22.12 3.36
N SER B 242 -2.59 -22.76 3.49
CA SER B 242 -2.33 -23.99 2.75
C SER B 242 -3.35 -25.08 3.10
N GLY B 243 -3.60 -25.27 4.39
CA GLY B 243 -4.55 -26.28 4.83
C GLY B 243 -5.95 -25.99 4.31
N TYR B 244 -6.34 -24.73 4.38
CA TYR B 244 -7.65 -24.31 3.91
C TYR B 244 -7.81 -24.70 2.44
N TYR B 245 -6.81 -24.33 1.63
CA TYR B 245 -6.84 -24.64 0.22
C TYR B 245 -6.95 -26.13 -0.10
N MET B 246 -5.99 -26.92 0.39
CA MET B 246 -6.00 -28.35 0.07
C MET B 246 -7.20 -29.08 0.62
N GLY B 247 -7.67 -28.69 1.80
CA GLY B 247 -8.83 -29.36 2.35
C GLY B 247 -10.09 -29.03 1.58
N LEU B 248 -10.30 -27.75 1.27
CA LEU B 248 -11.51 -27.36 0.55
C LEU B 248 -11.53 -27.96 -0.85
N LYS B 249 -10.36 -28.06 -1.48
CA LYS B 249 -10.28 -28.64 -2.82
C LYS B 249 -10.70 -30.11 -2.79
N ALA B 250 -10.40 -30.79 -1.68
CA ALA B 250 -10.75 -32.20 -1.51
C ALA B 250 -12.23 -32.40 -1.19
N GLY B 251 -12.91 -31.32 -0.84
CA GLY B 251 -14.33 -31.42 -0.52
C GLY B 251 -14.63 -31.36 0.97
N ALA B 252 -13.61 -31.08 1.77
CA ALA B 252 -13.81 -30.98 3.22
C ALA B 252 -14.56 -29.68 3.45
N MET B 253 -15.63 -29.75 4.24
CA MET B 253 -16.44 -28.56 4.50
C MET B 253 -15.80 -27.56 5.46
N LEU B 254 -15.95 -26.29 5.12
CA LEU B 254 -15.43 -25.18 5.92
C LEU B 254 -16.56 -24.63 6.78
N THR B 255 -16.21 -23.96 7.86
CA THR B 255 -17.22 -23.37 8.73
C THR B 255 -16.76 -22.01 9.24
N GLN B 256 -17.71 -21.10 9.42
CA GLN B 256 -17.41 -19.77 9.93
C GLN B 256 -16.23 -19.11 9.23
N PHE B 257 -16.05 -19.38 7.95
CA PHE B 257 -14.94 -18.81 7.23
C PHE B 257 -15.06 -17.31 7.04
N GLU B 258 -16.24 -16.77 7.38
CA GLU B 258 -16.47 -15.34 7.29
C GLU B 258 -15.91 -14.69 8.56
N HIS B 259 -15.68 -15.50 9.59
CA HIS B 259 -15.18 -14.99 10.86
C HIS B 259 -13.68 -14.72 10.89
N ARG B 260 -13.28 -13.57 10.37
CA ARG B 260 -11.88 -13.18 10.37
C ARG B 260 -11.59 -12.58 11.74
N PHE B 261 -10.32 -12.29 11.99
CA PHE B 261 -9.93 -11.67 13.24
C PHE B 261 -9.15 -10.42 12.92
N ILE B 262 -9.54 -9.31 13.56
CA ILE B 262 -8.88 -8.03 13.38
C ILE B 262 -8.20 -7.73 14.71
N PRO B 263 -6.87 -7.84 14.77
CA PRO B 263 -6.20 -7.57 16.03
C PRO B 263 -5.94 -6.08 16.28
N PHE B 264 -6.28 -5.63 17.48
CA PHE B 264 -6.01 -4.24 17.87
C PHE B 264 -4.66 -4.37 18.56
N ARG B 265 -3.64 -3.71 18.03
CA ARG B 265 -2.31 -3.84 18.61
C ARG B 265 -1.53 -2.54 18.54
N PHE B 266 -0.34 -2.52 19.12
CA PHE B 266 0.49 -1.33 19.07
C PHE B 266 0.67 -1.06 17.58
N LYS B 267 0.54 0.20 17.19
CA LYS B 267 0.63 0.57 15.78
C LYS B 267 1.95 0.24 15.10
N ASP B 268 1.83 -0.20 13.84
CA ASP B 268 2.96 -0.53 12.98
C ASP B 268 3.78 -1.76 13.35
N GLY B 269 4.25 -1.83 14.59
CA GLY B 269 5.01 -2.98 15.01
C GLY B 269 4.10 -4.14 15.41
N TYR B 270 2.88 -3.78 15.81
CA TYR B 270 1.86 -4.74 16.22
C TYR B 270 2.21 -5.53 17.47
N GLY B 271 2.96 -4.89 18.37
CA GLY B 271 3.32 -5.54 19.61
C GLY B 271 2.06 -5.92 20.36
N PRO B 272 2.14 -6.87 21.32
CA PRO B 272 0.99 -7.33 22.10
C PRO B 272 0.42 -6.29 23.06
N VAL B 273 -0.89 -6.39 23.30
CA VAL B 273 -1.59 -5.48 24.20
C VAL B 273 -2.22 -6.27 25.37
N GLY B 274 -2.19 -7.59 25.27
CA GLY B 274 -2.77 -8.44 26.31
C GLY B 274 -2.20 -8.21 27.69
N ALA B 275 -0.87 -8.22 27.81
CA ALA B 275 -0.24 -8.00 29.10
C ALA B 275 -0.49 -6.55 29.53
N TRP B 276 -0.35 -5.62 28.59
CA TRP B 276 -0.56 -4.22 28.91
C TRP B 276 -1.97 -3.95 29.46
N PHE B 277 -2.97 -4.55 28.84
CA PHE B 277 -4.35 -4.39 29.28
C PHE B 277 -4.67 -5.16 30.57
N LEU B 278 -4.40 -6.46 30.56
CA LEU B 278 -4.72 -7.33 31.68
C LEU B 278 -3.75 -7.36 32.87
N PHE B 279 -2.45 -7.30 32.59
CA PHE B 279 -1.44 -7.35 33.64
C PHE B 279 -1.04 -5.97 34.15
N PHE B 280 -0.68 -5.07 33.24
CA PHE B 280 -0.27 -3.72 33.64
C PHE B 280 -1.43 -2.74 33.85
N LYS B 281 -2.65 -3.16 33.52
CA LYS B 281 -3.84 -2.32 33.69
C LYS B 281 -3.75 -1.05 32.86
N CYS B 282 -3.20 -1.16 31.67
CA CYS B 282 -3.04 0.00 30.79
C CYS B 282 -4.37 0.50 30.22
N LYS B 283 -4.48 1.81 30.05
CA LYS B 283 -5.69 2.40 29.51
C LYS B 283 -5.50 2.83 28.06
N ALA B 284 -6.52 2.62 27.25
CA ALA B 284 -6.50 3.01 25.84
C ALA B 284 -7.40 4.24 25.75
N LYS B 285 -6.88 5.31 25.17
CA LYS B 285 -7.65 6.55 25.05
C LYS B 285 -7.48 7.14 23.66
N ASN B 286 -8.47 7.92 23.23
CA ASN B 286 -8.38 8.55 21.91
C ASN B 286 -7.49 9.78 22.02
N ALA B 287 -7.35 10.52 20.92
CA ALA B 287 -6.51 11.70 20.88
C ALA B 287 -6.87 12.78 21.91
N TYR B 288 -8.07 12.68 22.47
CA TYR B 288 -8.51 13.68 23.44
C TYR B 288 -8.59 13.17 24.87
N GLY B 289 -7.80 12.16 25.16
CA GLY B 289 -7.75 11.59 26.50
C GLY B 289 -8.99 10.85 26.95
N GLU B 290 -9.89 10.55 26.02
CA GLU B 290 -11.11 9.83 26.39
C GLU B 290 -10.93 8.31 26.35
N GLU B 291 -11.30 7.66 27.43
CA GLU B 291 -11.21 6.21 27.51
C GLU B 291 -12.49 5.70 26.84
N TYR B 292 -12.40 5.39 25.55
CA TYR B 292 -13.55 4.95 24.78
C TYR B 292 -14.29 3.71 25.25
N ILE B 293 -13.63 2.83 26.00
CA ILE B 293 -14.35 1.65 26.48
C ILE B 293 -15.48 2.14 27.38
N LYS B 294 -15.33 3.34 27.92
CA LYS B 294 -16.34 3.93 28.79
C LYS B 294 -17.25 4.87 28.02
N THR B 295 -16.66 5.75 27.22
CA THR B 295 -17.44 6.71 26.45
C THR B 295 -18.30 6.06 25.35
N ARG B 296 -17.96 4.83 24.97
CA ARG B 296 -18.70 4.12 23.93
C ARG B 296 -19.46 2.93 24.50
N ALA B 297 -19.65 2.92 25.81
CA ALA B 297 -20.36 1.83 26.48
C ALA B 297 -21.81 1.75 26.02
N ALA B 298 -22.43 2.90 25.86
CA ALA B 298 -23.83 2.95 25.43
C ALA B 298 -24.06 2.21 24.12
N GLU B 299 -23.13 2.36 23.18
CA GLU B 299 -23.25 1.71 21.88
C GLU B 299 -23.30 0.19 21.94
N LEU B 300 -22.93 -0.40 23.08
CA LEU B 300 -22.93 -1.85 23.20
C LEU B 300 -24.22 -2.42 23.79
N GLU B 301 -25.06 -1.54 24.33
CA GLU B 301 -26.32 -1.95 24.93
C GLU B 301 -27.28 -2.64 23.97
N LYS B 302 -27.20 -2.33 22.68
CA LYS B 302 -28.08 -2.94 21.70
C LYS B 302 -27.78 -4.43 21.51
N TYR B 303 -26.56 -4.85 21.80
CA TYR B 303 -26.20 -6.25 21.68
C TYR B 303 -26.55 -6.96 22.97
N LYS B 304 -27.53 -7.85 22.89
CA LYS B 304 -27.99 -8.57 24.07
C LYS B 304 -27.87 -10.08 23.93
N PRO B 305 -27.27 -10.74 24.93
CA PRO B 305 -26.72 -10.11 26.14
C PRO B 305 -25.24 -9.81 25.95
N TYR B 306 -24.74 -10.10 24.76
CA TYR B 306 -23.34 -9.91 24.42
C TYR B 306 -22.67 -8.63 24.92
N GLY B 307 -23.36 -7.50 24.77
CA GLY B 307 -22.80 -6.22 25.18
C GLY B 307 -22.65 -5.96 26.66
N ALA B 308 -23.27 -6.79 27.50
CA ALA B 308 -23.18 -6.61 28.95
C ALA B 308 -22.30 -7.67 29.57
N ALA B 309 -21.66 -8.49 28.73
CA ALA B 309 -20.80 -9.55 29.22
C ALA B 309 -19.48 -8.99 29.72
N GLN B 310 -18.81 -9.77 30.58
CA GLN B 310 -17.52 -9.40 31.12
C GLN B 310 -16.60 -10.62 31.04
N PRO B 311 -15.50 -10.49 30.30
CA PRO B 311 -15.09 -9.30 29.57
C PRO B 311 -15.99 -9.02 28.38
N ILE B 312 -15.95 -7.80 27.87
CA ILE B 312 -16.73 -7.42 26.70
C ILE B 312 -16.17 -8.26 25.56
N PRO B 313 -17.04 -8.82 24.70
CA PRO B 313 -16.56 -9.62 23.57
C PRO B 313 -15.52 -8.86 22.75
N THR B 314 -14.50 -9.57 22.28
CA THR B 314 -13.44 -8.92 21.51
C THR B 314 -13.92 -8.10 20.33
N PRO B 315 -14.83 -8.64 19.49
CA PRO B 315 -15.26 -7.82 18.35
C PRO B 315 -15.92 -6.51 18.81
N LEU B 316 -16.64 -6.55 19.91
CA LEU B 316 -17.29 -5.34 20.42
C LEU B 316 -16.26 -4.34 20.96
N ARG B 317 -15.18 -4.83 21.56
CA ARG B 317 -14.15 -3.92 22.03
C ARG B 317 -13.59 -3.22 20.78
N ASN B 318 -13.45 -3.99 19.71
CA ASN B 318 -12.96 -3.46 18.43
C ASN B 318 -13.93 -2.44 17.87
N HIS B 319 -15.22 -2.76 17.96
CA HIS B 319 -16.25 -1.87 17.45
C HIS B 319 -16.15 -0.49 18.09
N GLN B 320 -15.83 -0.45 19.39
CA GLN B 320 -15.71 0.83 20.08
C GLN B 320 -14.53 1.60 19.51
N VAL B 321 -13.47 0.88 19.15
CA VAL B 321 -12.28 1.49 18.55
C VAL B 321 -12.62 2.05 17.16
N MET B 322 -13.40 1.29 16.39
CA MET B 322 -13.78 1.70 15.05
C MET B 322 -14.61 2.98 15.06
N LEU B 323 -15.50 3.10 16.05
CA LEU B 323 -16.33 4.29 16.14
C LEU B 323 -15.45 5.53 16.31
N GLU B 324 -14.39 5.39 17.10
CA GLU B 324 -13.46 6.49 17.34
C GLU B 324 -12.72 6.80 16.04
N ILE B 325 -12.31 5.76 15.33
CA ILE B 325 -11.59 5.94 14.08
C ILE B 325 -12.49 6.62 13.05
N MET B 326 -13.73 6.17 12.95
CA MET B 326 -14.68 6.75 12.01
C MET B 326 -14.97 8.22 12.35
N ASP B 327 -14.95 8.55 13.63
CA ASP B 327 -15.19 9.92 14.08
C ASP B 327 -13.94 10.77 13.94
N GLY B 328 -12.84 10.13 13.52
CA GLY B 328 -11.59 10.84 13.35
C GLY B 328 -10.93 11.28 14.65
N ASN B 329 -11.05 10.47 15.69
CA ASN B 329 -10.47 10.82 16.98
C ASN B 329 -9.12 10.16 17.26
N GLN B 330 -8.41 9.78 16.20
CA GLN B 330 -7.09 9.19 16.33
C GLN B 330 -6.10 10.33 16.55
N PRO B 331 -4.88 10.02 17.02
CA PRO B 331 -4.37 8.69 17.36
C PRO B 331 -5.00 8.09 18.61
N ILE B 332 -5.07 6.76 18.65
CA ILE B 332 -5.58 6.04 19.82
C ILE B 332 -4.28 5.69 20.54
N TYR B 333 -4.22 5.99 21.84
CA TYR B 333 -3.01 5.72 22.62
C TYR B 333 -3.14 4.69 23.72
N MET B 334 -2.06 3.94 23.90
CA MET B 334 -1.94 2.98 24.98
C MET B 334 -1.08 3.78 25.95
N HIS B 335 -1.64 4.18 27.08
CA HIS B 335 -0.89 4.97 28.05
C HIS B 335 -0.03 4.18 29.01
N THR B 336 1.03 3.58 28.45
CA THR B 336 1.97 2.78 29.19
C THR B 336 2.66 3.58 30.29
N GLU B 337 2.82 4.89 30.04
CA GLU B 337 3.48 5.75 31.01
C GLU B 337 2.67 5.88 32.29
N GLU B 338 1.35 6.01 32.14
CA GLU B 338 0.46 6.13 33.29
C GLU B 338 0.27 4.78 33.97
N ALA B 339 0.30 3.71 33.17
CA ALA B 339 0.15 2.36 33.71
C ALA B 339 1.33 1.97 34.60
N LEU B 340 2.55 2.27 34.15
CA LEU B 340 3.74 1.93 34.92
C LEU B 340 3.84 2.76 36.19
N ALA B 341 3.54 4.05 36.09
CA ALA B 341 3.60 4.95 37.24
C ALA B 341 2.60 4.50 38.31
N GLU B 342 1.39 4.12 37.88
CA GLU B 342 0.35 3.71 38.80
C GLU B 342 0.66 2.38 39.48
N LEU B 343 1.23 1.44 38.73
CA LEU B 343 1.57 0.13 39.27
C LEU B 343 2.80 0.19 40.18
N ALA B 344 3.71 1.11 39.90
CA ALA B 344 4.92 1.25 40.70
C ALA B 344 4.65 1.98 42.02
N GLY B 345 3.62 2.82 42.03
CA GLY B 345 3.26 3.56 43.23
C GLY B 345 4.35 4.39 43.89
N GLY B 346 5.26 4.95 43.10
CA GLY B 346 6.32 5.77 43.65
C GLY B 346 7.56 4.97 44.06
N ASP B 347 7.47 3.66 43.97
CA ASP B 347 8.57 2.77 44.33
C ASP B 347 9.49 2.60 43.11
N LYS B 348 10.63 3.28 43.12
CA LYS B 348 11.56 3.19 42.00
C LYS B 348 12.07 1.78 41.68
N LYS B 349 12.28 0.96 42.72
CA LYS B 349 12.73 -0.40 42.48
C LYS B 349 11.61 -1.21 41.86
N LYS B 350 10.38 -0.93 42.28
CA LYS B 350 9.23 -1.63 41.74
C LYS B 350 9.08 -1.23 40.27
N LEU B 351 9.29 0.05 39.99
CA LEU B 351 9.18 0.57 38.63
C LEU B 351 10.16 -0.15 37.70
N LYS B 352 11.40 -0.28 38.15
CA LYS B 352 12.43 -0.96 37.36
C LYS B 352 12.04 -2.39 37.06
N HIS B 353 11.44 -3.06 38.04
CA HIS B 353 11.02 -4.45 37.88
C HIS B 353 9.92 -4.59 36.82
N ILE B 354 8.87 -3.78 36.93
CA ILE B 354 7.78 -3.87 35.96
C ILE B 354 8.21 -3.35 34.60
N TYR B 355 9.23 -2.49 34.59
CA TYR B 355 9.76 -1.92 33.36
C TYR B 355 10.44 -3.07 32.58
N GLU B 356 11.15 -3.92 33.30
CA GLU B 356 11.83 -5.06 32.69
C GLU B 356 10.80 -6.08 32.21
N GLU B 357 9.72 -6.23 32.97
CA GLU B 357 8.65 -7.14 32.59
C GLU B 357 7.99 -6.65 31.31
N ALA B 358 7.80 -5.33 31.22
CA ALA B 358 7.18 -4.72 30.05
C ALA B 358 8.01 -5.01 28.80
N PHE B 359 9.32 -4.80 28.88
CA PHE B 359 10.15 -5.08 27.72
C PHE B 359 10.20 -6.56 27.37
N GLU B 360 10.19 -7.43 28.39
CA GLU B 360 10.20 -8.85 28.10
C GLU B 360 8.93 -9.23 27.33
N ASP B 361 7.81 -8.62 27.69
CA ASP B 361 6.55 -8.90 27.02
C ASP B 361 6.69 -8.76 25.51
N PHE B 362 7.56 -7.83 25.09
CA PHE B 362 7.82 -7.59 23.67
C PHE B 362 8.97 -8.43 23.12
N LEU B 363 10.08 -8.48 23.86
CA LEU B 363 11.26 -9.21 23.43
C LEU B 363 11.07 -10.73 23.33
N ASP B 364 10.09 -11.27 24.05
CA ASP B 364 9.79 -12.70 24.01
C ASP B 364 8.82 -13.07 22.89
N MET B 365 8.30 -12.10 22.15
CA MET B 365 7.33 -12.46 21.12
C MET B 365 7.15 -11.55 19.90
N THR B 366 7.46 -10.28 20.02
CA THR B 366 7.35 -9.37 18.88
C THR B 366 8.43 -8.30 19.06
N VAL B 367 9.66 -8.68 18.74
CA VAL B 367 10.82 -7.79 18.89
C VAL B 367 10.66 -6.49 18.12
N SER B 368 9.96 -6.56 16.98
CA SER B 368 9.74 -5.39 16.14
C SER B 368 9.17 -4.21 16.90
N GLN B 369 8.31 -4.49 17.89
CA GLN B 369 7.73 -3.40 18.65
C GLN B 369 8.79 -2.73 19.52
N ALA B 370 9.70 -3.53 20.07
CA ALA B 370 10.77 -2.95 20.90
C ALA B 370 11.70 -2.16 19.99
N LEU B 371 11.96 -2.71 18.81
CA LEU B 371 12.83 -2.04 17.84
C LEU B 371 12.19 -0.74 17.38
N LEU B 372 10.87 -0.75 17.23
CA LEU B 372 10.13 0.43 16.80
C LEU B 372 10.33 1.54 17.84
N TRP B 373 10.13 1.20 19.11
CA TRP B 373 10.29 2.15 20.20
C TRP B 373 11.71 2.75 20.19
N ALA B 374 12.69 1.88 19.95
CA ALA B 374 14.08 2.30 19.91
C ALA B 374 14.36 3.26 18.76
N CYS B 375 13.86 2.93 17.58
CA CYS B 375 14.06 3.78 16.40
C CYS B 375 13.31 5.12 16.53
N GLN B 376 12.16 5.10 17.19
CA GLN B 376 11.36 6.30 17.37
C GLN B 376 11.56 6.98 18.72
N ASN B 377 12.59 6.54 19.44
CA ASN B 377 12.93 7.07 20.75
C ASN B 377 11.73 7.13 21.72
N ILE B 378 10.94 6.07 21.75
CA ILE B 378 9.79 6.02 22.64
C ILE B 378 10.13 5.26 23.92
N ASP B 379 10.05 5.94 25.05
CA ASP B 379 10.31 5.31 26.35
C ASP B 379 8.93 5.16 26.97
N PRO B 380 8.46 3.90 27.12
CA PRO B 380 7.15 3.60 27.69
C PRO B 380 6.84 4.19 29.06
N GLN B 381 7.87 4.52 29.84
CA GLN B 381 7.64 5.10 31.15
C GLN B 381 7.42 6.61 31.06
N GLU B 382 7.74 7.18 29.89
CA GLU B 382 7.59 8.62 29.70
C GLU B 382 6.49 9.00 28.71
N GLN B 383 6.39 8.30 27.59
CA GLN B 383 5.34 8.62 26.63
C GLN B 383 4.51 7.43 26.18
N PRO B 384 3.23 7.69 25.84
CA PRO B 384 2.30 6.65 25.38
C PRO B 384 2.67 6.19 23.98
N SER B 385 2.09 5.08 23.55
CA SER B 385 2.33 4.54 22.22
C SER B 385 1.01 4.51 21.48
N GLU B 386 1.07 4.67 20.17
CA GLU B 386 -0.12 4.64 19.34
C GLU B 386 -0.50 3.19 19.10
N ALA B 387 -1.80 2.95 18.98
CA ALA B 387 -2.31 1.61 18.73
C ALA B 387 -3.30 1.70 17.59
N ALA B 388 -3.47 0.59 16.87
CA ALA B 388 -4.39 0.54 15.74
C ALA B 388 -4.76 -0.89 15.38
N PRO B 389 -5.93 -1.07 14.75
CA PRO B 389 -6.34 -2.42 14.37
C PRO B 389 -5.62 -2.72 13.06
N ALA B 390 -5.13 -3.94 12.90
CA ALA B 390 -4.43 -4.33 11.68
C ALA B 390 -5.43 -4.81 10.63
N GLU B 391 -4.91 -5.30 9.50
CA GLU B 391 -5.77 -5.81 8.45
C GLU B 391 -6.27 -7.20 8.89
N PRO B 392 -7.31 -7.73 8.22
CA PRO B 392 -7.87 -9.04 8.57
C PRO B 392 -6.97 -10.25 8.34
N TYR B 393 -7.09 -11.22 9.24
CA TYR B 393 -6.35 -12.48 9.13
C TYR B 393 -7.40 -13.58 9.28
N ILE B 394 -7.16 -14.73 8.67
CA ILE B 394 -8.08 -15.85 8.72
C ILE B 394 -7.41 -17.02 9.43
N MET B 395 -7.93 -17.37 10.61
CA MET B 395 -7.38 -18.48 11.39
C MET B 395 -8.39 -18.94 12.43
N GLY B 396 -8.22 -20.17 12.90
CA GLY B 396 -9.16 -20.68 13.89
C GLY B 396 -8.64 -20.98 15.29
N SER B 397 -7.37 -20.69 15.56
CA SER B 397 -6.81 -20.99 16.88
C SER B 397 -6.85 -19.81 17.83
N HIS B 398 -6.88 -18.61 17.26
CA HIS B 398 -6.85 -17.38 18.04
C HIS B 398 -8.23 -16.85 18.36
N SER B 399 -8.44 -15.55 18.13
CA SER B 399 -9.74 -14.95 18.42
C SER B 399 -10.71 -15.12 17.25
N GLY B 400 -10.24 -15.76 16.18
CA GLY B 400 -11.08 -16.03 15.03
C GLY B 400 -11.39 -17.52 15.01
N GLU B 401 -12.50 -17.91 14.40
CA GLU B 401 -12.85 -19.33 14.37
C GLU B 401 -13.03 -19.91 12.97
N ALA B 402 -12.38 -19.30 11.98
CA ALA B 402 -12.46 -19.79 10.60
C ALA B 402 -11.64 -21.08 10.48
N GLY B 403 -12.17 -22.05 9.75
CA GLY B 403 -11.47 -23.31 9.58
C GLY B 403 -12.41 -24.41 9.12
N PHE B 404 -11.97 -25.66 9.22
CA PHE B 404 -12.82 -26.76 8.79
C PHE B 404 -13.85 -27.18 9.83
N TRP B 405 -15.00 -27.64 9.33
CA TRP B 405 -16.07 -28.10 10.18
C TRP B 405 -15.58 -29.48 10.62
N VAL B 406 -15.31 -29.64 11.92
CA VAL B 406 -14.81 -30.92 12.40
C VAL B 406 -15.69 -31.61 13.45
N CYS B 407 -15.58 -32.94 13.48
CA CYS B 407 -16.34 -33.76 14.39
C CYS B 407 -15.80 -33.59 15.82
N GLY B 408 -16.69 -33.75 16.80
CA GLY B 408 -16.29 -33.61 18.19
C GLY B 408 -16.24 -34.95 18.91
N PRO B 409 -15.90 -34.96 20.21
CA PRO B 409 -15.84 -36.22 20.94
C PRO B 409 -17.22 -36.85 21.11
N GLU B 410 -17.25 -38.18 21.17
CA GLU B 410 -18.47 -38.95 21.33
C GLU B 410 -19.31 -38.53 22.54
N ASP B 411 -18.66 -38.22 23.66
CA ASP B 411 -19.39 -37.85 24.86
C ASP B 411 -19.94 -36.42 24.94
N LEU B 412 -19.48 -35.53 24.05
CA LEU B 412 -19.96 -34.16 24.08
C LEU B 412 -20.69 -33.70 22.81
N MET B 413 -20.27 -34.16 21.65
CA MET B 413 -20.91 -33.73 20.41
C MET B 413 -22.38 -34.15 20.31
N PRO B 414 -23.28 -33.18 20.10
CA PRO B 414 -24.72 -33.46 19.98
C PRO B 414 -25.04 -33.98 18.59
N GLU B 415 -26.18 -34.67 18.48
CA GLU B 415 -26.63 -35.21 17.20
C GLU B 415 -26.71 -34.10 16.16
N GLU B 416 -27.14 -32.91 16.59
CA GLU B 416 -27.26 -31.77 15.69
C GLU B 416 -25.99 -31.45 14.91
N TYR B 417 -24.84 -31.74 15.51
CA TYR B 417 -23.55 -31.44 14.89
C TYR B 417 -22.86 -32.63 14.20
N ALA B 418 -23.45 -33.81 14.27
CA ALA B 418 -22.82 -34.99 13.67
C ALA B 418 -23.27 -35.35 12.26
N LYS B 419 -24.42 -34.82 11.86
CA LYS B 419 -25.01 -35.11 10.55
C LYS B 419 -24.11 -35.09 9.31
N LEU B 420 -23.15 -34.18 9.25
CA LEU B 420 -22.28 -34.09 8.07
C LEU B 420 -21.03 -34.96 8.06
N PHE B 421 -20.78 -35.70 9.13
CA PHE B 421 -19.58 -36.53 9.18
C PHE B 421 -19.85 -38.02 8.92
N PRO B 422 -19.25 -38.56 7.84
CA PRO B 422 -19.42 -39.97 7.47
C PRO B 422 -18.84 -40.89 8.54
N LEU B 423 -17.79 -40.42 9.20
CA LEU B 423 -17.14 -41.18 10.26
C LEU B 423 -16.98 -40.26 11.47
N LYS B 424 -17.46 -40.71 12.62
CA LYS B 424 -17.40 -39.92 13.83
C LYS B 424 -16.09 -40.07 14.61
N TYR B 425 -15.05 -39.38 14.15
CA TYR B 425 -13.77 -39.41 14.86
C TYR B 425 -13.39 -37.98 15.21
N ASN B 426 -12.95 -37.78 16.45
CA ASN B 426 -12.58 -36.46 16.95
C ASN B 426 -11.64 -35.66 16.05
N ARG B 427 -12.11 -34.49 15.62
CA ARG B 427 -11.37 -33.58 14.74
C ARG B 427 -11.26 -34.02 13.29
N MET B 428 -12.03 -35.03 12.90
CA MET B 428 -12.00 -35.47 11.51
C MET B 428 -12.92 -34.53 10.74
N THR B 429 -12.52 -34.20 9.51
CA THR B 429 -13.33 -33.30 8.66
C THR B 429 -14.46 -34.14 8.04
N THR B 430 -15.17 -33.56 7.07
CA THR B 430 -16.24 -34.29 6.41
C THR B 430 -15.64 -35.25 5.38
N VAL B 431 -14.33 -35.16 5.20
CA VAL B 431 -13.61 -36.06 4.31
C VAL B 431 -13.02 -37.15 5.20
N LYS B 432 -13.39 -38.40 4.93
CA LYS B 432 -12.90 -39.52 5.72
C LYS B 432 -11.38 -39.63 5.72
N GLY B 433 -10.80 -39.77 6.91
CA GLY B 433 -9.36 -39.88 7.05
C GLY B 433 -8.63 -38.56 7.12
N LEU B 434 -9.34 -37.47 6.89
CA LEU B 434 -8.75 -36.13 6.92
C LEU B 434 -9.12 -35.36 8.19
N PHE B 435 -8.11 -35.01 8.98
CA PHE B 435 -8.32 -34.26 10.22
C PHE B 435 -7.83 -32.82 10.07
N ALA B 436 -8.31 -31.95 10.95
CA ALA B 436 -7.92 -30.53 10.93
C ALA B 436 -7.70 -30.08 12.37
N ILE B 437 -6.59 -29.39 12.61
CA ILE B 437 -6.23 -28.93 13.96
C ILE B 437 -5.62 -27.52 14.00
N GLY B 438 -5.57 -26.94 15.19
CA GLY B 438 -5.02 -25.60 15.33
C GLY B 438 -5.83 -24.63 14.51
N ASP B 439 -5.15 -23.78 13.74
CA ASP B 439 -5.81 -22.80 12.89
C ASP B 439 -6.73 -23.45 11.87
N CYS B 440 -6.44 -24.71 11.52
CA CYS B 440 -7.24 -25.40 10.52
C CYS B 440 -8.59 -25.91 10.98
N ALA B 441 -8.80 -26.02 12.29
CA ALA B 441 -10.10 -26.48 12.80
C ALA B 441 -10.93 -25.26 13.18
N GLY B 442 -12.09 -25.13 12.56
CA GLY B 442 -12.94 -23.99 12.85
C GLY B 442 -13.97 -24.20 13.94
N ALA B 443 -14.65 -23.12 14.29
CA ALA B 443 -15.71 -23.14 15.29
C ALA B 443 -15.30 -23.45 16.74
N ASN B 444 -13.99 -23.53 17.01
CA ASN B 444 -13.55 -23.74 18.39
C ASN B 444 -12.22 -23.00 18.56
N PRO B 445 -12.33 -21.66 18.72
CA PRO B 445 -11.26 -20.68 18.90
C PRO B 445 -10.74 -20.58 20.33
N HIS B 446 -9.84 -19.62 20.55
CA HIS B 446 -9.24 -19.36 21.85
C HIS B 446 -8.38 -20.52 22.33
N LYS B 447 -7.80 -21.23 21.36
CA LYS B 447 -6.93 -22.36 21.67
C LYS B 447 -5.53 -21.84 21.93
N PHE B 448 -5.06 -20.98 21.03
CA PHE B 448 -3.73 -20.38 21.12
C PHE B 448 -2.65 -21.47 21.17
N SER B 449 -1.49 -21.16 21.72
CA SER B 449 -0.40 -22.14 21.77
C SER B 449 -0.77 -23.46 22.46
N SER B 450 -1.09 -23.41 23.74
CA SER B 450 -1.45 -24.61 24.49
C SER B 450 -2.64 -25.35 23.90
N GLY B 451 -3.68 -24.61 23.52
CA GLY B 451 -4.87 -25.23 22.95
C GLY B 451 -4.63 -25.86 21.59
N SER B 452 -3.79 -25.23 20.78
CA SER B 452 -3.51 -25.78 19.45
C SER B 452 -2.73 -27.09 19.58
N PHE B 453 -1.69 -27.08 20.42
CA PHE B 453 -0.90 -28.28 20.65
C PHE B 453 -1.84 -29.38 21.13
N THR B 454 -2.75 -29.00 22.03
CA THR B 454 -3.70 -29.95 22.60
C THR B 454 -4.67 -30.52 21.55
N GLU B 455 -5.18 -29.66 20.66
CA GLU B 455 -6.11 -30.14 19.64
C GLU B 455 -5.34 -31.10 18.72
N GLY B 456 -4.05 -30.86 18.55
CA GLY B 456 -3.24 -31.74 17.74
C GLY B 456 -3.17 -33.11 18.39
N ARG B 457 -3.02 -33.14 19.72
CA ARG B 457 -2.95 -34.39 20.46
C ARG B 457 -4.26 -35.15 20.31
N ILE B 458 -5.37 -34.44 20.45
CA ILE B 458 -6.68 -35.05 20.33
C ILE B 458 -6.89 -35.70 18.96
N ALA B 459 -6.60 -34.96 17.89
CA ALA B 459 -6.76 -35.51 16.54
C ALA B 459 -5.82 -36.69 16.32
N ALA B 460 -4.64 -36.61 16.92
CA ALA B 460 -3.64 -37.67 16.79
C ALA B 460 -4.16 -39.01 17.34
N LYS B 461 -4.70 -38.98 18.55
CA LYS B 461 -5.21 -40.21 19.14
C LYS B 461 -6.40 -40.72 18.34
N ALA B 462 -7.24 -39.80 17.86
CA ALA B 462 -8.41 -40.18 17.09
C ALA B 462 -7.99 -40.79 15.75
N ALA B 463 -6.86 -40.30 15.20
CA ALA B 463 -6.35 -40.81 13.94
C ALA B 463 -5.88 -42.25 14.09
N VAL B 464 -5.30 -42.58 15.24
CA VAL B 464 -4.83 -43.93 15.49
C VAL B 464 -6.03 -44.85 15.68
N ARG B 465 -7.03 -44.36 16.39
CA ARG B 465 -8.24 -45.13 16.64
C ARG B 465 -8.97 -45.39 15.33
N PHE B 466 -8.99 -44.38 14.47
CA PHE B 466 -9.63 -44.48 13.15
C PHE B 466 -8.96 -45.58 12.33
N ILE B 467 -7.64 -45.52 12.25
CA ILE B 467 -6.87 -46.48 11.49
C ILE B 467 -7.03 -47.91 11.99
N LEU B 468 -6.96 -48.10 13.31
CA LEU B 468 -7.11 -49.44 13.88
C LEU B 468 -8.53 -49.96 13.82
N GLU B 469 -9.51 -49.06 13.89
CA GLU B 469 -10.92 -49.48 13.85
C GLU B 469 -11.47 -49.67 12.44
N GLN B 470 -11.21 -48.71 11.56
CA GLN B 470 -11.71 -48.78 10.19
C GLN B 470 -10.72 -49.48 9.26
N LYS B 471 -9.47 -49.56 9.69
CA LYS B 471 -8.43 -50.17 8.88
C LYS B 471 -8.45 -49.59 7.46
N PRO B 472 -8.34 -48.26 7.34
CA PRO B 472 -8.36 -47.62 6.03
C PRO B 472 -7.20 -48.10 5.16
N ASN B 473 -7.41 -48.05 3.86
CA ASN B 473 -6.39 -48.48 2.91
C ASN B 473 -6.68 -47.81 1.58
N PRO B 474 -6.58 -46.47 1.55
CA PRO B 474 -6.82 -45.65 0.35
C PRO B 474 -5.79 -45.89 -0.74
N GLU B 475 -6.23 -45.81 -1.99
CA GLU B 475 -5.34 -46.00 -3.12
C GLU B 475 -5.22 -44.67 -3.86
N ILE B 476 -4.01 -44.21 -4.11
CA ILE B 476 -3.84 -42.94 -4.82
C ILE B 476 -4.02 -43.19 -6.31
N ASP B 477 -4.28 -42.12 -7.04
CA ASP B 477 -4.45 -42.19 -8.48
C ASP B 477 -3.17 -41.68 -9.15
N ASP B 478 -2.40 -42.60 -9.72
CA ASP B 478 -1.14 -42.24 -10.37
C ASP B 478 -1.33 -41.22 -11.49
N ALA B 479 -2.49 -41.26 -12.14
CA ALA B 479 -2.77 -40.32 -13.21
C ALA B 479 -2.85 -38.91 -12.61
N VAL B 480 -3.56 -38.79 -11.49
CA VAL B 480 -3.69 -37.50 -10.81
C VAL B 480 -2.34 -37.04 -10.28
N VAL B 481 -1.57 -37.97 -9.72
CA VAL B 481 -0.25 -37.61 -9.20
C VAL B 481 0.59 -37.01 -10.30
N GLU B 482 0.56 -37.61 -11.49
CA GLU B 482 1.35 -37.10 -12.60
C GLU B 482 0.87 -35.71 -13.05
N GLU B 483 -0.44 -35.50 -13.08
CA GLU B 483 -1.00 -34.23 -13.47
C GLU B 483 -0.59 -33.16 -12.46
N LEU B 484 -0.59 -33.53 -11.18
CA LEU B 484 -0.21 -32.61 -10.11
C LEU B 484 1.28 -32.29 -10.13
N LYS B 485 2.09 -33.25 -10.55
CA LYS B 485 3.54 -33.03 -10.62
C LYS B 485 3.82 -32.03 -11.74
N LYS B 486 3.07 -32.14 -12.82
CA LYS B 486 3.22 -31.23 -13.95
C LYS B 486 2.81 -29.82 -13.51
N LYS B 487 1.76 -29.73 -12.72
CA LYS B 487 1.27 -28.44 -12.25
C LYS B 487 2.25 -27.85 -11.23
N ALA B 488 2.86 -28.72 -10.43
CA ALA B 488 3.80 -28.29 -9.41
C ALA B 488 4.88 -27.38 -9.97
N TYR B 489 5.51 -27.81 -11.06
CA TYR B 489 6.59 -27.04 -11.67
C TYR B 489 6.18 -26.21 -12.90
N ALA B 490 4.89 -26.19 -13.20
CA ALA B 490 4.38 -25.43 -14.33
C ALA B 490 4.89 -23.99 -14.34
N PRO B 491 4.84 -23.29 -13.18
CA PRO B 491 5.33 -21.91 -13.15
C PRO B 491 6.75 -21.75 -13.68
N MET B 492 7.64 -22.66 -13.32
CA MET B 492 9.01 -22.59 -13.82
C MET B 492 9.03 -22.77 -15.32
N GLU B 493 8.25 -23.73 -15.81
CA GLU B 493 8.20 -24.01 -17.23
C GLU B 493 7.60 -22.83 -18.00
N ARG B 494 6.57 -22.21 -17.43
CA ARG B 494 5.95 -21.08 -18.11
C ARG B 494 6.96 -19.93 -18.21
N PHE B 495 7.76 -19.76 -17.17
CA PHE B 495 8.76 -18.69 -17.17
C PHE B 495 9.75 -18.91 -18.30
N MET B 496 10.29 -20.13 -18.40
CA MET B 496 11.25 -20.45 -19.44
C MET B 496 10.63 -20.27 -20.82
N GLN B 497 9.35 -20.60 -20.93
CA GLN B 497 8.65 -20.52 -22.21
C GLN B 497 8.29 -19.12 -22.70
N TYR B 498 8.06 -18.18 -21.79
CA TYR B 498 7.69 -16.83 -22.23
C TYR B 498 8.59 -15.70 -21.78
N LYS B 499 9.67 -16.00 -21.07
CA LYS B 499 10.57 -14.96 -20.59
C LYS B 499 11.16 -14.14 -21.74
N ASP B 500 11.29 -14.73 -22.91
CA ASP B 500 11.85 -14.05 -24.08
C ASP B 500 10.94 -13.02 -24.74
N LEU B 501 9.74 -12.82 -24.21
CA LEU B 501 8.83 -11.84 -24.78
C LEU B 501 9.15 -10.43 -24.29
N SER B 502 9.96 -10.35 -23.24
CA SER B 502 10.34 -9.06 -22.65
C SER B 502 11.78 -9.06 -22.16
N THR B 503 12.43 -7.91 -22.25
CA THR B 503 13.81 -7.79 -21.79
C THR B 503 13.86 -7.66 -20.26
N ALA B 504 12.68 -7.63 -19.63
CA ALA B 504 12.62 -7.54 -18.18
C ALA B 504 11.81 -8.71 -17.63
N ASP B 505 12.44 -9.48 -16.76
CA ASP B 505 11.79 -10.66 -16.16
C ASP B 505 10.45 -10.44 -15.47
N ASP B 506 10.30 -9.32 -14.77
CA ASP B 506 9.05 -9.07 -14.06
C ASP B 506 8.00 -8.24 -14.80
N VAL B 507 8.22 -8.00 -16.08
CA VAL B 507 7.24 -7.26 -16.87
C VAL B 507 6.98 -8.08 -18.14
N ASN B 508 6.07 -9.04 -18.02
CA ASN B 508 5.74 -9.92 -19.12
C ASN B 508 4.23 -9.96 -19.34
N PRO B 509 3.79 -10.00 -20.61
CA PRO B 509 2.36 -10.03 -20.93
C PRO B 509 1.70 -11.40 -20.84
N GLU B 510 2.51 -12.45 -20.75
CA GLU B 510 1.97 -13.81 -20.67
C GLU B 510 2.04 -14.49 -19.31
N TYR B 511 2.52 -13.79 -18.29
CA TYR B 511 2.58 -14.36 -16.95
C TYR B 511 2.72 -13.34 -15.84
N ILE B 512 2.35 -13.77 -14.63
CA ILE B 512 2.49 -12.92 -13.45
C ILE B 512 3.39 -13.68 -12.49
N LEU B 513 4.22 -12.96 -11.76
CA LEU B 513 5.11 -13.57 -10.77
C LEU B 513 4.31 -13.60 -9.47
N PRO B 514 4.71 -14.46 -8.51
CA PRO B 514 4.00 -14.55 -7.24
C PRO B 514 3.72 -13.22 -6.54
N TRP B 515 4.74 -12.39 -6.36
CA TRP B 515 4.52 -11.11 -5.68
C TRP B 515 3.54 -10.23 -6.43
N GLN B 516 3.47 -10.39 -7.74
CA GLN B 516 2.57 -9.59 -8.55
C GLN B 516 1.13 -10.04 -8.36
N GLY B 517 0.92 -11.35 -8.26
CA GLY B 517 -0.41 -11.86 -8.05
C GLY B 517 -0.87 -11.59 -6.62
N LEU B 518 0.06 -11.54 -5.68
CA LEU B 518 -0.27 -11.29 -4.29
C LEU B 518 -0.67 -9.84 -4.07
N VAL B 519 0.01 -8.93 -4.76
CA VAL B 519 -0.30 -7.51 -4.67
C VAL B 519 -1.73 -7.31 -5.12
N ARG B 520 -2.08 -7.98 -6.22
CA ARG B 520 -3.40 -7.92 -6.81
C ARG B 520 -4.47 -8.49 -5.88
N LEU B 521 -4.16 -9.63 -5.26
CA LEU B 521 -5.09 -10.26 -4.32
C LEU B 521 -5.35 -9.30 -3.16
N GLN B 522 -4.26 -8.80 -2.59
CA GLN B 522 -4.34 -7.89 -1.46
C GLN B 522 -5.20 -6.65 -1.73
N LYS B 523 -5.06 -6.11 -2.94
CA LYS B 523 -5.83 -4.92 -3.31
C LYS B 523 -7.31 -5.26 -3.46
N ILE B 524 -7.60 -6.39 -4.09
CA ILE B 524 -8.98 -6.83 -4.27
C ILE B 524 -9.68 -7.01 -2.92
N MET B 525 -9.05 -7.77 -2.04
CA MET B 525 -9.59 -8.04 -0.71
C MET B 525 -9.70 -6.77 0.13
N ASP B 526 -8.67 -5.94 0.06
CA ASP B 526 -8.65 -4.68 0.81
C ASP B 526 -9.81 -3.78 0.43
N GLU B 527 -10.02 -3.60 -0.87
CA GLU B 527 -11.07 -2.71 -1.35
C GLU B 527 -12.49 -3.26 -1.41
N TYR B 528 -12.64 -4.58 -1.51
CA TYR B 528 -13.99 -5.14 -1.61
C TYR B 528 -14.43 -6.10 -0.51
N ALA B 529 -13.49 -6.67 0.22
CA ALA B 529 -13.85 -7.64 1.24
C ALA B 529 -13.72 -7.17 2.70
N ALA B 530 -14.06 -5.90 2.94
CA ALA B 530 -13.98 -5.35 4.29
C ALA B 530 -12.55 -5.30 4.83
N GLY B 531 -11.65 -4.72 4.04
CA GLY B 531 -10.26 -4.57 4.47
C GLY B 531 -10.13 -3.21 5.12
N ILE B 532 -8.90 -2.79 5.41
CA ILE B 532 -8.67 -1.50 6.05
C ILE B 532 -9.11 -0.31 5.18
N ALA B 533 -9.08 -0.49 3.86
CA ALA B 533 -9.44 0.58 2.93
C ALA B 533 -10.83 1.16 3.17
N THR B 534 -11.76 0.34 3.66
CA THR B 534 -13.12 0.82 3.90
C THR B 534 -13.48 0.71 5.39
N ILE B 535 -12.46 0.71 6.24
CA ILE B 535 -12.67 0.59 7.67
C ILE B 535 -13.47 -0.67 7.97
N TYR B 536 -13.11 -1.76 7.29
CA TYR B 536 -13.74 -3.06 7.46
C TYR B 536 -15.24 -3.13 7.13
N LYS B 537 -15.69 -2.35 6.17
CA LYS B 537 -17.09 -2.37 5.76
C LYS B 537 -17.23 -2.96 4.35
N THR B 538 -18.33 -3.65 4.10
CA THR B 538 -18.59 -4.23 2.78
C THR B 538 -20.09 -4.45 2.62
N ASN B 539 -20.50 -4.89 1.43
CA ASN B 539 -21.90 -5.16 1.15
C ASN B 539 -21.98 -6.20 0.04
N GLU B 540 -23.20 -6.62 -0.29
CA GLU B 540 -23.39 -7.62 -1.34
C GLU B 540 -22.72 -7.25 -2.65
N LYS B 541 -22.92 -6.02 -3.11
CA LYS B 541 -22.35 -5.56 -4.37
C LYS B 541 -20.83 -5.59 -4.38
N MET B 542 -20.22 -5.12 -3.29
CA MET B 542 -18.76 -5.13 -3.20
C MET B 542 -18.25 -6.56 -3.20
N LEU B 543 -18.88 -7.42 -2.40
CA LEU B 543 -18.48 -8.82 -2.33
C LEU B 543 -18.65 -9.53 -3.68
N GLN B 544 -19.71 -9.21 -4.41
CA GLN B 544 -19.93 -9.84 -5.71
C GLN B 544 -18.83 -9.40 -6.67
N ARG B 545 -18.43 -8.14 -6.57
CA ARG B 545 -17.38 -7.64 -7.44
C ARG B 545 -16.06 -8.31 -7.07
N ALA B 546 -15.86 -8.58 -5.78
CA ALA B 546 -14.63 -9.24 -5.33
C ALA B 546 -14.54 -10.61 -6.03
N LEU B 547 -15.66 -11.31 -6.10
CA LEU B 547 -15.69 -12.63 -6.73
C LEU B 547 -15.33 -12.55 -8.21
N GLU B 548 -15.82 -11.50 -8.88
CA GLU B 548 -15.50 -11.31 -10.29
C GLU B 548 -14.01 -11.06 -10.49
N LEU B 549 -13.42 -10.26 -9.60
CA LEU B 549 -12.00 -9.97 -9.71
C LEU B 549 -11.17 -11.17 -9.30
N LEU B 550 -11.65 -11.92 -8.32
CA LEU B 550 -10.95 -13.11 -7.88
C LEU B 550 -10.99 -14.15 -9.01
N ALA B 551 -12.07 -14.14 -9.79
CA ALA B 551 -12.20 -15.07 -10.90
C ALA B 551 -11.10 -14.76 -11.92
N PHE B 552 -10.93 -13.49 -12.26
CA PHE B 552 -9.89 -13.07 -13.20
C PHE B 552 -8.53 -13.53 -12.70
N LEU B 553 -8.27 -13.29 -11.40
CA LEU B 553 -7.00 -13.68 -10.81
C LEU B 553 -6.84 -15.20 -10.80
N LYS B 554 -7.88 -15.93 -10.44
CA LYS B 554 -7.79 -17.39 -10.42
C LYS B 554 -7.40 -17.89 -11.81
N GLU B 555 -8.02 -17.31 -12.84
CA GLU B 555 -7.72 -17.71 -14.21
C GLU B 555 -6.26 -17.37 -14.51
N ASP B 556 -5.78 -16.24 -14.01
CA ASP B 556 -4.40 -15.83 -14.24
C ASP B 556 -3.39 -16.68 -13.46
N LEU B 557 -3.85 -17.40 -12.45
CA LEU B 557 -2.98 -18.27 -11.67
C LEU B 557 -2.47 -19.36 -12.60
N GLU B 558 -3.24 -19.64 -13.65
CA GLU B 558 -2.86 -20.66 -14.61
C GLU B 558 -1.70 -20.15 -15.45
N LYS B 559 -1.34 -18.88 -15.24
CA LYS B 559 -0.23 -18.28 -15.98
C LYS B 559 0.83 -17.73 -15.02
N LEU B 560 0.93 -18.36 -13.85
CA LEU B 560 1.93 -17.98 -12.87
C LEU B 560 3.30 -18.41 -13.34
N ALA B 561 4.32 -17.63 -12.99
CA ALA B 561 5.70 -17.94 -13.35
C ALA B 561 6.56 -17.94 -12.09
N ALA B 562 7.64 -18.72 -12.11
CA ALA B 562 8.55 -18.79 -10.96
C ALA B 562 9.98 -18.97 -11.47
N ARG B 563 10.91 -18.25 -10.87
CA ARG B 563 12.30 -18.28 -11.30
C ARG B 563 13.23 -19.17 -10.49
N ASP B 564 12.78 -19.59 -9.31
CA ASP B 564 13.57 -20.49 -8.47
C ASP B 564 12.64 -21.21 -7.51
N LEU B 565 13.17 -22.20 -6.79
CA LEU B 565 12.36 -22.96 -5.85
C LEU B 565 11.66 -22.09 -4.82
N HIS B 566 12.37 -21.09 -4.30
CA HIS B 566 11.80 -20.19 -3.31
C HIS B 566 10.53 -19.55 -3.89
N GLU B 567 10.64 -19.02 -5.11
CA GLU B 567 9.51 -18.38 -5.76
C GLU B 567 8.44 -19.39 -6.21
N LEU B 568 8.82 -20.64 -6.40
CA LEU B 568 7.85 -21.66 -6.79
C LEU B 568 6.96 -21.89 -5.56
N MET B 569 7.57 -21.87 -4.38
CA MET B 569 6.81 -22.04 -3.14
C MET B 569 5.90 -20.83 -2.98
N ARG B 570 6.44 -19.65 -3.24
CA ARG B 570 5.67 -18.42 -3.15
C ARG B 570 4.48 -18.47 -4.10
N ALA B 571 4.67 -19.10 -5.26
CA ALA B 571 3.60 -19.22 -6.25
C ALA B 571 2.44 -20.02 -5.69
N TRP B 572 2.74 -21.16 -5.07
CA TRP B 572 1.69 -22.00 -4.50
C TRP B 572 1.10 -21.37 -3.24
N GLU B 573 1.91 -20.61 -2.52
CA GLU B 573 1.41 -19.94 -1.32
C GLU B 573 0.34 -18.94 -1.78
N LEU B 574 0.57 -18.33 -2.95
CA LEU B 574 -0.40 -17.39 -3.52
C LEU B 574 -1.65 -18.16 -3.92
N VAL B 575 -1.46 -19.25 -4.66
CA VAL B 575 -2.58 -20.08 -5.08
C VAL B 575 -3.43 -20.42 -3.86
N HIS B 576 -2.77 -20.81 -2.78
CA HIS B 576 -3.47 -21.16 -1.55
C HIS B 576 -4.27 -20.00 -0.98
N ARG B 577 -3.67 -18.80 -0.97
CA ARG B 577 -4.34 -17.60 -0.44
C ARG B 577 -5.55 -17.19 -1.29
N VAL B 578 -5.41 -17.27 -2.61
CA VAL B 578 -6.51 -16.89 -3.50
C VAL B 578 -7.78 -17.69 -3.23
N TRP B 579 -7.65 -19.01 -3.11
CA TRP B 579 -8.83 -19.84 -2.84
C TRP B 579 -9.35 -19.59 -1.43
N THR B 580 -8.44 -19.32 -0.51
CA THR B 580 -8.82 -19.03 0.87
C THR B 580 -9.66 -17.76 0.87
N ALA B 581 -9.19 -16.78 0.10
CA ALA B 581 -9.87 -15.48 -0.02
C ALA B 581 -11.26 -15.65 -0.64
N GLU B 582 -11.38 -16.46 -1.69
CA GLU B 582 -12.67 -16.68 -2.34
C GLU B 582 -13.65 -17.29 -1.33
N ALA B 583 -13.17 -18.28 -0.59
CA ALA B 583 -14.00 -18.92 0.42
C ALA B 583 -14.46 -17.87 1.42
N HIS B 584 -13.55 -17.02 1.87
CA HIS B 584 -13.89 -15.97 2.83
C HIS B 584 -14.95 -15.04 2.26
N VAL B 585 -14.78 -14.60 1.01
CA VAL B 585 -15.75 -13.70 0.41
C VAL B 585 -17.12 -14.36 0.27
N ARG B 586 -17.15 -15.61 -0.18
CA ARG B 586 -18.41 -16.31 -0.34
C ARG B 586 -19.14 -16.48 0.98
N HIS B 587 -18.39 -16.76 2.05
CA HIS B 587 -18.98 -16.93 3.36
C HIS B 587 -19.56 -15.60 3.86
N MET B 588 -18.81 -14.51 3.70
CA MET B 588 -19.31 -13.21 4.15
C MET B 588 -20.53 -12.81 3.34
N LEU B 589 -20.57 -13.24 2.09
CA LEU B 589 -21.69 -12.94 1.21
C LEU B 589 -22.94 -13.71 1.65
N PHE B 590 -22.75 -14.96 2.06
CA PHE B 590 -23.87 -15.80 2.47
C PHE B 590 -24.55 -15.35 3.77
N ARG B 591 -23.78 -14.97 4.78
CA ARG B 591 -24.34 -14.54 6.06
C ARG B 591 -24.91 -13.13 6.00
N LYS B 592 -26.24 -13.03 6.01
CA LYS B 592 -26.91 -11.74 5.92
C LYS B 592 -27.17 -11.07 7.26
N GLU B 593 -26.09 -10.68 7.93
CA GLU B 593 -26.14 -10.01 9.22
C GLU B 593 -24.74 -9.51 9.56
N THR B 594 -24.64 -8.73 10.64
CA THR B 594 -23.37 -8.21 11.11
C THR B 594 -23.31 -8.66 12.55
N ARG B 595 -22.76 -9.86 12.75
CA ARG B 595 -22.67 -10.44 14.09
C ARG B 595 -21.40 -10.02 14.83
N TRP B 596 -20.36 -9.68 14.08
CA TRP B 596 -19.11 -9.27 14.69
C TRP B 596 -18.67 -7.88 14.27
N PRO B 597 -19.47 -6.85 14.62
CA PRO B 597 -19.07 -5.50 14.26
C PRO B 597 -17.74 -5.32 14.99
N GLY B 598 -16.76 -4.74 14.32
CA GLY B 598 -15.45 -4.60 14.95
C GLY B 598 -14.50 -5.48 14.16
N TYR B 599 -15.05 -6.53 13.53
CA TYR B 599 -14.28 -7.43 12.69
C TYR B 599 -14.66 -7.11 11.25
N TYR B 600 -15.95 -6.91 11.02
CA TYR B 600 -16.43 -6.52 9.70
C TYR B 600 -17.88 -6.09 9.81
N TYR B 601 -18.28 -5.18 8.93
CA TYR B 601 -19.63 -4.67 8.90
C TYR B 601 -20.27 -4.89 7.54
N ARG B 602 -21.47 -5.44 7.51
CA ARG B 602 -22.20 -5.55 6.25
C ARG B 602 -23.16 -4.38 6.35
N THR B 603 -22.86 -3.31 5.61
CA THR B 603 -23.68 -2.11 5.64
C THR B 603 -25.08 -2.35 5.12
N ASP B 604 -25.28 -3.44 4.37
CA ASP B 604 -26.61 -3.76 3.85
C ASP B 604 -27.41 -4.63 4.83
N TYR B 605 -26.73 -5.13 5.85
CA TYR B 605 -27.34 -5.96 6.91
C TYR B 605 -26.52 -5.65 8.15
N PRO B 606 -26.64 -4.41 8.65
CA PRO B 606 -25.93 -3.88 9.81
C PRO B 606 -26.24 -4.44 11.20
N GLU B 607 -27.32 -5.20 11.34
CA GLU B 607 -27.69 -5.74 12.64
C GLU B 607 -27.33 -7.20 12.86
N LEU B 608 -27.23 -7.59 14.13
CA LEU B 608 -26.96 -8.97 14.49
C LEU B 608 -28.35 -9.63 14.49
N ASN B 609 -28.47 -10.78 13.85
CA ASN B 609 -29.76 -11.45 13.74
C ASN B 609 -29.78 -12.81 14.42
N ASP B 610 -30.23 -12.86 15.68
CA ASP B 610 -30.29 -14.13 16.39
C ASP B 610 -31.56 -14.91 16.08
N GLU B 611 -32.43 -14.33 15.26
CA GLU B 611 -33.67 -15.00 14.90
C GLU B 611 -33.46 -15.99 13.76
N GLU B 612 -32.65 -15.62 12.79
CA GLU B 612 -32.39 -16.51 11.65
C GLU B 612 -30.92 -16.82 11.38
N TRP B 613 -30.01 -16.15 12.09
CA TRP B 613 -28.59 -16.40 11.84
C TRP B 613 -27.74 -16.90 13.00
N LYS B 614 -28.38 -17.41 14.05
CA LYS B 614 -27.63 -17.96 15.18
C LYS B 614 -27.34 -19.38 14.74
N CYS B 615 -26.52 -19.50 13.71
CA CYS B 615 -26.15 -20.79 13.14
C CYS B 615 -24.74 -20.73 12.59
N PHE B 616 -24.12 -21.90 12.45
CA PHE B 616 -22.80 -21.96 11.86
C PHE B 616 -23.04 -21.99 10.36
N VAL B 617 -22.21 -21.31 9.60
CA VAL B 617 -22.34 -21.33 8.15
C VAL B 617 -21.28 -22.31 7.67
N CYS B 618 -21.71 -23.36 6.99
CA CYS B 618 -20.79 -24.37 6.50
C CYS B 618 -20.92 -24.46 4.99
N SER B 619 -19.79 -24.60 4.32
CA SER B 619 -19.78 -24.69 2.87
C SER B 619 -18.95 -25.85 2.37
N LYS B 620 -19.21 -26.24 1.14
CA LYS B 620 -18.46 -27.31 0.51
C LYS B 620 -18.17 -26.91 -0.91
N TYR B 621 -16.93 -27.12 -1.33
CA TYR B 621 -16.56 -26.84 -2.69
C TYR B 621 -16.40 -28.18 -3.39
N ASP B 622 -17.09 -28.34 -4.51
CA ASP B 622 -17.02 -29.57 -5.28
C ASP B 622 -16.14 -29.27 -6.49
N ALA B 623 -14.91 -29.75 -6.46
CA ALA B 623 -13.96 -29.52 -7.53
C ALA B 623 -14.43 -30.06 -8.87
N GLU B 624 -15.09 -31.21 -8.85
CA GLU B 624 -15.58 -31.82 -10.07
C GLU B 624 -16.62 -30.94 -10.77
N LYS B 625 -17.54 -30.38 -9.99
CA LYS B 625 -18.58 -29.52 -10.55
C LYS B 625 -18.20 -28.04 -10.48
N ASP B 626 -17.16 -27.75 -9.69
CA ASP B 626 -16.71 -26.37 -9.50
C ASP B 626 -17.88 -25.57 -8.96
N GLU B 627 -18.56 -26.11 -7.96
CA GLU B 627 -19.70 -25.46 -7.35
C GLU B 627 -19.56 -25.39 -5.84
N TRP B 628 -20.03 -24.28 -5.26
CA TRP B 628 -19.99 -24.10 -3.82
C TRP B 628 -21.41 -24.25 -3.31
N THR B 629 -21.58 -24.94 -2.19
CA THR B 629 -22.90 -25.13 -1.61
C THR B 629 -22.80 -24.74 -0.13
N PHE B 630 -23.80 -23.99 0.33
CA PHE B 630 -23.83 -23.54 1.71
C PHE B 630 -25.02 -24.08 2.46
N GLU B 631 -24.87 -24.18 3.78
CA GLU B 631 -25.95 -24.62 4.63
C GLU B 631 -25.76 -24.08 6.03
N LYS B 632 -26.88 -23.90 6.71
CA LYS B 632 -26.90 -23.36 8.06
C LYS B 632 -27.08 -24.49 9.06
N VAL B 633 -26.25 -24.48 10.09
CA VAL B 633 -26.32 -25.48 11.15
C VAL B 633 -26.61 -24.69 12.42
N PRO B 634 -27.86 -24.74 12.90
CA PRO B 634 -28.22 -24.00 14.11
C PRO B 634 -27.32 -24.29 15.30
N TYR B 635 -26.98 -23.24 16.04
CA TYR B 635 -26.16 -23.39 17.23
C TYR B 635 -27.04 -24.00 18.30
N VAL B 636 -26.46 -24.87 19.11
CA VAL B 636 -27.15 -25.52 20.21
C VAL B 636 -26.20 -25.37 21.38
N GLN B 637 -26.72 -25.03 22.55
CA GLN B 637 -25.87 -24.91 23.72
C GLN B 637 -25.62 -26.32 24.23
N VAL B 638 -24.37 -26.72 24.31
CA VAL B 638 -24.00 -28.06 24.75
C VAL B 638 -23.65 -28.12 26.23
N ILE B 639 -22.98 -27.09 26.73
CA ILE B 639 -22.55 -27.06 28.11
C ILE B 639 -23.44 -26.18 28.97
N GLU B 640 -23.60 -26.58 30.23
CA GLU B 640 -24.42 -25.84 31.16
C GLU B 640 -23.76 -24.55 31.65
N TRP B 641 -24.43 -23.43 31.37
CA TRP B 641 -23.99 -22.11 31.78
C TRP B 641 -25.09 -21.12 31.42
N SER B 642 -25.14 -20.02 32.15
CA SER B 642 -26.13 -18.98 31.88
C SER B 642 -25.43 -17.65 31.94
N PHE B 643 -26.05 -16.62 31.39
CA PHE B 643 -25.45 -15.30 31.39
C PHE B 643 -25.49 -14.69 32.80
N PRO C 2 2.95 -1.15 -17.04
CA PRO C 2 4.25 -0.55 -17.36
C PRO C 2 4.77 -1.01 -18.72
N SER C 3 5.70 -0.25 -19.29
CA SER C 3 6.26 -0.59 -20.59
C SER C 3 7.30 -1.70 -20.49
N PHE C 4 7.51 -2.38 -21.60
CA PHE C 4 8.51 -3.43 -21.67
C PHE C 4 8.95 -3.54 -23.13
N VAL C 5 10.22 -3.87 -23.33
CA VAL C 5 10.77 -3.98 -24.67
C VAL C 5 10.75 -5.42 -25.17
N ASN C 6 10.40 -5.58 -26.44
CA ASN C 6 10.37 -6.88 -27.07
C ASN C 6 11.77 -7.18 -27.58
N PRO C 7 12.42 -8.23 -27.06
CA PRO C 7 13.77 -8.61 -27.48
C PRO C 7 13.88 -8.86 -28.99
N GLU C 8 13.01 -9.72 -29.51
CA GLU C 8 13.01 -10.07 -30.92
C GLU C 8 12.99 -8.87 -31.88
N LYS C 9 12.17 -7.87 -31.56
CA LYS C 9 12.07 -6.69 -32.40
C LYS C 9 13.09 -5.61 -32.05
N CYS C 10 13.52 -5.58 -30.79
CA CYS C 10 14.50 -4.59 -30.37
C CYS C 10 15.87 -4.85 -30.99
N ASP C 11 16.57 -3.76 -31.32
CA ASP C 11 17.89 -3.83 -31.90
C ASP C 11 18.77 -2.76 -31.26
N GLY C 12 18.45 -2.43 -30.01
CA GLY C 12 19.19 -1.43 -29.27
C GLY C 12 19.46 -0.17 -30.08
N CYS C 13 18.56 0.13 -31.02
CA CYS C 13 18.70 1.30 -31.87
C CYS C 13 19.93 1.15 -32.78
N LYS C 14 19.75 0.43 -33.89
CA LYS C 14 20.81 0.17 -34.86
C LYS C 14 21.96 1.16 -34.89
N ALA C 15 22.02 1.97 -35.95
CA ALA C 15 23.09 2.95 -36.09
C ALA C 15 22.64 4.40 -35.96
N LEU C 16 21.37 4.61 -35.60
CA LEU C 16 20.86 5.96 -35.43
C LEU C 16 21.70 6.74 -34.42
N GLU C 17 21.42 8.03 -34.29
CA GLU C 17 22.17 8.89 -33.38
C GLU C 17 21.73 8.86 -31.92
N ARG C 18 20.48 8.47 -31.67
CA ARG C 18 19.99 8.43 -30.30
C ARG C 18 18.97 7.33 -30.03
N THR C 19 18.94 6.86 -28.79
CA THR C 19 18.02 5.82 -28.37
C THR C 19 16.66 6.47 -28.10
N ALA C 20 15.73 6.31 -29.04
CA ALA C 20 14.40 6.88 -28.93
C ALA C 20 13.76 6.74 -27.56
N CYS C 21 13.56 5.49 -27.12
CA CYS C 21 12.95 5.22 -25.82
C CYS C 21 13.65 5.93 -24.66
N GLU C 22 14.96 5.78 -24.59
CA GLU C 22 15.75 6.41 -23.53
C GLU C 22 15.73 7.93 -23.59
N TYR C 23 15.48 8.46 -24.79
CA TYR C 23 15.46 9.90 -24.99
C TYR C 23 14.12 10.55 -24.63
N ILE C 24 13.03 9.84 -24.89
CA ILE C 24 11.70 10.39 -24.65
C ILE C 24 11.05 10.26 -23.28
N CYS C 25 11.34 9.17 -22.55
CA CYS C 25 10.72 8.95 -21.24
C CYS C 25 10.79 10.13 -20.27
N PRO C 26 9.63 10.69 -19.90
CA PRO C 26 9.51 11.82 -18.97
C PRO C 26 9.92 11.51 -17.55
N ASN C 27 10.15 10.23 -17.24
CA ASN C 27 10.53 9.85 -15.89
C ASN C 27 11.87 9.10 -15.87
N ASP C 28 12.62 9.20 -16.96
CA ASP C 28 13.94 8.58 -17.09
C ASP C 28 13.94 7.08 -16.80
N LEU C 29 12.97 6.35 -17.33
CA LEU C 29 12.86 4.92 -17.08
C LEU C 29 13.51 4.00 -18.12
N MET C 30 13.45 4.39 -19.39
CA MET C 30 14.03 3.57 -20.46
C MET C 30 15.54 3.74 -20.57
N THR C 31 16.27 2.63 -20.59
CA THR C 31 17.73 2.67 -20.68
C THR C 31 18.27 1.44 -21.41
N LEU C 32 19.57 1.44 -21.70
CA LEU C 32 20.19 0.33 -22.42
C LEU C 32 21.13 -0.54 -21.59
N ASP C 33 21.09 -1.84 -21.88
CA ASP C 33 21.93 -2.82 -21.23
C ASP C 33 23.03 -3.12 -22.24
N LYS C 34 24.12 -2.36 -22.16
CA LYS C 34 25.24 -2.49 -23.08
C LYS C 34 25.60 -3.93 -23.46
N GLU C 35 25.36 -4.87 -22.56
CA GLU C 35 25.67 -6.27 -22.85
C GLU C 35 24.77 -6.86 -23.94
N LYS C 36 23.46 -6.90 -23.67
CA LYS C 36 22.51 -7.44 -24.63
C LYS C 36 22.28 -6.47 -25.78
N MET C 37 22.60 -5.20 -25.56
CA MET C 37 22.39 -4.15 -26.55
C MET C 37 20.90 -4.02 -26.78
N LYS C 38 20.14 -4.19 -25.71
CA LYS C 38 18.69 -4.08 -25.76
C LYS C 38 18.23 -3.21 -24.60
N ALA C 39 17.19 -2.42 -24.84
CA ALA C 39 16.65 -1.52 -23.84
C ALA C 39 15.70 -2.22 -22.89
N TYR C 40 15.38 -1.54 -21.79
CA TYR C 40 14.47 -2.07 -20.78
C TYR C 40 14.03 -0.94 -19.84
N ASN C 41 12.91 -1.15 -19.18
CA ASN C 41 12.38 -0.18 -18.22
C ASN C 41 13.10 -0.51 -16.91
N ARG C 42 13.91 0.44 -16.42
CA ARG C 42 14.69 0.25 -15.20
C ARG C 42 13.94 0.37 -13.89
N GLU C 43 12.73 0.92 -13.91
CA GLU C 43 11.95 1.10 -12.70
C GLU C 43 10.47 1.17 -13.08
N PRO C 44 9.86 0.01 -13.38
CA PRO C 44 8.46 -0.09 -13.79
C PRO C 44 7.39 0.47 -12.85
N ASP C 45 7.64 0.50 -11.55
CA ASP C 45 6.61 1.02 -10.65
C ASP C 45 6.60 2.55 -10.63
N MET C 46 7.40 3.14 -11.51
CA MET C 46 7.46 4.58 -11.65
C MET C 46 7.01 4.95 -13.06
N CYS C 47 6.47 3.96 -13.78
CA CYS C 47 5.97 4.17 -15.14
C CYS C 47 4.53 4.68 -15.08
N TRP C 48 4.27 5.75 -15.84
CA TRP C 48 2.95 6.37 -15.87
C TRP C 48 2.08 5.79 -16.99
N GLU C 49 2.67 4.90 -17.78
CA GLU C 49 1.98 4.28 -18.94
C GLU C 49 1.49 5.39 -19.86
N CYS C 50 2.38 6.33 -20.19
CA CYS C 50 2.03 7.44 -21.06
C CYS C 50 2.22 7.08 -22.53
N TYR C 51 2.86 5.93 -22.76
CA TYR C 51 3.10 5.41 -24.11
C TYR C 51 4.03 6.25 -24.99
N SER C 52 4.78 7.17 -24.39
CA SER C 52 5.70 8.00 -25.16
C SER C 52 6.76 7.13 -25.83
N CYS C 53 7.36 6.23 -25.05
CA CYS C 53 8.38 5.34 -25.56
C CYS C 53 7.83 4.46 -26.68
N VAL C 54 6.66 3.89 -26.45
CA VAL C 54 6.02 3.01 -27.43
C VAL C 54 5.82 3.70 -28.78
N LYS C 55 5.35 4.94 -28.73
CA LYS C 55 5.08 5.72 -29.93
C LYS C 55 6.34 6.13 -30.69
N MET C 56 7.40 6.43 -29.96
CA MET C 56 8.64 6.90 -30.58
C MET C 56 9.65 5.83 -30.98
N CYS C 57 9.29 4.55 -30.87
CA CYS C 57 10.21 3.49 -31.23
C CYS C 57 9.79 2.70 -32.47
N PRO C 58 10.77 2.06 -33.12
CA PRO C 58 10.66 1.23 -34.34
C PRO C 58 9.48 0.25 -34.45
N GLN C 59 8.29 0.71 -34.10
CA GLN C 59 7.06 -0.08 -34.17
C GLN C 59 7.14 -1.53 -33.69
N GLY C 60 6.49 -1.79 -32.56
CA GLY C 60 6.46 -3.13 -32.01
C GLY C 60 7.61 -3.45 -31.07
N ALA C 61 8.60 -2.57 -31.03
CA ALA C 61 9.76 -2.77 -30.17
C ALA C 61 9.40 -2.60 -28.70
N ILE C 62 8.36 -1.81 -28.45
CA ILE C 62 7.92 -1.56 -27.08
C ILE C 62 6.39 -1.63 -26.97
N ASP C 63 5.92 -2.27 -25.90
CA ASP C 63 4.49 -2.41 -25.66
C ASP C 63 4.26 -2.10 -24.18
N VAL C 64 3.00 -2.12 -23.77
CA VAL C 64 2.68 -1.86 -22.37
C VAL C 64 1.82 -3.01 -21.83
N ARG C 65 2.15 -3.43 -20.62
CA ARG C 65 1.43 -4.52 -19.96
C ARG C 65 0.86 -3.88 -18.69
N GLY C 66 -0.47 -3.73 -18.65
CA GLY C 66 -1.12 -3.10 -17.51
C GLY C 66 -0.57 -3.46 -16.14
N TYR C 67 -0.52 -2.47 -15.25
CA TYR C 67 -0.03 -2.69 -13.89
C TYR C 67 -0.68 -3.93 -13.30
N VAL C 68 0.12 -4.80 -12.71
CA VAL C 68 -0.39 -6.06 -12.15
C VAL C 68 -1.38 -5.88 -11.00
N ASP C 69 -1.29 -4.76 -10.29
CA ASP C 69 -2.18 -4.50 -9.16
C ASP C 69 -3.65 -4.67 -9.51
N TYR C 70 -4.04 -4.22 -10.70
CA TYR C 70 -5.45 -4.30 -11.09
C TYR C 70 -5.72 -4.82 -12.49
N SER C 71 -4.68 -5.20 -13.22
CA SER C 71 -4.87 -5.65 -14.59
C SER C 71 -4.83 -7.13 -14.88
N PRO C 72 -5.97 -7.73 -15.26
CA PRO C 72 -5.92 -9.16 -15.58
C PRO C 72 -5.06 -9.21 -16.83
N LEU C 73 -4.47 -10.36 -17.14
CA LEU C 73 -3.63 -10.47 -18.33
C LEU C 73 -4.46 -10.45 -19.62
N GLY C 74 -3.84 -10.11 -20.74
CA GLY C 74 -4.56 -10.14 -22.00
C GLY C 74 -4.91 -8.86 -22.73
N GLY C 75 -4.93 -7.73 -22.02
CA GLY C 75 -5.27 -6.48 -22.68
C GLY C 75 -4.09 -5.77 -23.31
N ALA C 76 -4.37 -4.98 -24.35
CA ALA C 76 -3.31 -4.24 -25.03
C ALA C 76 -3.85 -3.12 -25.90
N CYS C 77 -3.13 -2.01 -25.88
CA CYS C 77 -3.46 -0.84 -26.69
C CYS C 77 -2.21 -0.60 -27.51
N VAL C 78 -2.35 -0.65 -28.83
CA VAL C 78 -1.21 -0.47 -29.70
C VAL C 78 -1.36 0.76 -30.59
N PRO C 79 -0.44 1.72 -30.47
CA PRO C 79 -0.51 2.93 -31.29
C PRO C 79 0.36 2.88 -32.54
N MET C 80 -0.10 3.57 -33.58
CA MET C 80 0.62 3.70 -34.84
C MET C 80 0.51 5.18 -35.11
N ARG C 81 1.55 5.91 -34.72
CA ARG C 81 1.56 7.36 -34.87
C ARG C 81 2.18 7.84 -36.17
N GLY C 82 1.37 8.52 -36.98
CA GLY C 82 1.84 9.04 -38.24
C GLY C 82 2.26 10.49 -38.11
N THR C 83 1.95 11.29 -39.12
CA THR C 83 2.30 12.71 -39.09
C THR C 83 1.09 13.61 -38.89
N SER C 84 -0.07 13.19 -39.40
CA SER C 84 -1.27 13.99 -39.27
C SER C 84 -2.31 13.31 -38.38
N ASP C 85 -2.14 12.02 -38.16
CA ASP C 85 -3.07 11.27 -37.31
C ASP C 85 -2.40 10.09 -36.63
N ILE C 86 -3.12 9.47 -35.72
CA ILE C 86 -2.60 8.32 -35.00
C ILE C 86 -3.64 7.22 -35.05
N MET C 87 -3.17 5.99 -35.23
CA MET C 87 -4.06 4.84 -35.29
C MET C 87 -3.90 4.04 -34.00
N TRP C 88 -5.02 3.55 -33.48
CA TRP C 88 -4.99 2.75 -32.27
C TRP C 88 -5.73 1.44 -32.44
N THR C 89 -5.18 0.38 -31.84
CA THR C 89 -5.81 -0.92 -31.85
C THR C 89 -5.91 -1.30 -30.38
N VAL C 90 -7.14 -1.60 -29.94
CA VAL C 90 -7.38 -1.98 -28.56
C VAL C 90 -7.86 -3.42 -28.52
N LYS C 91 -7.04 -4.30 -27.95
CA LYS C 91 -7.41 -5.71 -27.86
C LYS C 91 -7.79 -6.10 -26.45
N TYR C 92 -9.01 -6.61 -26.32
CA TYR C 92 -9.53 -7.05 -25.02
C TYR C 92 -9.00 -8.43 -24.65
N ARG C 93 -9.09 -8.75 -23.37
CA ARG C 93 -8.66 -10.03 -22.84
C ARG C 93 -9.49 -11.11 -23.53
N ASN C 94 -10.75 -10.81 -23.82
CA ASN C 94 -11.64 -11.79 -24.44
C ASN C 94 -11.53 -11.92 -25.96
N GLY C 95 -10.56 -11.23 -26.57
CA GLY C 95 -10.38 -11.33 -28.01
C GLY C 95 -10.95 -10.19 -28.83
N LYS C 96 -11.87 -9.45 -28.24
CA LYS C 96 -12.49 -8.30 -28.91
C LYS C 96 -11.38 -7.38 -29.41
N VAL C 97 -11.57 -6.81 -30.60
CA VAL C 97 -10.57 -5.92 -31.19
C VAL C 97 -11.22 -4.64 -31.73
N LEU C 98 -10.79 -3.50 -31.20
CA LEU C 98 -11.31 -2.21 -31.63
C LEU C 98 -10.22 -1.45 -32.37
N ARG C 99 -10.61 -0.68 -33.37
CA ARG C 99 -9.65 0.10 -34.14
C ARG C 99 -10.12 1.54 -34.25
N PHE C 100 -9.23 2.47 -33.94
CA PHE C 100 -9.57 3.89 -34.02
C PHE C 100 -8.48 4.65 -34.74
N LYS C 101 -8.82 5.85 -35.20
CA LYS C 101 -7.85 6.71 -35.87
C LYS C 101 -8.26 8.14 -35.56
N PHE C 102 -7.35 8.91 -34.98
CA PHE C 102 -7.62 10.30 -34.62
C PHE C 102 -6.56 11.23 -35.22
N ALA C 103 -6.97 12.46 -35.52
CA ALA C 103 -6.03 13.45 -36.05
C ALA C 103 -5.14 13.88 -34.89
N ILE C 104 -3.92 14.33 -35.18
CA ILE C 104 -3.01 14.77 -34.13
C ILE C 104 -2.39 16.13 -34.48
N ARG C 105 -2.41 16.48 -35.77
CA ARG C 105 -1.87 17.77 -36.20
C ARG C 105 -2.37 18.17 -37.57
N THR C 106 -2.73 19.44 -37.71
CA THR C 106 -3.26 19.99 -38.96
C THR C 106 -2.21 20.72 -39.80
N THR C 107 -0.98 20.78 -39.32
CA THR C 107 0.10 21.45 -40.04
C THR C 107 1.32 20.55 -40.08
N PRO C 108 2.26 20.83 -41.00
CA PRO C 108 3.48 20.02 -41.11
C PRO C 108 4.36 20.14 -39.87
N TRP C 109 5.01 19.05 -39.49
CA TRP C 109 5.88 19.09 -38.32
C TRP C 109 7.06 20.00 -38.60
N GLY C 110 7.49 20.73 -37.56
CA GLY C 110 8.60 21.65 -37.70
C GLY C 110 8.28 22.89 -38.50
N SER C 111 6.98 23.16 -38.71
CA SER C 111 6.56 24.31 -39.49
C SER C 111 6.15 25.54 -38.70
N ILE C 112 6.29 25.50 -37.38
CA ILE C 112 5.90 26.64 -36.56
C ILE C 112 6.77 27.88 -36.69
N GLN C 113 6.11 29.01 -36.91
CA GLN C 113 6.78 30.31 -37.00
C GLN C 113 6.17 31.02 -35.79
N PRO C 114 6.87 30.93 -34.64
CA PRO C 114 6.47 31.52 -33.35
C PRO C 114 5.80 32.88 -33.33
N PHE C 115 6.39 33.86 -34.00
CA PHE C 115 5.81 35.20 -34.00
C PHE C 115 5.37 35.68 -35.38
N GLU C 116 4.88 34.74 -36.18
CA GLU C 116 4.42 35.04 -37.54
C GLU C 116 3.40 36.18 -37.55
N GLY C 117 3.72 37.25 -38.28
CA GLY C 117 2.80 38.37 -38.38
C GLY C 117 2.81 39.35 -37.21
N PHE C 118 3.54 39.04 -36.15
CA PHE C 118 3.60 39.93 -34.98
C PHE C 118 4.49 41.14 -35.25
N PRO C 119 4.14 42.30 -34.70
CA PRO C 119 4.98 43.47 -34.90
C PRO C 119 6.19 43.30 -33.98
N GLU C 120 7.24 44.06 -34.19
CA GLU C 120 8.42 43.96 -33.34
C GLU C 120 8.09 44.49 -31.95
N PRO C 121 8.74 43.96 -30.90
CA PRO C 121 8.44 44.47 -29.56
C PRO C 121 9.06 45.86 -29.42
N THR C 122 8.48 46.67 -28.53
CA THR C 122 9.01 48.01 -28.28
C THR C 122 9.08 48.24 -26.78
N GLU C 123 10.06 49.02 -26.35
CA GLU C 123 10.23 49.31 -24.93
C GLU C 123 8.92 49.84 -24.36
N GLU C 124 8.18 50.58 -25.17
CA GLU C 124 6.91 51.14 -24.74
C GLU C 124 5.89 50.03 -24.46
N ALA C 125 5.75 49.12 -25.42
CA ALA C 125 4.81 48.02 -25.28
C ALA C 125 5.17 47.12 -24.09
N LEU C 126 6.45 47.10 -23.73
CA LEU C 126 6.92 46.29 -22.62
C LEU C 126 6.28 46.68 -21.30
N LYS C 127 5.77 47.90 -21.23
CA LYS C 127 5.15 48.40 -20.01
C LYS C 127 3.64 48.20 -19.90
N SER C 128 3.03 47.65 -20.94
CA SER C 128 1.58 47.41 -20.92
C SER C 128 1.29 45.96 -20.52
N GLU C 129 0.01 45.62 -20.46
CA GLU C 129 -0.40 44.26 -20.09
C GLU C 129 -0.39 43.32 -21.29
N LEU C 130 -0.23 43.87 -22.49
CA LEU C 130 -0.26 43.08 -23.72
C LEU C 130 0.87 42.08 -23.92
N LEU C 131 0.50 40.87 -24.30
CA LEU C 131 1.47 39.81 -24.58
C LEU C 131 1.72 39.84 -26.08
N ALA C 132 2.68 39.04 -26.53
CA ALA C 132 3.00 38.99 -27.96
C ALA C 132 1.76 38.64 -28.79
N GLY C 133 1.51 39.44 -29.81
CA GLY C 133 0.38 39.19 -30.69
C GLY C 133 -0.94 39.79 -30.24
N GLU C 134 -1.01 40.31 -29.03
CA GLU C 134 -2.25 40.89 -28.52
C GLU C 134 -2.41 42.35 -28.90
N PRO C 135 -3.65 42.84 -28.95
CA PRO C 135 -4.87 42.07 -28.65
C PRO C 135 -5.43 41.29 -29.85
N GLU C 136 -4.79 41.42 -31.00
CA GLU C 136 -5.23 40.74 -32.22
C GLU C 136 -5.54 39.25 -32.07
N ILE C 137 -4.57 38.49 -31.58
CA ILE C 137 -4.75 37.04 -31.43
C ILE C 137 -5.91 36.63 -30.53
N ILE C 138 -6.32 37.52 -29.63
CA ILE C 138 -7.42 37.19 -28.73
C ILE C 138 -8.73 37.16 -29.51
N GLY C 139 -8.73 37.80 -30.67
CA GLY C 139 -9.91 37.81 -31.52
C GLY C 139 -10.93 38.90 -31.23
N THR C 140 -10.71 39.66 -30.16
CA THR C 140 -11.62 40.72 -29.78
C THR C 140 -11.31 42.06 -30.45
N SER C 141 -12.26 42.97 -30.43
CA SER C 141 -12.09 44.29 -31.04
C SER C 141 -11.07 45.14 -30.30
N GLU C 142 -10.72 44.72 -29.09
CA GLU C 142 -9.76 45.44 -28.26
C GLU C 142 -9.32 44.53 -27.12
N PHE C 143 -8.35 44.96 -26.32
CA PHE C 143 -7.88 44.15 -25.21
C PHE C 143 -9.06 43.94 -24.27
N PRO C 144 -9.35 42.68 -23.91
CA PRO C 144 -10.47 42.37 -23.01
C PRO C 144 -10.46 43.17 -21.72
N GLN C 145 -11.59 43.79 -21.41
CA GLN C 145 -11.75 44.58 -20.19
C GLN C 145 -12.56 43.74 -19.20
N VAL C 146 -12.25 43.92 -17.91
CA VAL C 146 -12.95 43.19 -16.85
C VAL C 146 -13.45 44.22 -15.84
N LYS C 147 -14.72 44.10 -15.44
CA LYS C 147 -15.28 45.04 -14.47
C LYS C 147 -14.71 44.81 -13.08
N LYS C 148 -14.11 45.85 -12.50
CA LYS C 148 -13.56 45.76 -11.17
C LYS C 148 -14.68 45.90 -10.15
N LYS C 149 -14.51 45.29 -8.99
CA LYS C 149 -15.49 45.34 -7.92
C LYS C 149 -15.67 46.78 -7.44
N ALA C 150 -16.92 47.26 -7.49
CA ALA C 150 -17.24 48.61 -7.06
C ALA C 150 -16.91 48.80 -5.58
N PRO D 2 14.01 -5.48 8.61
CA PRO D 2 14.39 -6.83 8.14
C PRO D 2 15.81 -7.17 8.54
N SER D 3 16.18 -8.44 8.40
CA SER D 3 17.51 -8.90 8.76
C SER D 3 18.51 -8.63 7.65
N PHE D 4 19.78 -8.52 8.03
CA PHE D 4 20.86 -8.30 7.08
C PHE D 4 22.15 -8.89 7.66
N VAL D 5 23.01 -9.38 6.77
CA VAL D 5 24.25 -10.00 7.20
C VAL D 5 25.45 -9.07 7.10
N ASN D 6 26.28 -9.10 8.14
CA ASN D 6 27.49 -8.30 8.21
C ASN D 6 28.61 -9.08 7.52
N PRO D 7 29.11 -8.58 6.38
CA PRO D 7 30.18 -9.23 5.60
C PRO D 7 31.41 -9.64 6.43
N GLU D 8 31.79 -8.79 7.38
CA GLU D 8 32.95 -9.05 8.22
C GLU D 8 32.81 -10.28 9.12
N LYS D 9 31.66 -10.41 9.76
CA LYS D 9 31.39 -11.53 10.68
C LYS D 9 31.02 -12.85 10.01
N CYS D 10 30.29 -12.78 8.90
CA CYS D 10 29.85 -13.98 8.18
C CYS D 10 31.00 -14.80 7.60
N ASP D 11 30.86 -16.12 7.64
CA ASP D 11 31.87 -17.04 7.11
C ASP D 11 31.19 -18.19 6.36
N GLY D 12 29.91 -18.01 6.06
CA GLY D 12 29.16 -19.03 5.35
C GLY D 12 29.06 -20.37 6.05
N CYS D 13 29.22 -20.37 7.38
CA CYS D 13 29.17 -21.60 8.17
C CYS D 13 29.99 -22.70 7.53
N LYS D 14 31.15 -22.34 7.01
CA LYS D 14 32.02 -23.30 6.36
C LYS D 14 32.65 -24.30 7.33
N ALA D 15 32.62 -23.98 8.62
CA ALA D 15 33.19 -24.88 9.62
C ALA D 15 32.10 -25.68 10.33
N LEU D 16 30.87 -25.60 9.81
CA LEU D 16 29.74 -26.32 10.37
C LEU D 16 29.13 -27.27 9.36
N GLU D 17 28.34 -28.22 9.84
CA GLU D 17 27.70 -29.21 8.98
C GLU D 17 26.52 -28.61 8.20
N ARG D 18 26.02 -27.47 8.67
CA ARG D 18 24.90 -26.80 8.01
C ARG D 18 24.96 -25.29 8.23
N THR D 19 24.26 -24.54 7.37
CA THR D 19 24.21 -23.08 7.46
C THR D 19 23.07 -22.67 8.37
N ALA D 20 23.41 -22.12 9.54
CA ALA D 20 22.43 -21.71 10.54
C ALA D 20 21.25 -20.88 10.02
N CYS D 21 21.52 -19.68 9.53
CA CYS D 21 20.46 -18.81 9.02
C CYS D 21 19.59 -19.46 7.95
N GLU D 22 20.22 -20.06 6.95
CA GLU D 22 19.48 -20.72 5.87
C GLU D 22 18.61 -21.84 6.43
N TYR D 23 19.12 -22.49 7.48
CA TYR D 23 18.43 -23.60 8.12
C TYR D 23 17.23 -23.18 8.97
N ILE D 24 17.41 -22.13 9.76
CA ILE D 24 16.38 -21.67 10.68
C ILE D 24 15.22 -20.80 10.18
N CYS D 25 15.48 -19.89 9.24
CA CYS D 25 14.42 -18.99 8.76
C CYS D 25 13.09 -19.65 8.38
N PRO D 26 12.01 -19.32 9.11
CA PRO D 26 10.66 -19.86 8.90
C PRO D 26 10.01 -19.45 7.58
N ASN D 27 10.58 -18.45 6.92
CA ASN D 27 10.03 -17.99 5.64
C ASN D 27 10.99 -18.19 4.48
N ASP D 28 12.02 -19.02 4.70
CA ASP D 28 13.00 -19.34 3.67
C ASP D 28 13.64 -18.11 3.02
N LEU D 29 14.02 -17.13 3.84
CA LEU D 29 14.62 -15.91 3.30
C LEU D 29 16.15 -15.91 3.29
N MET D 30 16.75 -16.55 4.28
CA MET D 30 18.21 -16.58 4.37
C MET D 30 18.81 -17.63 3.46
N THR D 31 19.72 -17.20 2.58
CA THR D 31 20.39 -18.11 1.66
C THR D 31 21.85 -17.70 1.50
N LEU D 32 22.62 -18.53 0.81
CA LEU D 32 24.03 -18.25 0.60
C LEU D 32 24.37 -17.88 -0.83
N ASP D 33 25.21 -16.86 -0.97
CA ASP D 33 25.67 -16.42 -2.29
C ASP D 33 26.94 -17.22 -2.54
N LYS D 34 26.79 -18.39 -3.16
CA LYS D 34 27.91 -19.27 -3.45
C LYS D 34 29.19 -18.54 -3.83
N GLU D 35 29.03 -17.36 -4.44
CA GLU D 35 30.18 -16.55 -4.84
C GLU D 35 30.95 -16.07 -3.63
N LYS D 36 30.37 -15.13 -2.89
CA LYS D 36 31.01 -14.57 -1.71
C LYS D 36 31.08 -15.58 -0.57
N MET D 37 30.25 -16.60 -0.63
CA MET D 37 30.18 -17.62 0.42
C MET D 37 29.67 -16.91 1.67
N LYS D 38 28.86 -15.88 1.44
CA LYS D 38 28.25 -15.10 2.51
C LYS D 38 26.75 -15.04 2.31
N ALA D 39 26.01 -15.14 3.41
CA ALA D 39 24.56 -15.13 3.39
C ALA D 39 23.97 -13.75 3.10
N TYR D 40 22.67 -13.74 2.84
CA TYR D 40 21.93 -12.51 2.56
C TYR D 40 20.44 -12.83 2.62
N ASN D 41 19.63 -11.82 2.93
CA ASN D 41 18.18 -11.97 2.99
C ASN D 41 17.72 -11.77 1.55
N ARG D 42 17.20 -12.83 0.94
CA ARG D 42 16.76 -12.80 -0.46
C ARG D 42 15.45 -12.08 -0.75
N GLU D 43 14.64 -11.85 0.26
CA GLU D 43 13.34 -11.19 0.05
C GLU D 43 12.97 -10.51 1.37
N PRO D 44 13.65 -9.41 1.69
CA PRO D 44 13.41 -8.64 2.92
C PRO D 44 11.99 -8.17 3.22
N ASP D 45 11.17 -7.95 2.20
CA ASP D 45 9.80 -7.50 2.50
C ASP D 45 8.89 -8.65 2.90
N MET D 46 9.49 -9.81 3.12
CA MET D 46 8.76 -10.99 3.58
C MET D 46 9.35 -11.41 4.92
N CYS D 47 10.22 -10.57 5.45
CA CYS D 47 10.86 -10.83 6.75
C CYS D 47 9.93 -10.39 7.86
N TRP D 48 9.71 -11.29 8.82
CA TRP D 48 8.83 -11.04 9.96
C TRP D 48 9.58 -10.40 11.12
N GLU D 49 10.89 -10.26 10.95
CA GLU D 49 11.77 -9.72 12.00
C GLU D 49 11.56 -10.56 13.25
N CYS D 50 11.66 -11.87 13.08
CA CYS D 50 11.49 -12.79 14.20
C CYS D 50 12.82 -13.05 14.92
N TYR D 51 13.92 -12.60 14.32
CA TYR D 51 15.25 -12.76 14.91
C TYR D 51 15.78 -14.17 15.06
N SER D 52 15.14 -15.15 14.44
CA SER D 52 15.62 -16.53 14.53
C SER D 52 17.02 -16.64 13.96
N CYS D 53 17.24 -16.03 12.80
CA CYS D 53 18.54 -16.06 12.14
C CYS D 53 19.60 -15.39 13.01
N VAL D 54 19.28 -14.22 13.54
CA VAL D 54 20.20 -13.47 14.39
C VAL D 54 20.63 -14.28 15.62
N LYS D 55 19.67 -14.94 16.24
CA LYS D 55 19.93 -15.73 17.43
C LYS D 55 20.78 -16.98 17.20
N MET D 56 20.52 -17.68 16.09
CA MET D 56 21.25 -18.91 15.80
C MET D 56 22.51 -18.71 14.97
N CYS D 57 22.97 -17.47 14.88
CA CYS D 57 24.16 -17.18 14.10
C CYS D 57 25.31 -16.61 14.90
N PRO D 58 26.55 -16.80 14.40
CA PRO D 58 27.79 -16.33 15.02
C PRO D 58 27.75 -14.94 15.65
N GLN D 59 26.90 -14.83 16.66
CA GLN D 59 26.68 -13.66 17.49
C GLN D 59 26.64 -12.24 16.88
N GLY D 60 27.59 -11.91 16.00
CA GLY D 60 27.58 -10.58 15.42
C GLY D 60 27.44 -10.53 13.92
N ALA D 61 27.13 -11.66 13.30
CA ALA D 61 27.00 -11.70 11.85
C ALA D 61 25.69 -11.14 11.32
N ILE D 62 24.58 -11.44 11.99
CA ILE D 62 23.29 -10.96 11.54
C ILE D 62 22.65 -10.00 12.54
N ASP D 63 22.01 -8.95 12.00
CA ASP D 63 21.34 -7.94 12.82
C ASP D 63 20.06 -7.60 12.08
N VAL D 64 19.25 -6.73 12.67
CA VAL D 64 18.02 -6.31 12.02
C VAL D 64 17.96 -4.80 11.94
N ARG D 65 17.51 -4.31 10.79
CA ARG D 65 17.37 -2.88 10.54
C ARG D 65 15.85 -2.73 10.34
N GLY D 66 15.19 -2.07 11.28
CA GLY D 66 13.74 -1.91 11.19
C GLY D 66 13.21 -1.54 9.82
N TYR D 67 12.04 -2.08 9.48
CA TYR D 67 11.41 -1.80 8.19
C TYR D 67 11.42 -0.29 7.93
N VAL D 68 11.85 0.10 6.74
CA VAL D 68 11.94 1.52 6.38
C VAL D 68 10.62 2.27 6.40
N ASP D 69 9.51 1.54 6.21
CA ASP D 69 8.19 2.16 6.19
C ASP D 69 7.91 3.05 7.40
N TYR D 70 8.32 2.59 8.58
CA TYR D 70 8.04 3.33 9.82
C TYR D 70 9.21 3.49 10.78
N SER D 71 10.37 2.94 10.42
CA SER D 71 11.53 3.00 11.30
C SER D 71 12.57 4.06 11.01
N PRO D 72 12.73 5.03 11.92
CA PRO D 72 13.78 6.03 11.64
C PRO D 72 15.06 5.23 11.84
N LEU D 73 16.18 5.70 11.30
CA LEU D 73 17.43 4.98 11.45
C LEU D 73 17.99 5.10 12.87
N GLY D 74 18.87 4.19 13.25
CA GLY D 74 19.49 4.26 14.56
C GLY D 74 19.12 3.28 15.65
N GLY D 75 17.95 2.67 15.55
CA GLY D 75 17.54 1.73 16.58
C GLY D 75 18.04 0.32 16.37
N ALA D 76 18.20 -0.42 17.46
CA ALA D 76 18.65 -1.80 17.36
C ALA D 76 18.37 -2.61 18.61
N CYS D 77 18.10 -3.89 18.40
CA CYS D 77 17.85 -4.83 19.49
C CYS D 77 18.81 -5.98 19.23
N VAL D 78 19.74 -6.20 20.15
CA VAL D 78 20.73 -7.25 19.98
C VAL D 78 20.61 -8.32 21.06
N PRO D 79 20.39 -9.58 20.65
CA PRO D 79 20.27 -10.67 21.61
C PRO D 79 21.56 -11.48 21.73
N MET D 80 21.76 -12.07 22.90
CA MET D 80 22.90 -12.93 23.19
C MET D 80 22.19 -14.12 23.83
N ARG D 81 21.98 -15.17 23.05
CA ARG D 81 21.26 -16.34 23.54
C ARG D 81 22.13 -17.46 24.07
N GLY D 82 21.92 -17.79 25.34
CA GLY D 82 22.70 -18.85 25.98
C GLY D 82 21.92 -20.15 26.06
N THR D 83 22.16 -20.93 27.10
CA THR D 83 21.47 -22.21 27.26
C THR D 83 20.29 -22.11 28.22
N SER D 84 20.40 -21.28 29.25
CA SER D 84 19.32 -21.14 30.21
C SER D 84 18.68 -19.75 30.19
N ASP D 85 19.38 -18.78 29.62
CA ASP D 85 18.86 -17.42 29.54
C ASP D 85 19.22 -16.74 28.22
N ILE D 86 18.66 -15.56 28.01
CA ILE D 86 18.95 -14.78 26.82
C ILE D 86 19.19 -13.34 27.26
N MET D 87 20.23 -12.73 26.72
CA MET D 87 20.57 -11.35 27.06
C MET D 87 20.15 -10.45 25.92
N TRP D 88 19.56 -9.30 26.24
CA TRP D 88 19.15 -8.35 25.22
C TRP D 88 19.70 -6.97 25.53
N THR D 89 20.11 -6.27 24.47
CA THR D 89 20.57 -4.91 24.57
C THR D 89 19.69 -4.16 23.58
N VAL D 90 19.03 -3.10 24.05
CA VAL D 90 18.17 -2.31 23.19
C VAL D 90 18.81 -0.93 23.07
N LYS D 91 19.17 -0.56 21.84
CA LYS D 91 19.81 0.72 21.61
C LYS D 91 18.90 1.70 20.88
N TYR D 92 18.63 2.82 21.53
CA TYR D 92 17.77 3.86 20.97
C TYR D 92 18.49 4.74 19.98
N ARG D 93 17.71 5.37 19.12
CA ARG D 93 18.22 6.28 18.11
C ARG D 93 18.97 7.39 18.83
N ASN D 94 18.46 7.82 19.98
CA ASN D 94 19.10 8.90 20.74
C ASN D 94 20.32 8.47 21.56
N GLY D 95 20.72 7.20 21.43
CA GLY D 95 21.89 6.73 22.16
C GLY D 95 21.63 5.98 23.46
N LYS D 96 20.41 6.06 23.97
CA LYS D 96 20.08 5.37 25.21
C LYS D 96 20.32 3.88 25.01
N VAL D 97 20.82 3.21 26.05
CA VAL D 97 21.09 1.78 25.97
C VAL D 97 20.45 1.04 27.14
N LEU D 98 19.60 0.06 26.81
CA LEU D 98 18.93 -0.75 27.81
C LEU D 98 19.46 -2.18 27.75
N ARG D 99 19.55 -2.83 28.91
CA ARG D 99 20.02 -4.20 28.97
C ARG D 99 19.08 -5.05 29.79
N PHE D 100 18.72 -6.20 29.24
CA PHE D 100 17.82 -7.12 29.93
C PHE D 100 18.33 -8.55 29.83
N LYS D 101 17.87 -9.38 30.76
CA LYS D 101 18.24 -10.79 30.77
C LYS D 101 17.02 -11.59 31.23
N PHE D 102 16.62 -12.56 30.41
CA PHE D 102 15.46 -13.39 30.72
C PHE D 102 15.83 -14.87 30.62
N ALA D 103 15.18 -15.69 31.42
CA ALA D 103 15.40 -17.13 31.38
C ALA D 103 14.70 -17.65 30.13
N ILE D 104 15.18 -18.76 29.58
CA ILE D 104 14.55 -19.34 28.39
C ILE D 104 14.28 -20.83 28.57
N ARG D 105 14.98 -21.47 29.50
CA ARG D 105 14.76 -22.89 29.77
C ARG D 105 15.30 -23.30 31.14
N THR D 106 14.57 -24.18 31.82
CA THR D 106 14.96 -24.63 33.15
C THR D 106 15.54 -26.03 33.18
N THR D 107 15.67 -26.65 32.01
CA THR D 107 16.22 -27.99 31.90
C THR D 107 17.29 -28.02 30.82
N PRO D 108 18.18 -29.01 30.85
CA PRO D 108 19.24 -29.12 29.83
C PRO D 108 18.64 -29.36 28.45
N TRP D 109 19.21 -28.75 27.42
CA TRP D 109 18.71 -28.93 26.08
C TRP D 109 18.84 -30.38 25.62
N GLY D 110 17.79 -30.88 24.97
CA GLY D 110 17.78 -32.24 24.48
C GLY D 110 17.54 -33.28 25.55
N SER D 111 17.08 -32.85 26.72
CA SER D 111 16.84 -33.77 27.82
C SER D 111 15.41 -34.27 27.96
N ILE D 112 14.53 -33.86 27.06
CA ILE D 112 13.14 -34.29 27.16
C ILE D 112 12.91 -35.79 26.93
N GLN D 113 12.19 -36.39 27.86
CA GLN D 113 11.81 -37.79 27.79
C GLN D 113 10.30 -37.64 27.60
N PRO D 114 9.84 -37.61 26.34
CA PRO D 114 8.44 -37.46 25.94
C PRO D 114 7.35 -38.09 26.80
N PHE D 115 7.49 -39.39 27.12
CA PHE D 115 6.47 -40.05 27.91
C PHE D 115 6.96 -40.57 29.25
N GLU D 116 7.82 -39.79 29.91
CA GLU D 116 8.38 -40.17 31.20
C GLU D 116 7.29 -40.38 32.25
N GLY D 117 7.28 -41.56 32.84
CA GLY D 117 6.29 -41.88 33.87
C GLY D 117 4.95 -42.37 33.34
N PHE D 118 4.77 -42.28 32.02
CA PHE D 118 3.52 -42.72 31.41
C PHE D 118 3.41 -44.23 31.30
N PRO D 119 2.20 -44.78 31.48
CA PRO D 119 2.03 -46.22 31.37
C PRO D 119 1.95 -46.52 29.88
N GLU D 120 2.08 -47.79 29.49
CA GLU D 120 2.01 -48.13 28.08
C GLU D 120 0.58 -47.94 27.56
N PRO D 121 0.43 -47.66 26.26
CA PRO D 121 -0.91 -47.48 25.73
C PRO D 121 -1.58 -48.85 25.58
N THR D 122 -2.89 -48.91 25.73
CA THR D 122 -3.62 -50.17 25.59
C THR D 122 -4.83 -49.96 24.70
N GLU D 123 -5.23 -51.02 23.99
CA GLU D 123 -6.38 -50.95 23.10
C GLU D 123 -7.61 -50.43 23.84
N GLU D 124 -7.73 -50.78 25.11
CA GLU D 124 -8.87 -50.33 25.91
C GLU D 124 -8.79 -48.82 26.10
N ALA D 125 -7.59 -48.34 26.42
CA ALA D 125 -7.37 -46.92 26.64
C ALA D 125 -7.62 -46.11 25.36
N LEU D 126 -7.32 -46.71 24.21
CA LEU D 126 -7.51 -46.06 22.92
C LEU D 126 -8.95 -45.63 22.66
N LYS D 127 -9.91 -46.30 23.30
CA LYS D 127 -11.31 -45.98 23.10
C LYS D 127 -11.86 -44.90 24.02
N SER D 128 -11.04 -44.48 24.99
CA SER D 128 -11.47 -43.46 25.93
C SER D 128 -11.10 -42.07 25.43
N GLU D 129 -11.45 -41.06 26.23
CA GLU D 129 -11.16 -39.67 25.91
C GLU D 129 -9.78 -39.24 26.41
N LEU D 130 -9.16 -40.08 27.24
CA LEU D 130 -7.86 -39.75 27.82
C LEU D 130 -6.69 -39.69 26.84
N LEU D 131 -5.84 -38.69 27.02
CA LEU D 131 -4.66 -38.53 26.20
C LEU D 131 -3.49 -39.10 27.01
N ALA D 132 -2.32 -39.16 26.40
CA ALA D 132 -1.16 -39.69 27.10
C ALA D 132 -0.93 -38.97 28.43
N GLY D 133 -0.69 -39.73 29.49
CA GLY D 133 -0.43 -39.17 30.79
C GLY D 133 -1.65 -38.76 31.61
N GLU D 134 -2.83 -38.78 31.00
CA GLU D 134 -4.04 -38.38 31.71
C GLU D 134 -4.66 -39.50 32.54
N PRO D 135 -5.46 -39.14 33.56
CA PRO D 135 -5.76 -37.75 33.92
C PRO D 135 -4.76 -37.02 34.82
N GLU D 136 -3.81 -37.75 35.39
CA GLU D 136 -2.86 -37.13 36.30
C GLU D 136 -2.03 -35.94 35.82
N ILE D 137 -1.59 -35.94 34.57
CA ILE D 137 -0.81 -34.79 34.11
C ILE D 137 -1.64 -33.52 34.18
N ILE D 138 -2.96 -33.69 34.18
CA ILE D 138 -3.86 -32.54 34.26
C ILE D 138 -3.82 -31.97 35.67
N GLY D 139 -3.39 -32.80 36.62
CA GLY D 139 -3.31 -32.36 38.00
C GLY D 139 -4.43 -32.90 38.88
N THR D 140 -5.35 -33.65 38.28
CA THR D 140 -6.48 -34.24 38.99
C THR D 140 -6.41 -35.76 38.98
N SER D 141 -6.96 -36.40 40.00
CA SER D 141 -6.94 -37.86 40.06
C SER D 141 -7.94 -38.45 39.07
N GLU D 142 -9.00 -37.69 38.80
CA GLU D 142 -10.02 -38.14 37.86
C GLU D 142 -10.11 -37.20 36.66
N PHE D 143 -10.51 -37.76 35.52
CA PHE D 143 -10.64 -36.98 34.30
C PHE D 143 -11.62 -35.84 34.55
N PRO D 144 -11.23 -34.60 34.21
CA PRO D 144 -12.10 -33.44 34.41
C PRO D 144 -13.48 -33.62 33.78
N GLN D 145 -14.52 -33.34 34.56
CA GLN D 145 -15.90 -33.47 34.09
C GLN D 145 -16.43 -32.08 33.76
N VAL D 146 -17.35 -32.02 32.82
CA VAL D 146 -17.96 -30.74 32.44
C VAL D 146 -19.46 -30.99 32.31
N LYS D 147 -20.26 -30.16 32.98
CA LYS D 147 -21.70 -30.29 32.97
C LYS D 147 -22.34 -29.97 31.61
N LYS D 148 -23.05 -30.94 31.06
CA LYS D 148 -23.73 -30.75 29.79
C LYS D 148 -25.09 -30.13 30.11
N LYS D 149 -25.59 -29.28 29.21
CA LYS D 149 -26.87 -28.63 29.48
C LYS D 149 -28.03 -29.62 29.46
N ALA D 150 -28.92 -29.46 30.43
CA ALA D 150 -30.10 -30.31 30.56
C ALA D 150 -30.97 -30.20 29.32
#